data_5KZ9
# 
_entry.id   5KZ9 
# 
_audit_conform.dict_name       mmcif_pdbx.dic 
_audit_conform.dict_version    5.387 
_audit_conform.dict_location   http://mmcif.pdb.org/dictionaries/ascii/mmcif_pdbx.dic 
# 
loop_
_database_2.database_id 
_database_2.database_code 
_database_2.pdbx_database_accession 
_database_2.pdbx_DOI 
PDB   5KZ9         pdb_00005kz9 10.2210/pdb5kz9/pdb 
WWPDB D_1000222950 ?            ?                   
# 
loop_
_pdbx_audit_revision_history.ordinal 
_pdbx_audit_revision_history.data_content_type 
_pdbx_audit_revision_history.major_revision 
_pdbx_audit_revision_history.minor_revision 
_pdbx_audit_revision_history.revision_date 
1 'Structure model' 1 0 2017-07-26 
2 'Structure model' 1 1 2019-02-06 
3 'Structure model' 1 2 2020-01-01 
4 'Structure model' 1 3 2024-03-06 
# 
_pdbx_audit_revision_details.ordinal             1 
_pdbx_audit_revision_details.revision_ordinal    1 
_pdbx_audit_revision_details.data_content_type   'Structure model' 
_pdbx_audit_revision_details.provider            repository 
_pdbx_audit_revision_details.type                'Initial release' 
_pdbx_audit_revision_details.description         ? 
_pdbx_audit_revision_details.details             ? 
# 
loop_
_pdbx_audit_revision_group.ordinal 
_pdbx_audit_revision_group.revision_ordinal 
_pdbx_audit_revision_group.data_content_type 
_pdbx_audit_revision_group.group 
1 2 'Structure model' 'Data collection'            
2 2 'Structure model' 'Database references'        
3 3 'Structure model' 'Author supporting evidence' 
4 4 'Structure model' 'Data collection'            
5 4 'Structure model' 'Database references'        
# 
loop_
_pdbx_audit_revision_category.ordinal 
_pdbx_audit_revision_category.revision_ordinal 
_pdbx_audit_revision_category.data_content_type 
_pdbx_audit_revision_category.category 
1 2 'Structure model' citation           
2 2 'Structure model' citation_author    
3 3 'Structure model' pdbx_audit_support 
4 4 'Structure model' chem_comp_atom     
5 4 'Structure model' chem_comp_bond     
6 4 'Structure model' database_2         
# 
loop_
_pdbx_audit_revision_item.ordinal 
_pdbx_audit_revision_item.revision_ordinal 
_pdbx_audit_revision_item.data_content_type 
_pdbx_audit_revision_item.item 
1  2 'Structure model' '_citation.country'                        
2  2 'Structure model' '_citation.journal_abbrev'                 
3  2 'Structure model' '_citation.journal_id_ASTM'                
4  2 'Structure model' '_citation.journal_id_CSD'                 
5  2 'Structure model' '_citation.journal_id_ISSN'                
6  2 'Structure model' '_citation.journal_volume'                 
7  2 'Structure model' '_citation.page_first'                     
8  2 'Structure model' '_citation.page_last'                      
9  2 'Structure model' '_citation.pdbx_database_id_DOI'           
10 2 'Structure model' '_citation.pdbx_database_id_PubMed'        
11 2 'Structure model' '_citation.title'                          
12 2 'Structure model' '_citation.year'                           
13 3 'Structure model' '_pdbx_audit_support.funding_organization' 
14 4 'Structure model' '_database_2.pdbx_DOI'                     
15 4 'Structure model' '_database_2.pdbx_database_accession'      
# 
_pdbx_database_status.status_code                     REL 
_pdbx_database_status.status_code_sf                  REL 
_pdbx_database_status.status_code_mr                  ? 
_pdbx_database_status.entry_id                        5KZ9 
_pdbx_database_status.recvd_initial_deposition_date   2016-07-24 
_pdbx_database_status.SG_entry                        N 
_pdbx_database_status.deposit_site                    RCSB 
_pdbx_database_status.process_site                    RCSB 
_pdbx_database_status.status_code_cs                  ? 
_pdbx_database_status.methods_development_category    ? 
_pdbx_database_status.pdb_format_compatible           Y 
_pdbx_database_status.status_code_nmr_data            ? 
# 
loop_
_pdbx_database_related.content_type 
_pdbx_database_related.db_id 
_pdbx_database_related.db_name 
_pdbx_database_related.details 
unspecified 5KZA PDB . 
unspecified 5KZB PDB . 
# 
loop_
_audit_author.name 
_audit_author.pdbx_ordinal 
'Kingston, R.L.' 1 
'Dalton, A.K.'   2 
'Vogt, V.M.'     3 
# 
_citation.abstract                  ? 
_citation.abstract_id_CAS           ? 
_citation.book_id_ISBN              ? 
_citation.book_publisher            ? 
_citation.book_publisher_city       ? 
_citation.book_title                ? 
_citation.coordinate_linkage        ? 
_citation.country                   US 
_citation.database_id_Medline       ? 
_citation.details                   ? 
_citation.id                        primary 
_citation.journal_abbrev            'Biophys. J.' 
_citation.journal_id_ASTM           BIOJAU 
_citation.journal_id_CSD            0030 
_citation.journal_id_ISSN           1542-0086 
_citation.journal_full              ? 
_citation.journal_issue             ? 
_citation.journal_volume            113 
_citation.language                  ? 
_citation.page_first                2004 
_citation.page_last                 2015 
_citation.title                     
'Cholesterol Promotes Protein Binding by Affecting Membrane Electrostatics and Solvation Properties.' 
_citation.year                      2017 
_citation.database_id_CSD           ? 
_citation.pdbx_database_id_DOI      10.1016/j.bpj.2017.08.055 
_citation.pdbx_database_id_PubMed   29117524 
_citation.unpublished_flag          ? 
# 
loop_
_citation_author.citation_id 
_citation_author.name 
_citation_author.ordinal 
_citation_author.identifier_ORCID 
primary 'Doktorova, M.'   1  ? 
primary 'Heberle, F.A.'   2  ? 
primary 'Kingston, R.L.'  3  ? 
primary 'Khelashvili, G.' 4  ? 
primary 'Cuendet, M.A.'   5  ? 
primary 'Wen, Y.'         6  ? 
primary 'Katsaras, J.'    7  ? 
primary 'Feigenson, G.W.' 8  ? 
primary 'Vogt, V.M.'      9  ? 
primary 'Dick, R.A.'      10 ? 
# 
loop_
_entity.id 
_entity.type 
_entity.src_method 
_entity.pdbx_description 
_entity.formula_weight 
_entity.pdbx_number_of_molecules 
_entity.pdbx_ec 
_entity.pdbx_mutation 
_entity.pdbx_fragment 
_entity.details 
1 polymer man 'Virus Matrix Protein' 17625.191 1 ? ? 'UNP residues 1-155' 
'Rous Sarcoma Virus Matrix Protein with C-terminal hexa-histidine tag' 
2 water   nat water                  18.015    7 ? ? ?                    ? 
# 
_entity_poly.entity_id                      1 
_entity_poly.type                           'polypeptide(L)' 
_entity_poly.nstd_linkage                   no 
_entity_poly.nstd_monomer                   no 
_entity_poly.pdbx_seq_one_letter_code       
;MEAVIKVISSACKTYCGKTSPSKKEIGAMLSLLQKEGLLMSPSDLYSPGSWDPITAALSQRAMILGKSGELKTWGLVLGA
LKAAREEQVTSEQAKFWLGLGGGRVSPPGPECIEKPATERRIDKGEEVGETTVQRDAKMAPEETATPKTVGTSCYRSHHH
HHH
;
_entity_poly.pdbx_seq_one_letter_code_can   
;MEAVIKVISSACKTYCGKTSPSKKEIGAMLSLLQKEGLLMSPSDLYSPGSWDPITAALSQRAMILGKSGELKTWGLVLGA
LKAAREEQVTSEQAKFWLGLGGGRVSPPGPECIEKPATERRIDKGEEVGETTVQRDAKMAPEETATPKTVGTSCYRSHHH
HHH
;
_entity_poly.pdbx_strand_id                 A 
_entity_poly.pdbx_target_identifier         ? 
# 
_pdbx_entity_nonpoly.entity_id   2 
_pdbx_entity_nonpoly.name        water 
_pdbx_entity_nonpoly.comp_id     HOH 
# 
loop_
_entity_poly_seq.entity_id 
_entity_poly_seq.num 
_entity_poly_seq.mon_id 
_entity_poly_seq.hetero 
1 1   MET n 
1 2   GLU n 
1 3   ALA n 
1 4   VAL n 
1 5   ILE n 
1 6   LYS n 
1 7   VAL n 
1 8   ILE n 
1 9   SER n 
1 10  SER n 
1 11  ALA n 
1 12  CYS n 
1 13  LYS n 
1 14  THR n 
1 15  TYR n 
1 16  CYS n 
1 17  GLY n 
1 18  LYS n 
1 19  THR n 
1 20  SER n 
1 21  PRO n 
1 22  SER n 
1 23  LYS n 
1 24  LYS n 
1 25  GLU n 
1 26  ILE n 
1 27  GLY n 
1 28  ALA n 
1 29  MET n 
1 30  LEU n 
1 31  SER n 
1 32  LEU n 
1 33  LEU n 
1 34  GLN n 
1 35  LYS n 
1 36  GLU n 
1 37  GLY n 
1 38  LEU n 
1 39  LEU n 
1 40  MET n 
1 41  SER n 
1 42  PRO n 
1 43  SER n 
1 44  ASP n 
1 45  LEU n 
1 46  TYR n 
1 47  SER n 
1 48  PRO n 
1 49  GLY n 
1 50  SER n 
1 51  TRP n 
1 52  ASP n 
1 53  PRO n 
1 54  ILE n 
1 55  THR n 
1 56  ALA n 
1 57  ALA n 
1 58  LEU n 
1 59  SER n 
1 60  GLN n 
1 61  ARG n 
1 62  ALA n 
1 63  MET n 
1 64  ILE n 
1 65  LEU n 
1 66  GLY n 
1 67  LYS n 
1 68  SER n 
1 69  GLY n 
1 70  GLU n 
1 71  LEU n 
1 72  LYS n 
1 73  THR n 
1 74  TRP n 
1 75  GLY n 
1 76  LEU n 
1 77  VAL n 
1 78  LEU n 
1 79  GLY n 
1 80  ALA n 
1 81  LEU n 
1 82  LYS n 
1 83  ALA n 
1 84  ALA n 
1 85  ARG n 
1 86  GLU n 
1 87  GLU n 
1 88  GLN n 
1 89  VAL n 
1 90  THR n 
1 91  SER n 
1 92  GLU n 
1 93  GLN n 
1 94  ALA n 
1 95  LYS n 
1 96  PHE n 
1 97  TRP n 
1 98  LEU n 
1 99  GLY n 
1 100 LEU n 
1 101 GLY n 
1 102 GLY n 
1 103 GLY n 
1 104 ARG n 
1 105 VAL n 
1 106 SER n 
1 107 PRO n 
1 108 PRO n 
1 109 GLY n 
1 110 PRO n 
1 111 GLU n 
1 112 CYS n 
1 113 ILE n 
1 114 GLU n 
1 115 LYS n 
1 116 PRO n 
1 117 ALA n 
1 118 THR n 
1 119 GLU n 
1 120 ARG n 
1 121 ARG n 
1 122 ILE n 
1 123 ASP n 
1 124 LYS n 
1 125 GLY n 
1 126 GLU n 
1 127 GLU n 
1 128 VAL n 
1 129 GLY n 
1 130 GLU n 
1 131 THR n 
1 132 THR n 
1 133 VAL n 
1 134 GLN n 
1 135 ARG n 
1 136 ASP n 
1 137 ALA n 
1 138 LYS n 
1 139 MET n 
1 140 ALA n 
1 141 PRO n 
1 142 GLU n 
1 143 GLU n 
1 144 THR n 
1 145 ALA n 
1 146 THR n 
1 147 PRO n 
1 148 LYS n 
1 149 THR n 
1 150 VAL n 
1 151 GLY n 
1 152 THR n 
1 153 SER n 
1 154 CYS n 
1 155 TYR n 
1 156 ARG n 
1 157 SER n 
1 158 HIS n 
1 159 HIS n 
1 160 HIS n 
1 161 HIS n 
1 162 HIS n 
1 163 HIS n 
# 
_entity_src_gen.entity_id                          1 
_entity_src_gen.pdbx_src_id                        1 
_entity_src_gen.pdbx_alt_source_flag               sample 
_entity_src_gen.pdbx_seq_type                      'Biological sequence' 
_entity_src_gen.pdbx_beg_seq_num                   1 
_entity_src_gen.pdbx_end_seq_num                   163 
_entity_src_gen.gene_src_common_name               RSV-PrC 
_entity_src_gen.gene_src_genus                     ? 
_entity_src_gen.pdbx_gene_src_gene                 gag-pro-pol 
_entity_src_gen.gene_src_species                   ? 
_entity_src_gen.gene_src_strain                    'Prague C' 
_entity_src_gen.gene_src_tissue                    ? 
_entity_src_gen.gene_src_tissue_fraction           ? 
_entity_src_gen.gene_src_details                   ? 
_entity_src_gen.pdbx_gene_src_fragment             ? 
_entity_src_gen.pdbx_gene_src_scientific_name      'Rous sarcoma virus (strain Prague C)' 
_entity_src_gen.pdbx_gene_src_ncbi_taxonomy_id     11888 
_entity_src_gen.pdbx_gene_src_variant              ? 
_entity_src_gen.pdbx_gene_src_cell_line            ? 
_entity_src_gen.pdbx_gene_src_atcc                 ? 
_entity_src_gen.pdbx_gene_src_organ                ? 
_entity_src_gen.pdbx_gene_src_organelle            ? 
_entity_src_gen.pdbx_gene_src_cell                 ? 
_entity_src_gen.pdbx_gene_src_cellular_location    ? 
_entity_src_gen.host_org_common_name               ? 
_entity_src_gen.pdbx_host_org_scientific_name      'Escherichia coli' 
_entity_src_gen.pdbx_host_org_ncbi_taxonomy_id     562 
_entity_src_gen.host_org_genus                     ? 
_entity_src_gen.pdbx_host_org_gene                 ? 
_entity_src_gen.pdbx_host_org_organ                ? 
_entity_src_gen.host_org_species                   ? 
_entity_src_gen.pdbx_host_org_tissue               ? 
_entity_src_gen.pdbx_host_org_tissue_fraction      ? 
_entity_src_gen.pdbx_host_org_strain               ? 
_entity_src_gen.pdbx_host_org_variant              ? 
_entity_src_gen.pdbx_host_org_cell_line            ? 
_entity_src_gen.pdbx_host_org_atcc                 ? 
_entity_src_gen.pdbx_host_org_culture_collection   ? 
_entity_src_gen.pdbx_host_org_cell                 ? 
_entity_src_gen.pdbx_host_org_organelle            ? 
_entity_src_gen.pdbx_host_org_cellular_location    ? 
_entity_src_gen.pdbx_host_org_vector_type          ? 
_entity_src_gen.pdbx_host_org_vector               ? 
_entity_src_gen.host_org_details                   ? 
_entity_src_gen.expression_system_id               ? 
_entity_src_gen.plasmid_name                       ? 
_entity_src_gen.plasmid_details                    ? 
_entity_src_gen.pdbx_description                   ? 
# 
loop_
_chem_comp.id 
_chem_comp.type 
_chem_comp.mon_nstd_flag 
_chem_comp.name 
_chem_comp.pdbx_synonyms 
_chem_comp.formula 
_chem_comp.formula_weight 
ALA 'L-peptide linking' y ALANINE         ? 'C3 H7 N O2'     89.093  
ARG 'L-peptide linking' y ARGININE        ? 'C6 H15 N4 O2 1' 175.209 
ASP 'L-peptide linking' y 'ASPARTIC ACID' ? 'C4 H7 N O4'     133.103 
CYS 'L-peptide linking' y CYSTEINE        ? 'C3 H7 N O2 S'   121.158 
GLN 'L-peptide linking' y GLUTAMINE       ? 'C5 H10 N2 O3'   146.144 
GLU 'L-peptide linking' y 'GLUTAMIC ACID' ? 'C5 H9 N O4'     147.129 
GLY 'peptide linking'   y GLYCINE         ? 'C2 H5 N O2'     75.067  
HIS 'L-peptide linking' y HISTIDINE       ? 'C6 H10 N3 O2 1' 156.162 
HOH non-polymer         . WATER           ? 'H2 O'           18.015  
ILE 'L-peptide linking' y ISOLEUCINE      ? 'C6 H13 N O2'    131.173 
LEU 'L-peptide linking' y LEUCINE         ? 'C6 H13 N O2'    131.173 
LYS 'L-peptide linking' y LYSINE          ? 'C6 H15 N2 O2 1' 147.195 
MET 'L-peptide linking' y METHIONINE      ? 'C5 H11 N O2 S'  149.211 
PHE 'L-peptide linking' y PHENYLALANINE   ? 'C9 H11 N O2'    165.189 
PRO 'L-peptide linking' y PROLINE         ? 'C5 H9 N O2'     115.130 
SER 'L-peptide linking' y SERINE          ? 'C3 H7 N O3'     105.093 
THR 'L-peptide linking' y THREONINE       ? 'C4 H9 N O3'     119.119 
TRP 'L-peptide linking' y TRYPTOPHAN      ? 'C11 H12 N2 O2'  204.225 
TYR 'L-peptide linking' y TYROSINE        ? 'C9 H11 N O3'    181.189 
VAL 'L-peptide linking' y VALINE          ? 'C5 H11 N O2'    117.146 
# 
loop_
_pdbx_poly_seq_scheme.asym_id 
_pdbx_poly_seq_scheme.entity_id 
_pdbx_poly_seq_scheme.seq_id 
_pdbx_poly_seq_scheme.mon_id 
_pdbx_poly_seq_scheme.ndb_seq_num 
_pdbx_poly_seq_scheme.pdb_seq_num 
_pdbx_poly_seq_scheme.auth_seq_num 
_pdbx_poly_seq_scheme.pdb_mon_id 
_pdbx_poly_seq_scheme.auth_mon_id 
_pdbx_poly_seq_scheme.pdb_strand_id 
_pdbx_poly_seq_scheme.pdb_ins_code 
_pdbx_poly_seq_scheme.hetero 
A 1 1   MET 1   1   1   MET MET A . n 
A 1 2   GLU 2   2   2   GLU GLU A . n 
A 1 3   ALA 3   3   3   ALA ALA A . n 
A 1 4   VAL 4   4   4   VAL VAL A . n 
A 1 5   ILE 5   5   5   ILE ILE A . n 
A 1 6   LYS 6   6   6   LYS LYS A . n 
A 1 7   VAL 7   7   7   VAL VAL A . n 
A 1 8   ILE 8   8   8   ILE ILE A . n 
A 1 9   SER 9   9   9   SER SER A . n 
A 1 10  SER 10  10  10  SER SER A . n 
A 1 11  ALA 11  11  11  ALA ALA A . n 
A 1 12  CYS 12  12  12  CYS CYS A . n 
A 1 13  LYS 13  13  13  LYS LYS A . n 
A 1 14  THR 14  14  14  THR THR A . n 
A 1 15  TYR 15  15  15  TYR TYR A . n 
A 1 16  CYS 16  16  16  CYS CYS A . n 
A 1 17  GLY 17  17  17  GLY GLY A . n 
A 1 18  LYS 18  18  18  LYS LYS A . n 
A 1 19  THR 19  19  19  THR THR A . n 
A 1 20  SER 20  20  20  SER SER A . n 
A 1 21  PRO 21  21  21  PRO PRO A . n 
A 1 22  SER 22  22  22  SER SER A . n 
A 1 23  LYS 23  23  23  LYS LYS A . n 
A 1 24  LYS 24  24  24  LYS LYS A . n 
A 1 25  GLU 25  25  25  GLU GLU A . n 
A 1 26  ILE 26  26  26  ILE ILE A . n 
A 1 27  GLY 27  27  27  GLY GLY A . n 
A 1 28  ALA 28  28  28  ALA ALA A . n 
A 1 29  MET 29  29  29  MET MET A . n 
A 1 30  LEU 30  30  30  LEU LEU A . n 
A 1 31  SER 31  31  31  SER SER A . n 
A 1 32  LEU 32  32  32  LEU LEU A . n 
A 1 33  LEU 33  33  33  LEU LEU A . n 
A 1 34  GLN 34  34  34  GLN GLN A . n 
A 1 35  LYS 35  35  35  LYS LYS A . n 
A 1 36  GLU 36  36  36  GLU GLU A . n 
A 1 37  GLY 37  37  37  GLY GLY A . n 
A 1 38  LEU 38  38  38  LEU LEU A . n 
A 1 39  LEU 39  39  39  LEU LEU A . n 
A 1 40  MET 40  40  40  MET MET A . n 
A 1 41  SER 41  41  41  SER SER A . n 
A 1 42  PRO 42  42  42  PRO PRO A . n 
A 1 43  SER 43  43  43  SER SER A . n 
A 1 44  ASP 44  44  44  ASP ASP A . n 
A 1 45  LEU 45  45  45  LEU LEU A . n 
A 1 46  TYR 46  46  46  TYR TYR A . n 
A 1 47  SER 47  47  47  SER SER A . n 
A 1 48  PRO 48  48  48  PRO PRO A . n 
A 1 49  GLY 49  49  49  GLY GLY A . n 
A 1 50  SER 50  50  50  SER SER A . n 
A 1 51  TRP 51  51  51  TRP TRP A . n 
A 1 52  ASP 52  52  52  ASP ASP A . n 
A 1 53  PRO 53  53  53  PRO PRO A . n 
A 1 54  ILE 54  54  54  ILE ILE A . n 
A 1 55  THR 55  55  55  THR THR A . n 
A 1 56  ALA 56  56  56  ALA ALA A . n 
A 1 57  ALA 57  57  57  ALA ALA A . n 
A 1 58  LEU 58  58  58  LEU LEU A . n 
A 1 59  SER 59  59  59  SER SER A . n 
A 1 60  GLN 60  60  60  GLN GLN A . n 
A 1 61  ARG 61  61  61  ARG ARG A . n 
A 1 62  ALA 62  62  62  ALA ALA A . n 
A 1 63  MET 63  63  63  MET MET A . n 
A 1 64  ILE 64  64  64  ILE ILE A . n 
A 1 65  LEU 65  65  65  LEU LEU A . n 
A 1 66  GLY 66  66  66  GLY GLY A . n 
A 1 67  LYS 67  67  67  LYS LYS A . n 
A 1 68  SER 68  68  68  SER SER A . n 
A 1 69  GLY 69  69  69  GLY GLY A . n 
A 1 70  GLU 70  70  70  GLU GLU A . n 
A 1 71  LEU 71  71  71  LEU LEU A . n 
A 1 72  LYS 72  72  72  LYS LYS A . n 
A 1 73  THR 73  73  73  THR THR A . n 
A 1 74  TRP 74  74  74  TRP TRP A . n 
A 1 75  GLY 75  75  75  GLY GLY A . n 
A 1 76  LEU 76  76  76  LEU LEU A . n 
A 1 77  VAL 77  77  77  VAL VAL A . n 
A 1 78  LEU 78  78  78  LEU LEU A . n 
A 1 79  GLY 79  79  79  GLY GLY A . n 
A 1 80  ALA 80  80  80  ALA ALA A . n 
A 1 81  LEU 81  81  81  LEU LEU A . n 
A 1 82  LYS 82  82  82  LYS LYS A . n 
A 1 83  ALA 83  83  83  ALA ALA A . n 
A 1 84  ALA 84  84  84  ALA ALA A . n 
A 1 85  ARG 85  85  85  ARG ARG A . n 
A 1 86  GLU 86  86  86  GLU GLU A . n 
A 1 87  GLU 87  87  87  GLU GLU A . n 
A 1 88  GLN 88  88  88  GLN GLN A . n 
A 1 89  VAL 89  89  89  VAL VAL A . n 
A 1 90  THR 90  90  90  THR THR A . n 
A 1 91  SER 91  91  91  SER SER A . n 
A 1 92  GLU 92  92  92  GLU GLU A . n 
A 1 93  GLN 93  93  93  GLN GLN A . n 
A 1 94  ALA 94  94  94  ALA ALA A . n 
A 1 95  LYS 95  95  95  LYS LYS A . n 
A 1 96  PHE 96  96  96  PHE PHE A . n 
A 1 97  TRP 97  97  97  TRP TRP A . n 
A 1 98  LEU 98  98  98  LEU LEU A . n 
A 1 99  GLY 99  99  99  GLY GLY A . n 
A 1 100 LEU 100 100 100 LEU LEU A . n 
A 1 101 GLY 101 101 101 GLY GLY A . n 
A 1 102 GLY 102 102 102 GLY GLY A . n 
A 1 103 GLY 103 103 ?   ?   ?   A . n 
A 1 104 ARG 104 104 ?   ?   ?   A . n 
A 1 105 VAL 105 105 ?   ?   ?   A . n 
A 1 106 SER 106 106 ?   ?   ?   A . n 
A 1 107 PRO 107 107 ?   ?   ?   A . n 
A 1 108 PRO 108 108 ?   ?   ?   A . n 
A 1 109 GLY 109 109 ?   ?   ?   A . n 
A 1 110 PRO 110 110 ?   ?   ?   A . n 
A 1 111 GLU 111 111 ?   ?   ?   A . n 
A 1 112 CYS 112 112 ?   ?   ?   A . n 
A 1 113 ILE 113 113 ?   ?   ?   A . n 
A 1 114 GLU 114 114 ?   ?   ?   A . n 
A 1 115 LYS 115 115 ?   ?   ?   A . n 
A 1 116 PRO 116 116 ?   ?   ?   A . n 
A 1 117 ALA 117 117 ?   ?   ?   A . n 
A 1 118 THR 118 118 ?   ?   ?   A . n 
A 1 119 GLU 119 119 ?   ?   ?   A . n 
A 1 120 ARG 120 120 ?   ?   ?   A . n 
A 1 121 ARG 121 121 ?   ?   ?   A . n 
A 1 122 ILE 122 122 ?   ?   ?   A . n 
A 1 123 ASP 123 123 ?   ?   ?   A . n 
A 1 124 LYS 124 124 ?   ?   ?   A . n 
A 1 125 GLY 125 125 ?   ?   ?   A . n 
A 1 126 GLU 126 126 ?   ?   ?   A . n 
A 1 127 GLU 127 127 ?   ?   ?   A . n 
A 1 128 VAL 128 128 ?   ?   ?   A . n 
A 1 129 GLY 129 129 ?   ?   ?   A . n 
A 1 130 GLU 130 130 ?   ?   ?   A . n 
A 1 131 THR 131 131 ?   ?   ?   A . n 
A 1 132 THR 132 132 ?   ?   ?   A . n 
A 1 133 VAL 133 133 ?   ?   ?   A . n 
A 1 134 GLN 134 134 ?   ?   ?   A . n 
A 1 135 ARG 135 135 ?   ?   ?   A . n 
A 1 136 ASP 136 136 ?   ?   ?   A . n 
A 1 137 ALA 137 137 ?   ?   ?   A . n 
A 1 138 LYS 138 138 ?   ?   ?   A . n 
A 1 139 MET 139 139 ?   ?   ?   A . n 
A 1 140 ALA 140 140 ?   ?   ?   A . n 
A 1 141 PRO 141 141 ?   ?   ?   A . n 
A 1 142 GLU 142 142 ?   ?   ?   A . n 
A 1 143 GLU 143 143 ?   ?   ?   A . n 
A 1 144 THR 144 144 ?   ?   ?   A . n 
A 1 145 ALA 145 145 ?   ?   ?   A . n 
A 1 146 THR 146 146 ?   ?   ?   A . n 
A 1 147 PRO 147 147 ?   ?   ?   A . n 
A 1 148 LYS 148 148 ?   ?   ?   A . n 
A 1 149 THR 149 149 ?   ?   ?   A . n 
A 1 150 VAL 150 150 ?   ?   ?   A . n 
A 1 151 GLY 151 151 ?   ?   ?   A . n 
A 1 152 THR 152 152 ?   ?   ?   A . n 
A 1 153 SER 153 153 ?   ?   ?   A . n 
A 1 154 CYS 154 154 ?   ?   ?   A . n 
A 1 155 TYR 155 155 ?   ?   ?   A . n 
A 1 156 ARG 156 156 ?   ?   ?   A . n 
A 1 157 SER 157 157 ?   ?   ?   A . n 
A 1 158 HIS 158 158 ?   ?   ?   A . n 
A 1 159 HIS 159 159 ?   ?   ?   A . n 
A 1 160 HIS 160 160 ?   ?   ?   A . n 
A 1 161 HIS 161 161 ?   ?   ?   A . n 
A 1 162 HIS 162 162 ?   ?   ?   A . n 
A 1 163 HIS 163 163 ?   ?   ?   A . n 
# 
loop_
_pdbx_nonpoly_scheme.asym_id 
_pdbx_nonpoly_scheme.entity_id 
_pdbx_nonpoly_scheme.mon_id 
_pdbx_nonpoly_scheme.ndb_seq_num 
_pdbx_nonpoly_scheme.pdb_seq_num 
_pdbx_nonpoly_scheme.auth_seq_num 
_pdbx_nonpoly_scheme.pdb_mon_id 
_pdbx_nonpoly_scheme.auth_mon_id 
_pdbx_nonpoly_scheme.pdb_strand_id 
_pdbx_nonpoly_scheme.pdb_ins_code 
B 2 HOH 1 201 3 HOH HOH A . 
B 2 HOH 2 202 1 HOH HOH A . 
B 2 HOH 3 203 4 HOH HOH A . 
B 2 HOH 4 204 6 HOH HOH A . 
B 2 HOH 5 205 7 HOH HOH A . 
B 2 HOH 6 206 8 HOH HOH A . 
B 2 HOH 7 207 5 HOH HOH A . 
# 
loop_
_software.citation_id 
_software.classification 
_software.compiler_name 
_software.compiler_version 
_software.contact_author 
_software.contact_author_email 
_software.date 
_software.description 
_software.dependencies 
_software.hardware 
_software.language 
_software.location 
_software.mods 
_software.name 
_software.os 
_software.os_version 
_software.type 
_software.version 
_software.pdbx_ordinal 
? refinement       ? ? ? ? ? ? ? ? ? ? ? REFMAC   ? ? ? 5.8.0135 1 
? 'data reduction' ? ? ? ? ? ? ? ? ? ? ? HKL-2000 ? ? ? .        2 
? 'data scaling'   ? ? ? ? ? ? ? ? ? ? ? HKL-2000 ? ? ? .        3 
? phasing          ? ? ? ? ? ? ? ? ? ? ? SHARP    ? ? ? .        4 
# 
_cell.angle_alpha                  90.00 
_cell.angle_alpha_esd              ? 
_cell.angle_beta                   90.00 
_cell.angle_beta_esd               ? 
_cell.angle_gamma                  90.00 
_cell.angle_gamma_esd              ? 
_cell.entry_id                     5KZ9 
_cell.details                      ? 
_cell.formula_units_Z              ? 
_cell.length_a                     66.200 
_cell.length_a_esd                 ? 
_cell.length_b                     66.200 
_cell.length_b_esd                 ? 
_cell.length_c                     218.800 
_cell.length_c_esd                 ? 
_cell.volume                       ? 
_cell.volume_esd                   ? 
_cell.Z_PDB                        16 
_cell.reciprocal_angle_alpha       ? 
_cell.reciprocal_angle_beta        ? 
_cell.reciprocal_angle_gamma       ? 
_cell.reciprocal_angle_alpha_esd   ? 
_cell.reciprocal_angle_beta_esd    ? 
_cell.reciprocal_angle_gamma_esd   ? 
_cell.reciprocal_length_a          ? 
_cell.reciprocal_length_b          ? 
_cell.reciprocal_length_c          ? 
_cell.reciprocal_length_a_esd      ? 
_cell.reciprocal_length_b_esd      ? 
_cell.reciprocal_length_c_esd      ? 
_cell.pdbx_unique_axis             ? 
# 
_symmetry.entry_id                         5KZ9 
_symmetry.cell_setting                     ? 
_symmetry.Int_Tables_number                98 
_symmetry.space_group_name_Hall            ? 
_symmetry.space_group_name_H-M             'I 41 2 2' 
_symmetry.pdbx_full_space_group_name_H-M   ? 
# 
_exptl.absorpt_coefficient_mu     ? 
_exptl.absorpt_correction_T_max   ? 
_exptl.absorpt_correction_T_min   ? 
_exptl.absorpt_correction_type    ? 
_exptl.absorpt_process_details    ? 
_exptl.entry_id                   5KZ9 
_exptl.crystals_number            1 
_exptl.details                    ? 
_exptl.method                     'X-RAY DIFFRACTION' 
_exptl.method_details             ? 
# 
_exptl_crystal.colour                      ? 
_exptl_crystal.density_diffrn              ? 
_exptl_crystal.density_Matthews            3.40 
_exptl_crystal.density_method              ? 
_exptl_crystal.density_percent_sol         63.83 
_exptl_crystal.description                 ? 
_exptl_crystal.F_000                       ? 
_exptl_crystal.id                          1 
_exptl_crystal.preparation                 ? 
_exptl_crystal.size_max                    ? 
_exptl_crystal.size_mid                    ? 
_exptl_crystal.size_min                    ? 
_exptl_crystal.size_rad                    ? 
_exptl_crystal.colour_lustre               ? 
_exptl_crystal.colour_modifier             ? 
_exptl_crystal.colour_primary              ? 
_exptl_crystal.density_meas                ? 
_exptl_crystal.density_meas_esd            ? 
_exptl_crystal.density_meas_gt             ? 
_exptl_crystal.density_meas_lt             ? 
_exptl_crystal.density_meas_temp           ? 
_exptl_crystal.density_meas_temp_esd       ? 
_exptl_crystal.density_meas_temp_gt        ? 
_exptl_crystal.density_meas_temp_lt        ? 
_exptl_crystal.pdbx_crystal_image_url      ? 
_exptl_crystal.pdbx_crystal_image_format   ? 
_exptl_crystal.pdbx_mosaicity              ? 
_exptl_crystal.pdbx_mosaicity_esd          ? 
# 
_exptl_crystal_grow.apparatus       ? 
_exptl_crystal_grow.atmosphere      ? 
_exptl_crystal_grow.crystal_id      1 
_exptl_crystal_grow.details         ? 
_exptl_crystal_grow.method          'VAPOR DIFFUSION, SITTING DROP' 
_exptl_crystal_grow.method_ref      ? 
_exptl_crystal_grow.pH              10.3 
_exptl_crystal_grow.pressure        ? 
_exptl_crystal_grow.pressure_esd    ? 
_exptl_crystal_grow.seeding         ? 
_exptl_crystal_grow.seeding_ref     ? 
_exptl_crystal_grow.temp            293 
_exptl_crystal_grow.temp_details    ? 
_exptl_crystal_grow.temp_esd        ? 
_exptl_crystal_grow.time            ? 
_exptl_crystal_grow.pdbx_details    '2.60 M Ammonium formate, 0.20 M Beta-Alanine/KOH pH 10.3' 
_exptl_crystal_grow.pdbx_pH_range   10.3 
# 
_diffrn.ambient_environment    ? 
_diffrn.ambient_temp           100 
_diffrn.ambient_temp_details   ? 
_diffrn.ambient_temp_esd       ? 
_diffrn.crystal_id             1 
_diffrn.crystal_support        ? 
_diffrn.crystal_treatment      ? 
_diffrn.details                ? 
_diffrn.id                     1 
_diffrn.ambient_pressure       ? 
_diffrn.ambient_pressure_esd   ? 
_diffrn.ambient_pressure_gt    ? 
_diffrn.ambient_pressure_lt    ? 
_diffrn.ambient_temp_gt        ? 
_diffrn.ambient_temp_lt        ? 
# 
_diffrn_detector.details                      ? 
_diffrn_detector.detector                     CCD 
_diffrn_detector.diffrn_id                    1 
_diffrn_detector.type                         'ADSC QUANTUM 210r' 
_diffrn_detector.area_resol_mean              ? 
_diffrn_detector.dtime                        ? 
_diffrn_detector.pdbx_frames_total            ? 
_diffrn_detector.pdbx_collection_time_total   ? 
_diffrn_detector.pdbx_collection_date         2004-10-02 
# 
_diffrn_radiation.collimation                      ? 
_diffrn_radiation.diffrn_id                        1 
_diffrn_radiation.filter_edge                      ? 
_diffrn_radiation.inhomogeneity                    ? 
_diffrn_radiation.monochromator                    ? 
_diffrn_radiation.polarisn_norm                    ? 
_diffrn_radiation.polarisn_ratio                   ? 
_diffrn_radiation.probe                            ? 
_diffrn_radiation.type                             ? 
_diffrn_radiation.xray_symbol                      ? 
_diffrn_radiation.wavelength_id                    1 
_diffrn_radiation.pdbx_monochromatic_or_laue_m_l   M 
_diffrn_radiation.pdbx_wavelength_list             ? 
_diffrn_radiation.pdbx_wavelength                  ? 
_diffrn_radiation.pdbx_diffrn_protocol             'SINGLE WAVELENGTH' 
_diffrn_radiation.pdbx_analyzer                    ? 
_diffrn_radiation.pdbx_scattering_type             x-ray 
# 
_diffrn_radiation_wavelength.id           1 
_diffrn_radiation_wavelength.wavelength   1.0332 
_diffrn_radiation_wavelength.wt           1.0 
# 
_diffrn_source.current                     ? 
_diffrn_source.details                     ? 
_diffrn_source.diffrn_id                   1 
_diffrn_source.power                       ? 
_diffrn_source.size                        ? 
_diffrn_source.source                      SYNCHROTRON 
_diffrn_source.target                      ? 
_diffrn_source.type                        'ALS BEAMLINE 8.2.1' 
_diffrn_source.voltage                     ? 
_diffrn_source.take-off_angle              ? 
_diffrn_source.pdbx_wavelength_list        1.0332 
_diffrn_source.pdbx_wavelength             ? 
_diffrn_source.pdbx_synchrotron_beamline   8.2.1 
_diffrn_source.pdbx_synchrotron_site       ALS 
# 
_reflns.B_iso_Wilson_estimate            ? 
_reflns.entry_id                         5KZ9 
_reflns.data_reduction_details           ? 
_reflns.data_reduction_method            ? 
_reflns.d_resolution_high                2.85 
_reflns.d_resolution_low                 49.0 
_reflns.details                          ? 
_reflns.limit_h_max                      ? 
_reflns.limit_h_min                      ? 
_reflns.limit_k_max                      ? 
_reflns.limit_k_min                      ? 
_reflns.limit_l_max                      ? 
_reflns.limit_l_min                      ? 
_reflns.number_all                       ? 
_reflns.number_obs                       6104 
_reflns.observed_criterion               ? 
_reflns.observed_criterion_F_max         ? 
_reflns.observed_criterion_F_min         ? 
_reflns.observed_criterion_I_max         ? 
_reflns.observed_criterion_I_min         ? 
_reflns.observed_criterion_sigma_F       ? 
_reflns.observed_criterion_sigma_I       ? 
_reflns.percent_possible_obs             99.9 
_reflns.R_free_details                   ? 
_reflns.Rmerge_F_all                     ? 
_reflns.Rmerge_F_obs                     ? 
_reflns.Friedel_coverage                 ? 
_reflns.number_gt                        ? 
_reflns.threshold_expression             ? 
_reflns.pdbx_redundancy                  8.7 
_reflns.pdbx_Rmerge_I_obs                0.070 
_reflns.pdbx_Rmerge_I_all                ? 
_reflns.pdbx_Rsym_value                  ? 
_reflns.pdbx_netI_over_av_sigmaI         ? 
_reflns.pdbx_netI_over_sigmaI            34.0 
_reflns.pdbx_res_netI_over_av_sigmaI_2   ? 
_reflns.pdbx_res_netI_over_sigmaI_2      ? 
_reflns.pdbx_chi_squared                 ? 
_reflns.pdbx_scaling_rejects             ? 
_reflns.pdbx_d_res_high_opt              ? 
_reflns.pdbx_d_res_low_opt               ? 
_reflns.pdbx_d_res_opt_method            ? 
_reflns.phase_calculation_details        ? 
_reflns.pdbx_Rrim_I_all                  ? 
_reflns.pdbx_Rpim_I_all                  ? 
_reflns.pdbx_d_opt                       ? 
_reflns.pdbx_number_measured_all         ? 
_reflns.pdbx_diffrn_id                   1 
_reflns.pdbx_ordinal                     1 
_reflns.pdbx_CC_half                     ? 
_reflns.pdbx_R_split                     ? 
# 
_reflns_shell.d_res_high                  . 
_reflns_shell.d_res_low                   ? 
_reflns_shell.meanI_over_sigI_all         ? 
_reflns_shell.meanI_over_sigI_obs         ? 
_reflns_shell.number_measured_all         ? 
_reflns_shell.number_measured_obs         ? 
_reflns_shell.number_possible             ? 
_reflns_shell.number_unique_all           ? 
_reflns_shell.number_unique_obs           ? 
_reflns_shell.percent_possible_all        ? 
_reflns_shell.percent_possible_obs        ? 
_reflns_shell.Rmerge_F_all                ? 
_reflns_shell.Rmerge_F_obs                ? 
_reflns_shell.Rmerge_I_all                ? 
_reflns_shell.Rmerge_I_obs                ? 
_reflns_shell.meanI_over_sigI_gt          ? 
_reflns_shell.meanI_over_uI_all           ? 
_reflns_shell.meanI_over_uI_gt            ? 
_reflns_shell.number_measured_gt          ? 
_reflns_shell.number_unique_gt            ? 
_reflns_shell.percent_possible_gt         ? 
_reflns_shell.Rmerge_F_gt                 ? 
_reflns_shell.Rmerge_I_gt                 ? 
_reflns_shell.pdbx_redundancy             ? 
_reflns_shell.pdbx_Rsym_value             ? 
_reflns_shell.pdbx_chi_squared            ? 
_reflns_shell.pdbx_netI_over_sigmaI_all   ? 
_reflns_shell.pdbx_netI_over_sigmaI_obs   ? 
_reflns_shell.pdbx_Rrim_I_all             ? 
_reflns_shell.pdbx_Rpim_I_all             ? 
_reflns_shell.pdbx_rejects                ? 
_reflns_shell.pdbx_ordinal                1 
_reflns_shell.pdbx_diffrn_id              1 
_reflns_shell.pdbx_CC_half                ? 
_reflns_shell.pdbx_R_split                ? 
# 
_refine.aniso_B[1][1]                            3.84 
_refine.aniso_B[1][2]                            0.00 
_refine.aniso_B[1][3]                            0.00 
_refine.aniso_B[2][2]                            3.84 
_refine.aniso_B[2][3]                            0.00 
_refine.aniso_B[3][3]                            -7.68 
_refine.B_iso_max                                ? 
_refine.B_iso_mean                               67.379 
_refine.B_iso_min                                ? 
_refine.correlation_coeff_Fo_to_Fc               0.954 
_refine.correlation_coeff_Fo_to_Fc_free          0.927 
_refine.details                                  ? 
_refine.diff_density_max                         ? 
_refine.diff_density_max_esd                     ? 
_refine.diff_density_min                         ? 
_refine.diff_density_min_esd                     ? 
_refine.diff_density_rms                         ? 
_refine.diff_density_rms_esd                     ? 
_refine.entry_id                                 5KZ9 
_refine.pdbx_refine_id                           'X-RAY DIFFRACTION' 
_refine.ls_abs_structure_details                 ? 
_refine.ls_abs_structure_Flack                   ? 
_refine.ls_abs_structure_Flack_esd               ? 
_refine.ls_abs_structure_Rogers                  ? 
_refine.ls_abs_structure_Rogers_esd              ? 
_refine.ls_d_res_high                            2.85 
_refine.ls_d_res_low                             49.0 
_refine.ls_extinction_coef                       ? 
_refine.ls_extinction_coef_esd                   ? 
_refine.ls_extinction_expression                 ? 
_refine.ls_extinction_method                     ? 
_refine.ls_goodness_of_fit_all                   ? 
_refine.ls_goodness_of_fit_all_esd               ? 
_refine.ls_goodness_of_fit_obs                   ? 
_refine.ls_goodness_of_fit_obs_esd               ? 
_refine.ls_hydrogen_treatment                    ? 
_refine.ls_matrix_type                           ? 
_refine.ls_number_constraints                    ? 
_refine.ls_number_parameters                     ? 
_refine.ls_number_reflns_all                     ? 
_refine.ls_number_reflns_obs                     5759 
_refine.ls_number_reflns_R_free                  326 
_refine.ls_number_reflns_R_work                  ? 
_refine.ls_number_restraints                     ? 
_refine.ls_percent_reflns_obs                    99.90 
_refine.ls_percent_reflns_R_free                 5.4 
_refine.ls_R_factor_all                          ? 
_refine.ls_R_factor_obs                          0.19761 
_refine.ls_R_factor_R_free                       0.23855 
_refine.ls_R_factor_R_free_error                 ? 
_refine.ls_R_factor_R_free_error_details         ? 
_refine.ls_R_factor_R_work                       0.19532 
_refine.ls_R_Fsqd_factor_obs                     ? 
_refine.ls_R_I_factor_obs                        ? 
_refine.ls_redundancy_reflns_all                 ? 
_refine.ls_redundancy_reflns_obs                 ? 
_refine.ls_restrained_S_all                      ? 
_refine.ls_restrained_S_obs                      ? 
_refine.ls_shift_over_esd_max                    ? 
_refine.ls_shift_over_esd_mean                   ? 
_refine.ls_structure_factor_coef                 ? 
_refine.ls_weighting_details                     ? 
_refine.ls_weighting_scheme                      ? 
_refine.ls_wR_factor_all                         ? 
_refine.ls_wR_factor_obs                         ? 
_refine.ls_wR_factor_R_free                      ? 
_refine.ls_wR_factor_R_work                      ? 
_refine.occupancy_max                            ? 
_refine.occupancy_min                            ? 
_refine.solvent_model_details                    ? 
_refine.solvent_model_param_bsol                 ? 
_refine.solvent_model_param_ksol                 ? 
_refine.ls_R_factor_gt                           ? 
_refine.ls_goodness_of_fit_gt                    ? 
_refine.ls_goodness_of_fit_ref                   ? 
_refine.ls_shift_over_su_max                     ? 
_refine.ls_shift_over_su_max_lt                  ? 
_refine.ls_shift_over_su_mean                    ? 
_refine.ls_shift_over_su_mean_lt                 ? 
_refine.pdbx_ls_sigma_I                          ? 
_refine.pdbx_ls_sigma_F                          ? 
_refine.pdbx_ls_sigma_Fsqd                       ? 
_refine.pdbx_data_cutoff_high_absF               ? 
_refine.pdbx_data_cutoff_high_rms_absF           ? 
_refine.pdbx_data_cutoff_low_absF                ? 
_refine.pdbx_isotropic_thermal_model             ? 
_refine.pdbx_ls_cross_valid_method               THROUGHOUT 
_refine.pdbx_method_to_determine_struct          SIRAS 
_refine.pdbx_starting_model                      ? 
_refine.pdbx_stereochemistry_target_values       ? 
_refine.pdbx_R_Free_selection_details            RANDOM 
_refine.pdbx_stereochem_target_val_spec_case     ? 
_refine.pdbx_overall_ESU_R                       0.305 
_refine.pdbx_overall_ESU_R_Free                  0.254 
_refine.pdbx_solvent_vdw_probe_radii             1.20 
_refine.pdbx_solvent_ion_probe_radii             0.80 
_refine.pdbx_solvent_shrinkage_radii             0.80 
_refine.pdbx_real_space_R                        ? 
_refine.pdbx_density_correlation                 ? 
_refine.pdbx_pd_number_of_powder_patterns        ? 
_refine.pdbx_pd_number_of_points                 ? 
_refine.pdbx_pd_meas_number_of_points            ? 
_refine.pdbx_pd_proc_ls_prof_R_factor            ? 
_refine.pdbx_pd_proc_ls_prof_wR_factor           ? 
_refine.pdbx_pd_Marquardt_correlation_coeff      ? 
_refine.pdbx_pd_Fsqrd_R_factor                   ? 
_refine.pdbx_pd_ls_matrix_band_width             ? 
_refine.pdbx_overall_phase_error                 ? 
_refine.pdbx_overall_SU_R_free_Cruickshank_DPI   ? 
_refine.pdbx_overall_SU_R_free_Blow_DPI          ? 
_refine.pdbx_overall_SU_R_Blow_DPI               ? 
_refine.pdbx_TLS_residual_ADP_flag               ? 
_refine.pdbx_diffrn_id                           1 
_refine.overall_SU_B                             10.556 
_refine.overall_SU_ML                            0.190 
_refine.overall_SU_R_Cruickshank_DPI             ? 
_refine.overall_SU_R_free                        ? 
_refine.overall_FOM_free_R_set                   ? 
_refine.overall_FOM_work_R_set                   ? 
_refine.pdbx_average_fsc_overall                 ? 
_refine.pdbx_average_fsc_work                    ? 
_refine.pdbx_average_fsc_free                    ? 
# 
_refine_hist.pdbx_refine_id                   'X-RAY DIFFRACTION' 
_refine_hist.cycle_id                         1 
_refine_hist.pdbx_number_atoms_protein        758 
_refine_hist.pdbx_number_atoms_nucleic_acid   0 
_refine_hist.pdbx_number_atoms_ligand         0 
_refine_hist.number_atoms_solvent             7 
_refine_hist.number_atoms_total               765 
_refine_hist.d_res_high                       2.85 
_refine_hist.d_res_low                        49.0 
# 
loop_
_refine_ls_restr.pdbx_refine_id 
_refine_ls_restr.criterion 
_refine_ls_restr.dev_ideal 
_refine_ls_restr.dev_ideal_target 
_refine_ls_restr.number 
_refine_ls_restr.rejects 
_refine_ls_restr.type 
_refine_ls_restr.weight 
_refine_ls_restr.pdbx_restraint_function 
'X-RAY DIFFRACTION' ? 0.008  0.020  780  ? r_bond_refined_d             ? ? 
'X-RAY DIFFRACTION' ? ?      ?      ?    ? r_bond_other_d               ? ? 
'X-RAY DIFFRACTION' ? 1.325  2.002  1051 ? r_angle_refined_deg          ? ? 
'X-RAY DIFFRACTION' ? ?      ?      ?    ? r_angle_other_deg            ? ? 
'X-RAY DIFFRACTION' ? 5.159  5.000  103  ? r_dihedral_angle_1_deg       ? ? 
'X-RAY DIFFRACTION' ? 41.126 25.455 22   ? r_dihedral_angle_2_deg       ? ? 
'X-RAY DIFFRACTION' ? 17.676 15.000 151  ? r_dihedral_angle_3_deg       ? ? 
'X-RAY DIFFRACTION' ? 23.192 15.000 2    ? r_dihedral_angle_4_deg       ? ? 
'X-RAY DIFFRACTION' ? 0.088  0.200  120  ? r_chiral_restr               ? ? 
'X-RAY DIFFRACTION' ? 0.004  0.021  551  ? r_gen_planes_refined         ? ? 
'X-RAY DIFFRACTION' ? ?      ?      ?    ? r_gen_planes_other           ? ? 
'X-RAY DIFFRACTION' ? ?      ?      ?    ? r_nbd_refined                ? ? 
'X-RAY DIFFRACTION' ? ?      ?      ?    ? r_nbd_other                  ? ? 
'X-RAY DIFFRACTION' ? ?      ?      ?    ? r_nbtor_refined              ? ? 
'X-RAY DIFFRACTION' ? ?      ?      ?    ? r_nbtor_other                ? ? 
'X-RAY DIFFRACTION' ? ?      ?      ?    ? r_xyhbond_nbd_refined        ? ? 
'X-RAY DIFFRACTION' ? ?      ?      ?    ? r_xyhbond_nbd_other          ? ? 
'X-RAY DIFFRACTION' ? ?      ?      ?    ? r_metal_ion_refined          ? ? 
'X-RAY DIFFRACTION' ? ?      ?      ?    ? r_metal_ion_other            ? ? 
'X-RAY DIFFRACTION' ? ?      ?      ?    ? r_symmetry_vdw_refined       ? ? 
'X-RAY DIFFRACTION' ? ?      ?      ?    ? r_symmetry_vdw_other         ? ? 
'X-RAY DIFFRACTION' ? ?      ?      ?    ? r_symmetry_hbond_refined     ? ? 
'X-RAY DIFFRACTION' ? ?      ?      ?    ? r_symmetry_hbond_other       ? ? 
'X-RAY DIFFRACTION' ? ?      ?      ?    ? r_symmetry_metal_ion_refined ? ? 
'X-RAY DIFFRACTION' ? ?      ?      ?    ? r_symmetry_metal_ion_other   ? ? 
'X-RAY DIFFRACTION' ? 2.859  6.525  412  ? r_mcbond_it                  ? ? 
'X-RAY DIFFRACTION' ? ?      ?      ?    ? r_mcbond_other               ? ? 
'X-RAY DIFFRACTION' ? 4.729  9.773  515  ? r_mcangle_it                 ? ? 
'X-RAY DIFFRACTION' ? ?      ?      ?    ? r_mcangle_other              ? ? 
'X-RAY DIFFRACTION' ? 4.034  6.861  368  ? r_scbond_it                  ? ? 
'X-RAY DIFFRACTION' ? ?      ?      ?    ? r_scbond_other               ? ? 
'X-RAY DIFFRACTION' ? ?      ?      ?    ? r_scangle_it                 ? ? 
'X-RAY DIFFRACTION' ? ?      ?      ?    ? r_scangle_other              ? ? 
'X-RAY DIFFRACTION' ? 9.082  53.028 1144 ? r_long_range_B_refined       ? ? 
'X-RAY DIFFRACTION' ? ?      ?      ?    ? r_long_range_B_other         ? ? 
'X-RAY DIFFRACTION' ? ?      ?      ?    ? r_rigid_bond_restr           ? ? 
'X-RAY DIFFRACTION' ? ?      ?      ?    ? r_sphericity_free            ? ? 
'X-RAY DIFFRACTION' ? ?      ?      ?    ? r_sphericity_bonded          ? ? 
# 
_refine_ls_shell.pdbx_refine_id                   'X-RAY DIFFRACTION' 
_refine_ls_shell.d_res_high                       2.847 
_refine_ls_shell.d_res_low                        2.921 
_refine_ls_shell.number_reflns_all                ? 
_refine_ls_shell.number_reflns_obs                ? 
_refine_ls_shell.number_reflns_R_free             23 
_refine_ls_shell.number_reflns_R_work             413 
_refine_ls_shell.percent_reflns_obs               100.00 
_refine_ls_shell.percent_reflns_R_free            ? 
_refine_ls_shell.R_factor_all                     ? 
_refine_ls_shell.R_factor_obs                     ? 
_refine_ls_shell.R_factor_R_free                  0.519 
_refine_ls_shell.R_factor_R_free_error            ? 
_refine_ls_shell.R_factor_R_work                  0.310 
_refine_ls_shell.redundancy_reflns_all            ? 
_refine_ls_shell.redundancy_reflns_obs            ? 
_refine_ls_shell.wR_factor_all                    ? 
_refine_ls_shell.wR_factor_obs                    ? 
_refine_ls_shell.wR_factor_R_free                 ? 
_refine_ls_shell.wR_factor_R_work                 ? 
_refine_ls_shell.pdbx_total_number_of_bins_used   20 
_refine_ls_shell.pdbx_phase_error                 ? 
_refine_ls_shell.pdbx_fsc_work                    ? 
_refine_ls_shell.pdbx_fsc_free                    ? 
# 
_struct.entry_id                     5KZ9 
_struct.title                        'Crystal structure of the Rous sarcoma virus matrix protein.' 
_struct.pdbx_model_details           ? 
_struct.pdbx_formula_weight          ? 
_struct.pdbx_formula_weight_method   ? 
_struct.pdbx_model_type_details      ? 
_struct.pdbx_CASP_flag               N 
# 
_struct_keywords.entry_id        5KZ9 
_struct_keywords.text            'Viral Protein; Matrix Protein; Membrane Associated Protein, VIRAL PROTEIN' 
_struct_keywords.pdbx_keywords   'VIRAL PROTEIN' 
# 
loop_
_struct_asym.id 
_struct_asym.pdbx_blank_PDB_chainid_flag 
_struct_asym.pdbx_modified 
_struct_asym.entity_id 
_struct_asym.details 
A N N 1 ? 
B N N 2 ? 
# 
_struct_ref.id                         1 
_struct_ref.db_name                    UNP 
_struct_ref.db_code                    POL_RSVP 
_struct_ref.pdbx_db_accession          P03354 
_struct_ref.pdbx_db_isoform            ? 
_struct_ref.entity_id                  1 
_struct_ref.pdbx_seq_one_letter_code   
;MEAVIKVISSACKTYCGKTSPSKKEIGAMLSLLQKEGLLMSPSDLYSPGSWDPITAALSQRAMILGKSGELKTWGLVLGA
LKAAREEQVTSEQAKFWLGLGGGRVSPPGPECIEKPATERRIDKGEEVGETTVQRDAKMAPEETATPKTVGTSCY
;
_struct_ref.pdbx_align_begin           1 
# 
_struct_ref_seq.align_id                      1 
_struct_ref_seq.ref_id                        1 
_struct_ref_seq.pdbx_PDB_id_code              5KZ9 
_struct_ref_seq.pdbx_strand_id                A 
_struct_ref_seq.seq_align_beg                 1 
_struct_ref_seq.pdbx_seq_align_beg_ins_code   ? 
_struct_ref_seq.seq_align_end                 155 
_struct_ref_seq.pdbx_seq_align_end_ins_code   ? 
_struct_ref_seq.pdbx_db_accession             P03354 
_struct_ref_seq.db_align_beg                  1 
_struct_ref_seq.pdbx_db_align_beg_ins_code    ? 
_struct_ref_seq.db_align_end                  155 
_struct_ref_seq.pdbx_db_align_end_ins_code    ? 
_struct_ref_seq.pdbx_auth_seq_align_beg       1 
_struct_ref_seq.pdbx_auth_seq_align_end       155 
# 
loop_
_struct_ref_seq_dif.align_id 
_struct_ref_seq_dif.pdbx_pdb_id_code 
_struct_ref_seq_dif.mon_id 
_struct_ref_seq_dif.pdbx_pdb_strand_id 
_struct_ref_seq_dif.seq_num 
_struct_ref_seq_dif.pdbx_pdb_ins_code 
_struct_ref_seq_dif.pdbx_seq_db_name 
_struct_ref_seq_dif.pdbx_seq_db_accession_code 
_struct_ref_seq_dif.db_mon_id 
_struct_ref_seq_dif.pdbx_seq_db_seq_num 
_struct_ref_seq_dif.details 
_struct_ref_seq_dif.pdbx_auth_seq_num 
_struct_ref_seq_dif.pdbx_ordinal 
1 5KZ9 ARG A 156 ? UNP P03354 ? ? 'expression tag' 156 1 
1 5KZ9 SER A 157 ? UNP P03354 ? ? 'expression tag' 157 2 
1 5KZ9 HIS A 158 ? UNP P03354 ? ? 'expression tag' 158 3 
1 5KZ9 HIS A 159 ? UNP P03354 ? ? 'expression tag' 159 4 
1 5KZ9 HIS A 160 ? UNP P03354 ? ? 'expression tag' 160 5 
1 5KZ9 HIS A 161 ? UNP P03354 ? ? 'expression tag' 161 6 
1 5KZ9 HIS A 162 ? UNP P03354 ? ? 'expression tag' 162 7 
1 5KZ9 HIS A 163 ? UNP P03354 ? ? 'expression tag' 163 8 
# 
loop_
_pdbx_struct_assembly.id 
_pdbx_struct_assembly.details 
_pdbx_struct_assembly.method_details 
_pdbx_struct_assembly.oligomeric_details 
_pdbx_struct_assembly.oligomeric_count 
1 author_defined_assembly   ?    monomeric  1 
2 software_defined_assembly PISA tetrameric 4 
# 
loop_
_pdbx_struct_assembly_prop.biol_id 
_pdbx_struct_assembly_prop.type 
_pdbx_struct_assembly_prop.value 
_pdbx_struct_assembly_prop.details 
2 'ABSA (A^2)' 8380  ? 
2 MORE         -73   ? 
2 'SSA (A^2)'  18330 ? 
# 
loop_
_pdbx_struct_assembly_gen.assembly_id 
_pdbx_struct_assembly_gen.oper_expression 
_pdbx_struct_assembly_gen.asym_id_list 
1 1       A,B 
2 1,2,3,4 A,B 
# 
loop_
_pdbx_struct_oper_list.id 
_pdbx_struct_oper_list.type 
_pdbx_struct_oper_list.name 
_pdbx_struct_oper_list.symmetry_operation 
_pdbx_struct_oper_list.matrix[1][1] 
_pdbx_struct_oper_list.matrix[1][2] 
_pdbx_struct_oper_list.matrix[1][3] 
_pdbx_struct_oper_list.vector[1] 
_pdbx_struct_oper_list.matrix[2][1] 
_pdbx_struct_oper_list.matrix[2][2] 
_pdbx_struct_oper_list.matrix[2][3] 
_pdbx_struct_oper_list.vector[2] 
_pdbx_struct_oper_list.matrix[3][1] 
_pdbx_struct_oper_list.matrix[3][2] 
_pdbx_struct_oper_list.matrix[3][3] 
_pdbx_struct_oper_list.vector[3] 
1 'identity operation'         1_555  x,y,z       1.0000000000  0.0000000000  0.0000000000  0.0000000000   0.0000000000  1.0000000000  0.0000000000  0.0000000000   0.0000000000  0.0000000000  1.0000000000  0.0000000000  
2 'crystal symmetry operation' 8_555  -y,-x,-z    0.1623281631  0.3734268138  0.9133465838  -23.5922070255 0.3734268138  -0.8800273540 0.2934352926  4.1182285293   0.9133465838  0.2934352926  -0.2823008091 28.3397673518 
3 'crystal symmetry operation' 10_465 -x-1,-y+1,z -0.3770777343 -0.8008061781 -0.4653190813 -6.6905924465  -0.8008061781 0.0294872574  0.5981972641  -15.5031612141 -0.4653190813 0.5981972641  -0.6524095231 17.7239846932 
4 'crystal symmetry operation' 15_465 y-1,x+1,-z  -0.7852504288 0.4273793643  -0.4480275025 -14.2794338316 0.4273793643  -0.1494599034 -0.8916325567 20.4638304867  -0.4480275025 -0.8916325567 -0.0652896678 12.6762677298 
# 
loop_
_struct_conf.conf_type_id 
_struct_conf.id 
_struct_conf.pdbx_PDB_helix_id 
_struct_conf.beg_label_comp_id 
_struct_conf.beg_label_asym_id 
_struct_conf.beg_label_seq_id 
_struct_conf.pdbx_beg_PDB_ins_code 
_struct_conf.end_label_comp_id 
_struct_conf.end_label_asym_id 
_struct_conf.end_label_seq_id 
_struct_conf.pdbx_end_PDB_ins_code 
_struct_conf.beg_auth_comp_id 
_struct_conf.beg_auth_asym_id 
_struct_conf.beg_auth_seq_id 
_struct_conf.end_auth_comp_id 
_struct_conf.end_auth_asym_id 
_struct_conf.end_auth_seq_id 
_struct_conf.pdbx_PDB_helix_class 
_struct_conf.details 
_struct_conf.pdbx_PDB_helix_length 
HELX_P HELX_P1 AA1 MET A 1  ? CYS A 16  ? MET A 1  CYS A 16  1 ? 16 
HELX_P HELX_P2 AA2 GLY A 17 ? SER A 20  ? GLY A 17 SER A 20  5 ? 4  
HELX_P HELX_P3 AA3 SER A 22 ? GLU A 36  ? SER A 22 GLU A 36  1 ? 15 
HELX_P HELX_P4 AA4 SER A 41 ? GLY A 49  ? SER A 41 GLY A 49  5 ? 9  
HELX_P HELX_P5 AA5 SER A 50 ? LEU A 65  ? SER A 50 LEU A 65  1 ? 16 
HELX_P HELX_P6 AA6 SER A 68 ? GLN A 88  ? SER A 68 GLN A 88  1 ? 21 
HELX_P HELX_P7 AA7 VAL A 89 ? GLY A 102 ? VAL A 89 GLY A 102 1 ? 14 
# 
_struct_conf_type.id          HELX_P 
_struct_conf_type.criteria    ? 
_struct_conf_type.reference   ? 
# 
loop_
_pdbx_unobs_or_zero_occ_residues.id 
_pdbx_unobs_or_zero_occ_residues.PDB_model_num 
_pdbx_unobs_or_zero_occ_residues.polymer_flag 
_pdbx_unobs_or_zero_occ_residues.occupancy_flag 
_pdbx_unobs_or_zero_occ_residues.auth_asym_id 
_pdbx_unobs_or_zero_occ_residues.auth_comp_id 
_pdbx_unobs_or_zero_occ_residues.auth_seq_id 
_pdbx_unobs_or_zero_occ_residues.PDB_ins_code 
_pdbx_unobs_or_zero_occ_residues.label_asym_id 
_pdbx_unobs_or_zero_occ_residues.label_comp_id 
_pdbx_unobs_or_zero_occ_residues.label_seq_id 
1  1 Y 1 A GLY 103 ? A GLY 103 
2  1 Y 1 A ARG 104 ? A ARG 104 
3  1 Y 1 A VAL 105 ? A VAL 105 
4  1 Y 1 A SER 106 ? A SER 106 
5  1 Y 1 A PRO 107 ? A PRO 107 
6  1 Y 1 A PRO 108 ? A PRO 108 
7  1 Y 1 A GLY 109 ? A GLY 109 
8  1 Y 1 A PRO 110 ? A PRO 110 
9  1 Y 1 A GLU 111 ? A GLU 111 
10 1 Y 1 A CYS 112 ? A CYS 112 
11 1 Y 1 A ILE 113 ? A ILE 113 
12 1 Y 1 A GLU 114 ? A GLU 114 
13 1 Y 1 A LYS 115 ? A LYS 115 
14 1 Y 1 A PRO 116 ? A PRO 116 
15 1 Y 1 A ALA 117 ? A ALA 117 
16 1 Y 1 A THR 118 ? A THR 118 
17 1 Y 1 A GLU 119 ? A GLU 119 
18 1 Y 1 A ARG 120 ? A ARG 120 
19 1 Y 1 A ARG 121 ? A ARG 121 
20 1 Y 1 A ILE 122 ? A ILE 122 
21 1 Y 1 A ASP 123 ? A ASP 123 
22 1 Y 1 A LYS 124 ? A LYS 124 
23 1 Y 1 A GLY 125 ? A GLY 125 
24 1 Y 1 A GLU 126 ? A GLU 126 
25 1 Y 1 A GLU 127 ? A GLU 127 
26 1 Y 1 A VAL 128 ? A VAL 128 
27 1 Y 1 A GLY 129 ? A GLY 129 
28 1 Y 1 A GLU 130 ? A GLU 130 
29 1 Y 1 A THR 131 ? A THR 131 
30 1 Y 1 A THR 132 ? A THR 132 
31 1 Y 1 A VAL 133 ? A VAL 133 
32 1 Y 1 A GLN 134 ? A GLN 134 
33 1 Y 1 A ARG 135 ? A ARG 135 
34 1 Y 1 A ASP 136 ? A ASP 136 
35 1 Y 1 A ALA 137 ? A ALA 137 
36 1 Y 1 A LYS 138 ? A LYS 138 
37 1 Y 1 A MET 139 ? A MET 139 
38 1 Y 1 A ALA 140 ? A ALA 140 
39 1 Y 1 A PRO 141 ? A PRO 141 
40 1 Y 1 A GLU 142 ? A GLU 142 
41 1 Y 1 A GLU 143 ? A GLU 143 
42 1 Y 1 A THR 144 ? A THR 144 
43 1 Y 1 A ALA 145 ? A ALA 145 
44 1 Y 1 A THR 146 ? A THR 146 
45 1 Y 1 A PRO 147 ? A PRO 147 
46 1 Y 1 A LYS 148 ? A LYS 148 
47 1 Y 1 A THR 149 ? A THR 149 
48 1 Y 1 A VAL 150 ? A VAL 150 
49 1 Y 1 A GLY 151 ? A GLY 151 
50 1 Y 1 A THR 152 ? A THR 152 
51 1 Y 1 A SER 153 ? A SER 153 
52 1 Y 1 A CYS 154 ? A CYS 154 
53 1 Y 1 A TYR 155 ? A TYR 155 
54 1 Y 1 A ARG 156 ? A ARG 156 
55 1 Y 1 A SER 157 ? A SER 157 
56 1 Y 1 A HIS 158 ? A HIS 158 
57 1 Y 1 A HIS 159 ? A HIS 159 
58 1 Y 1 A HIS 160 ? A HIS 160 
59 1 Y 1 A HIS 161 ? A HIS 161 
60 1 Y 1 A HIS 162 ? A HIS 162 
61 1 Y 1 A HIS 163 ? A HIS 163 
# 
loop_
_chem_comp_atom.comp_id 
_chem_comp_atom.atom_id 
_chem_comp_atom.type_symbol 
_chem_comp_atom.pdbx_aromatic_flag 
_chem_comp_atom.pdbx_stereo_config 
_chem_comp_atom.pdbx_ordinal 
ALA N    N N N 1   
ALA CA   C N S 2   
ALA C    C N N 3   
ALA O    O N N 4   
ALA CB   C N N 5   
ALA OXT  O N N 6   
ALA H    H N N 7   
ALA H2   H N N 8   
ALA HA   H N N 9   
ALA HB1  H N N 10  
ALA HB2  H N N 11  
ALA HB3  H N N 12  
ALA HXT  H N N 13  
ARG N    N N N 14  
ARG CA   C N S 15  
ARG C    C N N 16  
ARG O    O N N 17  
ARG CB   C N N 18  
ARG CG   C N N 19  
ARG CD   C N N 20  
ARG NE   N N N 21  
ARG CZ   C N N 22  
ARG NH1  N N N 23  
ARG NH2  N N N 24  
ARG OXT  O N N 25  
ARG H    H N N 26  
ARG H2   H N N 27  
ARG HA   H N N 28  
ARG HB2  H N N 29  
ARG HB3  H N N 30  
ARG HG2  H N N 31  
ARG HG3  H N N 32  
ARG HD2  H N N 33  
ARG HD3  H N N 34  
ARG HE   H N N 35  
ARG HH11 H N N 36  
ARG HH12 H N N 37  
ARG HH21 H N N 38  
ARG HH22 H N N 39  
ARG HXT  H N N 40  
ASP N    N N N 41  
ASP CA   C N S 42  
ASP C    C N N 43  
ASP O    O N N 44  
ASP CB   C N N 45  
ASP CG   C N N 46  
ASP OD1  O N N 47  
ASP OD2  O N N 48  
ASP OXT  O N N 49  
ASP H    H N N 50  
ASP H2   H N N 51  
ASP HA   H N N 52  
ASP HB2  H N N 53  
ASP HB3  H N N 54  
ASP HD2  H N N 55  
ASP HXT  H N N 56  
CYS N    N N N 57  
CYS CA   C N R 58  
CYS C    C N N 59  
CYS O    O N N 60  
CYS CB   C N N 61  
CYS SG   S N N 62  
CYS OXT  O N N 63  
CYS H    H N N 64  
CYS H2   H N N 65  
CYS HA   H N N 66  
CYS HB2  H N N 67  
CYS HB3  H N N 68  
CYS HG   H N N 69  
CYS HXT  H N N 70  
GLN N    N N N 71  
GLN CA   C N S 72  
GLN C    C N N 73  
GLN O    O N N 74  
GLN CB   C N N 75  
GLN CG   C N N 76  
GLN CD   C N N 77  
GLN OE1  O N N 78  
GLN NE2  N N N 79  
GLN OXT  O N N 80  
GLN H    H N N 81  
GLN H2   H N N 82  
GLN HA   H N N 83  
GLN HB2  H N N 84  
GLN HB3  H N N 85  
GLN HG2  H N N 86  
GLN HG3  H N N 87  
GLN HE21 H N N 88  
GLN HE22 H N N 89  
GLN HXT  H N N 90  
GLU N    N N N 91  
GLU CA   C N S 92  
GLU C    C N N 93  
GLU O    O N N 94  
GLU CB   C N N 95  
GLU CG   C N N 96  
GLU CD   C N N 97  
GLU OE1  O N N 98  
GLU OE2  O N N 99  
GLU OXT  O N N 100 
GLU H    H N N 101 
GLU H2   H N N 102 
GLU HA   H N N 103 
GLU HB2  H N N 104 
GLU HB3  H N N 105 
GLU HG2  H N N 106 
GLU HG3  H N N 107 
GLU HE2  H N N 108 
GLU HXT  H N N 109 
GLY N    N N N 110 
GLY CA   C N N 111 
GLY C    C N N 112 
GLY O    O N N 113 
GLY OXT  O N N 114 
GLY H    H N N 115 
GLY H2   H N N 116 
GLY HA2  H N N 117 
GLY HA3  H N N 118 
GLY HXT  H N N 119 
HIS N    N N N 120 
HIS CA   C N S 121 
HIS C    C N N 122 
HIS O    O N N 123 
HIS CB   C N N 124 
HIS CG   C Y N 125 
HIS ND1  N Y N 126 
HIS CD2  C Y N 127 
HIS CE1  C Y N 128 
HIS NE2  N Y N 129 
HIS OXT  O N N 130 
HIS H    H N N 131 
HIS H2   H N N 132 
HIS HA   H N N 133 
HIS HB2  H N N 134 
HIS HB3  H N N 135 
HIS HD1  H N N 136 
HIS HD2  H N N 137 
HIS HE1  H N N 138 
HIS HE2  H N N 139 
HIS HXT  H N N 140 
HOH O    O N N 141 
HOH H1   H N N 142 
HOH H2   H N N 143 
ILE N    N N N 144 
ILE CA   C N S 145 
ILE C    C N N 146 
ILE O    O N N 147 
ILE CB   C N S 148 
ILE CG1  C N N 149 
ILE CG2  C N N 150 
ILE CD1  C N N 151 
ILE OXT  O N N 152 
ILE H    H N N 153 
ILE H2   H N N 154 
ILE HA   H N N 155 
ILE HB   H N N 156 
ILE HG12 H N N 157 
ILE HG13 H N N 158 
ILE HG21 H N N 159 
ILE HG22 H N N 160 
ILE HG23 H N N 161 
ILE HD11 H N N 162 
ILE HD12 H N N 163 
ILE HD13 H N N 164 
ILE HXT  H N N 165 
LEU N    N N N 166 
LEU CA   C N S 167 
LEU C    C N N 168 
LEU O    O N N 169 
LEU CB   C N N 170 
LEU CG   C N N 171 
LEU CD1  C N N 172 
LEU CD2  C N N 173 
LEU OXT  O N N 174 
LEU H    H N N 175 
LEU H2   H N N 176 
LEU HA   H N N 177 
LEU HB2  H N N 178 
LEU HB3  H N N 179 
LEU HG   H N N 180 
LEU HD11 H N N 181 
LEU HD12 H N N 182 
LEU HD13 H N N 183 
LEU HD21 H N N 184 
LEU HD22 H N N 185 
LEU HD23 H N N 186 
LEU HXT  H N N 187 
LYS N    N N N 188 
LYS CA   C N S 189 
LYS C    C N N 190 
LYS O    O N N 191 
LYS CB   C N N 192 
LYS CG   C N N 193 
LYS CD   C N N 194 
LYS CE   C N N 195 
LYS NZ   N N N 196 
LYS OXT  O N N 197 
LYS H    H N N 198 
LYS H2   H N N 199 
LYS HA   H N N 200 
LYS HB2  H N N 201 
LYS HB3  H N N 202 
LYS HG2  H N N 203 
LYS HG3  H N N 204 
LYS HD2  H N N 205 
LYS HD3  H N N 206 
LYS HE2  H N N 207 
LYS HE3  H N N 208 
LYS HZ1  H N N 209 
LYS HZ2  H N N 210 
LYS HZ3  H N N 211 
LYS HXT  H N N 212 
MET N    N N N 213 
MET CA   C N S 214 
MET C    C N N 215 
MET O    O N N 216 
MET CB   C N N 217 
MET CG   C N N 218 
MET SD   S N N 219 
MET CE   C N N 220 
MET OXT  O N N 221 
MET H    H N N 222 
MET H2   H N N 223 
MET HA   H N N 224 
MET HB2  H N N 225 
MET HB3  H N N 226 
MET HG2  H N N 227 
MET HG3  H N N 228 
MET HE1  H N N 229 
MET HE2  H N N 230 
MET HE3  H N N 231 
MET HXT  H N N 232 
PHE N    N N N 233 
PHE CA   C N S 234 
PHE C    C N N 235 
PHE O    O N N 236 
PHE CB   C N N 237 
PHE CG   C Y N 238 
PHE CD1  C Y N 239 
PHE CD2  C Y N 240 
PHE CE1  C Y N 241 
PHE CE2  C Y N 242 
PHE CZ   C Y N 243 
PHE OXT  O N N 244 
PHE H    H N N 245 
PHE H2   H N N 246 
PHE HA   H N N 247 
PHE HB2  H N N 248 
PHE HB3  H N N 249 
PHE HD1  H N N 250 
PHE HD2  H N N 251 
PHE HE1  H N N 252 
PHE HE2  H N N 253 
PHE HZ   H N N 254 
PHE HXT  H N N 255 
PRO N    N N N 256 
PRO CA   C N S 257 
PRO C    C N N 258 
PRO O    O N N 259 
PRO CB   C N N 260 
PRO CG   C N N 261 
PRO CD   C N N 262 
PRO OXT  O N N 263 
PRO H    H N N 264 
PRO HA   H N N 265 
PRO HB2  H N N 266 
PRO HB3  H N N 267 
PRO HG2  H N N 268 
PRO HG3  H N N 269 
PRO HD2  H N N 270 
PRO HD3  H N N 271 
PRO HXT  H N N 272 
SER N    N N N 273 
SER CA   C N S 274 
SER C    C N N 275 
SER O    O N N 276 
SER CB   C N N 277 
SER OG   O N N 278 
SER OXT  O N N 279 
SER H    H N N 280 
SER H2   H N N 281 
SER HA   H N N 282 
SER HB2  H N N 283 
SER HB3  H N N 284 
SER HG   H N N 285 
SER HXT  H N N 286 
THR N    N N N 287 
THR CA   C N S 288 
THR C    C N N 289 
THR O    O N N 290 
THR CB   C N R 291 
THR OG1  O N N 292 
THR CG2  C N N 293 
THR OXT  O N N 294 
THR H    H N N 295 
THR H2   H N N 296 
THR HA   H N N 297 
THR HB   H N N 298 
THR HG1  H N N 299 
THR HG21 H N N 300 
THR HG22 H N N 301 
THR HG23 H N N 302 
THR HXT  H N N 303 
TRP N    N N N 304 
TRP CA   C N S 305 
TRP C    C N N 306 
TRP O    O N N 307 
TRP CB   C N N 308 
TRP CG   C Y N 309 
TRP CD1  C Y N 310 
TRP CD2  C Y N 311 
TRP NE1  N Y N 312 
TRP CE2  C Y N 313 
TRP CE3  C Y N 314 
TRP CZ2  C Y N 315 
TRP CZ3  C Y N 316 
TRP CH2  C Y N 317 
TRP OXT  O N N 318 
TRP H    H N N 319 
TRP H2   H N N 320 
TRP HA   H N N 321 
TRP HB2  H N N 322 
TRP HB3  H N N 323 
TRP HD1  H N N 324 
TRP HE1  H N N 325 
TRP HE3  H N N 326 
TRP HZ2  H N N 327 
TRP HZ3  H N N 328 
TRP HH2  H N N 329 
TRP HXT  H N N 330 
TYR N    N N N 331 
TYR CA   C N S 332 
TYR C    C N N 333 
TYR O    O N N 334 
TYR CB   C N N 335 
TYR CG   C Y N 336 
TYR CD1  C Y N 337 
TYR CD2  C Y N 338 
TYR CE1  C Y N 339 
TYR CE2  C Y N 340 
TYR CZ   C Y N 341 
TYR OH   O N N 342 
TYR OXT  O N N 343 
TYR H    H N N 344 
TYR H2   H N N 345 
TYR HA   H N N 346 
TYR HB2  H N N 347 
TYR HB3  H N N 348 
TYR HD1  H N N 349 
TYR HD2  H N N 350 
TYR HE1  H N N 351 
TYR HE2  H N N 352 
TYR HH   H N N 353 
TYR HXT  H N N 354 
VAL N    N N N 355 
VAL CA   C N S 356 
VAL C    C N N 357 
VAL O    O N N 358 
VAL CB   C N N 359 
VAL CG1  C N N 360 
VAL CG2  C N N 361 
VAL OXT  O N N 362 
VAL H    H N N 363 
VAL H2   H N N 364 
VAL HA   H N N 365 
VAL HB   H N N 366 
VAL HG11 H N N 367 
VAL HG12 H N N 368 
VAL HG13 H N N 369 
VAL HG21 H N N 370 
VAL HG22 H N N 371 
VAL HG23 H N N 372 
VAL HXT  H N N 373 
# 
loop_
_chem_comp_bond.comp_id 
_chem_comp_bond.atom_id_1 
_chem_comp_bond.atom_id_2 
_chem_comp_bond.value_order 
_chem_comp_bond.pdbx_aromatic_flag 
_chem_comp_bond.pdbx_stereo_config 
_chem_comp_bond.pdbx_ordinal 
ALA N   CA   sing N N 1   
ALA N   H    sing N N 2   
ALA N   H2   sing N N 3   
ALA CA  C    sing N N 4   
ALA CA  CB   sing N N 5   
ALA CA  HA   sing N N 6   
ALA C   O    doub N N 7   
ALA C   OXT  sing N N 8   
ALA CB  HB1  sing N N 9   
ALA CB  HB2  sing N N 10  
ALA CB  HB3  sing N N 11  
ALA OXT HXT  sing N N 12  
ARG N   CA   sing N N 13  
ARG N   H    sing N N 14  
ARG N   H2   sing N N 15  
ARG CA  C    sing N N 16  
ARG CA  CB   sing N N 17  
ARG CA  HA   sing N N 18  
ARG C   O    doub N N 19  
ARG C   OXT  sing N N 20  
ARG CB  CG   sing N N 21  
ARG CB  HB2  sing N N 22  
ARG CB  HB3  sing N N 23  
ARG CG  CD   sing N N 24  
ARG CG  HG2  sing N N 25  
ARG CG  HG3  sing N N 26  
ARG CD  NE   sing N N 27  
ARG CD  HD2  sing N N 28  
ARG CD  HD3  sing N N 29  
ARG NE  CZ   sing N N 30  
ARG NE  HE   sing N N 31  
ARG CZ  NH1  sing N N 32  
ARG CZ  NH2  doub N N 33  
ARG NH1 HH11 sing N N 34  
ARG NH1 HH12 sing N N 35  
ARG NH2 HH21 sing N N 36  
ARG NH2 HH22 sing N N 37  
ARG OXT HXT  sing N N 38  
ASP N   CA   sing N N 39  
ASP N   H    sing N N 40  
ASP N   H2   sing N N 41  
ASP CA  C    sing N N 42  
ASP CA  CB   sing N N 43  
ASP CA  HA   sing N N 44  
ASP C   O    doub N N 45  
ASP C   OXT  sing N N 46  
ASP CB  CG   sing N N 47  
ASP CB  HB2  sing N N 48  
ASP CB  HB3  sing N N 49  
ASP CG  OD1  doub N N 50  
ASP CG  OD2  sing N N 51  
ASP OD2 HD2  sing N N 52  
ASP OXT HXT  sing N N 53  
CYS N   CA   sing N N 54  
CYS N   H    sing N N 55  
CYS N   H2   sing N N 56  
CYS CA  C    sing N N 57  
CYS CA  CB   sing N N 58  
CYS CA  HA   sing N N 59  
CYS C   O    doub N N 60  
CYS C   OXT  sing N N 61  
CYS CB  SG   sing N N 62  
CYS CB  HB2  sing N N 63  
CYS CB  HB3  sing N N 64  
CYS SG  HG   sing N N 65  
CYS OXT HXT  sing N N 66  
GLN N   CA   sing N N 67  
GLN N   H    sing N N 68  
GLN N   H2   sing N N 69  
GLN CA  C    sing N N 70  
GLN CA  CB   sing N N 71  
GLN CA  HA   sing N N 72  
GLN C   O    doub N N 73  
GLN C   OXT  sing N N 74  
GLN CB  CG   sing N N 75  
GLN CB  HB2  sing N N 76  
GLN CB  HB3  sing N N 77  
GLN CG  CD   sing N N 78  
GLN CG  HG2  sing N N 79  
GLN CG  HG3  sing N N 80  
GLN CD  OE1  doub N N 81  
GLN CD  NE2  sing N N 82  
GLN NE2 HE21 sing N N 83  
GLN NE2 HE22 sing N N 84  
GLN OXT HXT  sing N N 85  
GLU N   CA   sing N N 86  
GLU N   H    sing N N 87  
GLU N   H2   sing N N 88  
GLU CA  C    sing N N 89  
GLU CA  CB   sing N N 90  
GLU CA  HA   sing N N 91  
GLU C   O    doub N N 92  
GLU C   OXT  sing N N 93  
GLU CB  CG   sing N N 94  
GLU CB  HB2  sing N N 95  
GLU CB  HB3  sing N N 96  
GLU CG  CD   sing N N 97  
GLU CG  HG2  sing N N 98  
GLU CG  HG3  sing N N 99  
GLU CD  OE1  doub N N 100 
GLU CD  OE2  sing N N 101 
GLU OE2 HE2  sing N N 102 
GLU OXT HXT  sing N N 103 
GLY N   CA   sing N N 104 
GLY N   H    sing N N 105 
GLY N   H2   sing N N 106 
GLY CA  C    sing N N 107 
GLY CA  HA2  sing N N 108 
GLY CA  HA3  sing N N 109 
GLY C   O    doub N N 110 
GLY C   OXT  sing N N 111 
GLY OXT HXT  sing N N 112 
HIS N   CA   sing N N 113 
HIS N   H    sing N N 114 
HIS N   H2   sing N N 115 
HIS CA  C    sing N N 116 
HIS CA  CB   sing N N 117 
HIS CA  HA   sing N N 118 
HIS C   O    doub N N 119 
HIS C   OXT  sing N N 120 
HIS CB  CG   sing N N 121 
HIS CB  HB2  sing N N 122 
HIS CB  HB3  sing N N 123 
HIS CG  ND1  sing Y N 124 
HIS CG  CD2  doub Y N 125 
HIS ND1 CE1  doub Y N 126 
HIS ND1 HD1  sing N N 127 
HIS CD2 NE2  sing Y N 128 
HIS CD2 HD2  sing N N 129 
HIS CE1 NE2  sing Y N 130 
HIS CE1 HE1  sing N N 131 
HIS NE2 HE2  sing N N 132 
HIS OXT HXT  sing N N 133 
HOH O   H1   sing N N 134 
HOH O   H2   sing N N 135 
ILE N   CA   sing N N 136 
ILE N   H    sing N N 137 
ILE N   H2   sing N N 138 
ILE CA  C    sing N N 139 
ILE CA  CB   sing N N 140 
ILE CA  HA   sing N N 141 
ILE C   O    doub N N 142 
ILE C   OXT  sing N N 143 
ILE CB  CG1  sing N N 144 
ILE CB  CG2  sing N N 145 
ILE CB  HB   sing N N 146 
ILE CG1 CD1  sing N N 147 
ILE CG1 HG12 sing N N 148 
ILE CG1 HG13 sing N N 149 
ILE CG2 HG21 sing N N 150 
ILE CG2 HG22 sing N N 151 
ILE CG2 HG23 sing N N 152 
ILE CD1 HD11 sing N N 153 
ILE CD1 HD12 sing N N 154 
ILE CD1 HD13 sing N N 155 
ILE OXT HXT  sing N N 156 
LEU N   CA   sing N N 157 
LEU N   H    sing N N 158 
LEU N   H2   sing N N 159 
LEU CA  C    sing N N 160 
LEU CA  CB   sing N N 161 
LEU CA  HA   sing N N 162 
LEU C   O    doub N N 163 
LEU C   OXT  sing N N 164 
LEU CB  CG   sing N N 165 
LEU CB  HB2  sing N N 166 
LEU CB  HB3  sing N N 167 
LEU CG  CD1  sing N N 168 
LEU CG  CD2  sing N N 169 
LEU CG  HG   sing N N 170 
LEU CD1 HD11 sing N N 171 
LEU CD1 HD12 sing N N 172 
LEU CD1 HD13 sing N N 173 
LEU CD2 HD21 sing N N 174 
LEU CD2 HD22 sing N N 175 
LEU CD2 HD23 sing N N 176 
LEU OXT HXT  sing N N 177 
LYS N   CA   sing N N 178 
LYS N   H    sing N N 179 
LYS N   H2   sing N N 180 
LYS CA  C    sing N N 181 
LYS CA  CB   sing N N 182 
LYS CA  HA   sing N N 183 
LYS C   O    doub N N 184 
LYS C   OXT  sing N N 185 
LYS CB  CG   sing N N 186 
LYS CB  HB2  sing N N 187 
LYS CB  HB3  sing N N 188 
LYS CG  CD   sing N N 189 
LYS CG  HG2  sing N N 190 
LYS CG  HG3  sing N N 191 
LYS CD  CE   sing N N 192 
LYS CD  HD2  sing N N 193 
LYS CD  HD3  sing N N 194 
LYS CE  NZ   sing N N 195 
LYS CE  HE2  sing N N 196 
LYS CE  HE3  sing N N 197 
LYS NZ  HZ1  sing N N 198 
LYS NZ  HZ2  sing N N 199 
LYS NZ  HZ3  sing N N 200 
LYS OXT HXT  sing N N 201 
MET N   CA   sing N N 202 
MET N   H    sing N N 203 
MET N   H2   sing N N 204 
MET CA  C    sing N N 205 
MET CA  CB   sing N N 206 
MET CA  HA   sing N N 207 
MET C   O    doub N N 208 
MET C   OXT  sing N N 209 
MET CB  CG   sing N N 210 
MET CB  HB2  sing N N 211 
MET CB  HB3  sing N N 212 
MET CG  SD   sing N N 213 
MET CG  HG2  sing N N 214 
MET CG  HG3  sing N N 215 
MET SD  CE   sing N N 216 
MET CE  HE1  sing N N 217 
MET CE  HE2  sing N N 218 
MET CE  HE3  sing N N 219 
MET OXT HXT  sing N N 220 
PHE N   CA   sing N N 221 
PHE N   H    sing N N 222 
PHE N   H2   sing N N 223 
PHE CA  C    sing N N 224 
PHE CA  CB   sing N N 225 
PHE CA  HA   sing N N 226 
PHE C   O    doub N N 227 
PHE C   OXT  sing N N 228 
PHE CB  CG   sing N N 229 
PHE CB  HB2  sing N N 230 
PHE CB  HB3  sing N N 231 
PHE CG  CD1  doub Y N 232 
PHE CG  CD2  sing Y N 233 
PHE CD1 CE1  sing Y N 234 
PHE CD1 HD1  sing N N 235 
PHE CD2 CE2  doub Y N 236 
PHE CD2 HD2  sing N N 237 
PHE CE1 CZ   doub Y N 238 
PHE CE1 HE1  sing N N 239 
PHE CE2 CZ   sing Y N 240 
PHE CE2 HE2  sing N N 241 
PHE CZ  HZ   sing N N 242 
PHE OXT HXT  sing N N 243 
PRO N   CA   sing N N 244 
PRO N   CD   sing N N 245 
PRO N   H    sing N N 246 
PRO CA  C    sing N N 247 
PRO CA  CB   sing N N 248 
PRO CA  HA   sing N N 249 
PRO C   O    doub N N 250 
PRO C   OXT  sing N N 251 
PRO CB  CG   sing N N 252 
PRO CB  HB2  sing N N 253 
PRO CB  HB3  sing N N 254 
PRO CG  CD   sing N N 255 
PRO CG  HG2  sing N N 256 
PRO CG  HG3  sing N N 257 
PRO CD  HD2  sing N N 258 
PRO CD  HD3  sing N N 259 
PRO OXT HXT  sing N N 260 
SER N   CA   sing N N 261 
SER N   H    sing N N 262 
SER N   H2   sing N N 263 
SER CA  C    sing N N 264 
SER CA  CB   sing N N 265 
SER CA  HA   sing N N 266 
SER C   O    doub N N 267 
SER C   OXT  sing N N 268 
SER CB  OG   sing N N 269 
SER CB  HB2  sing N N 270 
SER CB  HB3  sing N N 271 
SER OG  HG   sing N N 272 
SER OXT HXT  sing N N 273 
THR N   CA   sing N N 274 
THR N   H    sing N N 275 
THR N   H2   sing N N 276 
THR CA  C    sing N N 277 
THR CA  CB   sing N N 278 
THR CA  HA   sing N N 279 
THR C   O    doub N N 280 
THR C   OXT  sing N N 281 
THR CB  OG1  sing N N 282 
THR CB  CG2  sing N N 283 
THR CB  HB   sing N N 284 
THR OG1 HG1  sing N N 285 
THR CG2 HG21 sing N N 286 
THR CG2 HG22 sing N N 287 
THR CG2 HG23 sing N N 288 
THR OXT HXT  sing N N 289 
TRP N   CA   sing N N 290 
TRP N   H    sing N N 291 
TRP N   H2   sing N N 292 
TRP CA  C    sing N N 293 
TRP CA  CB   sing N N 294 
TRP CA  HA   sing N N 295 
TRP C   O    doub N N 296 
TRP C   OXT  sing N N 297 
TRP CB  CG   sing N N 298 
TRP CB  HB2  sing N N 299 
TRP CB  HB3  sing N N 300 
TRP CG  CD1  doub Y N 301 
TRP CG  CD2  sing Y N 302 
TRP CD1 NE1  sing Y N 303 
TRP CD1 HD1  sing N N 304 
TRP CD2 CE2  doub Y N 305 
TRP CD2 CE3  sing Y N 306 
TRP NE1 CE2  sing Y N 307 
TRP NE1 HE1  sing N N 308 
TRP CE2 CZ2  sing Y N 309 
TRP CE3 CZ3  doub Y N 310 
TRP CE3 HE3  sing N N 311 
TRP CZ2 CH2  doub Y N 312 
TRP CZ2 HZ2  sing N N 313 
TRP CZ3 CH2  sing Y N 314 
TRP CZ3 HZ3  sing N N 315 
TRP CH2 HH2  sing N N 316 
TRP OXT HXT  sing N N 317 
TYR N   CA   sing N N 318 
TYR N   H    sing N N 319 
TYR N   H2   sing N N 320 
TYR CA  C    sing N N 321 
TYR CA  CB   sing N N 322 
TYR CA  HA   sing N N 323 
TYR C   O    doub N N 324 
TYR C   OXT  sing N N 325 
TYR CB  CG   sing N N 326 
TYR CB  HB2  sing N N 327 
TYR CB  HB3  sing N N 328 
TYR CG  CD1  doub Y N 329 
TYR CG  CD2  sing Y N 330 
TYR CD1 CE1  sing Y N 331 
TYR CD1 HD1  sing N N 332 
TYR CD2 CE2  doub Y N 333 
TYR CD2 HD2  sing N N 334 
TYR CE1 CZ   doub Y N 335 
TYR CE1 HE1  sing N N 336 
TYR CE2 CZ   sing Y N 337 
TYR CE2 HE2  sing N N 338 
TYR CZ  OH   sing N N 339 
TYR OH  HH   sing N N 340 
TYR OXT HXT  sing N N 341 
VAL N   CA   sing N N 342 
VAL N   H    sing N N 343 
VAL N   H2   sing N N 344 
VAL CA  C    sing N N 345 
VAL CA  CB   sing N N 346 
VAL CA  HA   sing N N 347 
VAL C   O    doub N N 348 
VAL C   OXT  sing N N 349 
VAL CB  CG1  sing N N 350 
VAL CB  CG2  sing N N 351 
VAL CB  HB   sing N N 352 
VAL CG1 HG11 sing N N 353 
VAL CG1 HG12 sing N N 354 
VAL CG1 HG13 sing N N 355 
VAL CG2 HG21 sing N N 356 
VAL CG2 HG22 sing N N 357 
VAL CG2 HG23 sing N N 358 
VAL OXT HXT  sing N N 359 
# 
_pdbx_audit_support.funding_organization   'Health Research Council (HRC)' 
_pdbx_audit_support.country                'New Zealand' 
_pdbx_audit_support.grant_number           ? 
_pdbx_audit_support.ordinal                1 
# 
_atom_sites.entry_id                    5KZ9 
_atom_sites.fract_transf_matrix[1][1]   0.01164313 
_atom_sites.fract_transf_matrix[1][2]   0.00958187 
_atom_sites.fract_transf_matrix[1][3]   -0.00090359 
_atom_sites.fract_transf_matrix[2][1]   -0.00464285 
_atom_sites.fract_transf_matrix[2][2]   0.00434960 
_atom_sites.fract_transf_matrix[2][3]   -0.01370096 
_atom_sites.fract_transf_matrix[3][1]   -0.00255046 
_atom_sites.fract_transf_matrix[3][2]   0.00327878 
_atom_sites.fract_transf_matrix[3][3]   0.00190518 
_atom_sites.fract_transf_vector[1]      -0.378777 
_atom_sites.fract_transf_vector[2]      0.639611 
_atom_sites.fract_transf_vector[3]      -0.063833 
# 
loop_
_atom_type.symbol 
C 
N 
O 
S 
# 
loop_
_atom_site.group_PDB 
_atom_site.id 
_atom_site.type_symbol 
_atom_site.label_atom_id 
_atom_site.label_alt_id 
_atom_site.label_comp_id 
_atom_site.label_asym_id 
_atom_site.label_entity_id 
_atom_site.label_seq_id 
_atom_site.pdbx_PDB_ins_code 
_atom_site.Cartn_x 
_atom_site.Cartn_y 
_atom_site.Cartn_z 
_atom_site.occupancy 
_atom_site.B_iso_or_equiv 
_atom_site.pdbx_formal_charge 
_atom_site.auth_seq_id 
_atom_site.auth_comp_id 
_atom_site.auth_asym_id 
_atom_site.auth_atom_id 
_atom_site.pdbx_PDB_model_num 
ATOM   1   N N   . MET A 1 1   ? -11.420 -5.828  -1.786  1.00 99.71  ? 1   MET A N   1 
ATOM   2   C CA  . MET A 1 1   ? -10.179 -5.247  -2.379  1.00 100.31 ? 1   MET A CA  1 
ATOM   3   C C   . MET A 1 1   ? -10.422 -3.885  -3.053  1.00 97.12  ? 1   MET A C   1 
ATOM   4   O O   . MET A 1 1   ? -9.470  -3.166  -3.371  1.00 96.20  ? 1   MET A O   1 
ATOM   5   C CB  . MET A 1 1   ? -9.550  -6.234  -3.364  1.00 102.19 ? 1   MET A CB  1 
ATOM   6   C CG  . MET A 1 1   ? -8.041  -6.379  -3.227  1.00 107.37 ? 1   MET A CG  1 
ATOM   7   S SD  . MET A 1 1   ? -7.169  -6.921  -4.721  1.00 127.28 ? 1   MET A SD  1 
ATOM   8   C CE  . MET A 1 1   ? -8.049  -8.408  -5.224  1.00 114.97 ? 1   MET A CE  1 
ATOM   9   N N   . GLU A 1 2   ? -11.694 -3.537  -3.250  1.00 90.59  ? 2   GLU A N   1 
ATOM   10  C CA  . GLU A 1 2   ? -12.089 -2.247  -3.823  1.00 91.38  ? 2   GLU A CA  1 
ATOM   11  C C   . GLU A 1 2   ? -11.809 -1.045  -2.915  1.00 84.11  ? 2   GLU A C   1 
ATOM   12  O O   . GLU A 1 2   ? -11.223 -0.050  -3.358  1.00 78.66  ? 2   GLU A O   1 
ATOM   13  C CB  . GLU A 1 2   ? -13.571 -2.268  -4.236  1.00 102.71 ? 2   GLU A CB  1 
ATOM   14  C CG  . GLU A 1 2   ? -13.845 -2.968  -5.561  1.00 113.71 ? 2   GLU A CG  1 
ATOM   15  C CD  . GLU A 1 2   ? -13.088 -2.341  -6.722  1.00 124.28 ? 2   GLU A CD  1 
ATOM   16  O OE1 . GLU A 1 2   ? -13.317 -1.142  -7.007  1.00 130.64 ? 2   GLU A OE1 1 
ATOM   17  O OE2 . GLU A 1 2   ? -12.257 -3.043  -7.341  1.00 122.83 ? 2   GLU A OE2 1 
ATOM   18  N N   . ALA A 1 3   ? -12.236 -1.143  -1.653  1.00 76.30  ? 3   ALA A N   1 
ATOM   19  C CA  . ALA A 1 3   ? -12.071 -0.064  -0.672  1.00 69.63  ? 3   ALA A CA  1 
ATOM   20  C C   . ALA A 1 3   ? -10.603 0.172   -0.315  1.00 67.77  ? 3   ALA A C   1 
ATOM   21  O O   . ALA A 1 3   ? -10.174 1.325   -0.169  1.00 64.73  ? 3   ALA A O   1 
ATOM   22  C CB  . ALA A 1 3   ? -12.889 -0.350  0.575   1.00 68.71  ? 3   ALA A CB  1 
ATOM   23  N N   . VAL A 1 4   ? -9.853  -0.928  -0.194  1.00 63.07  ? 4   VAL A N   1 
ATOM   24  C CA  . VAL A 1 4   ? -8.402  -0.917  0.029   1.00 62.28  ? 4   VAL A CA  1 
ATOM   25  C C   . VAL A 1 4   ? -7.660  -0.059  -1.014  1.00 65.22  ? 4   VAL A C   1 
ATOM   26  O O   . VAL A 1 4   ? -6.845  0.809   -0.645  1.00 64.04  ? 4   VAL A O   1 
ATOM   27  C CB  . VAL A 1 4   ? -7.825  -2.351  0.071   1.00 60.80  ? 4   VAL A CB  1 
ATOM   28  C CG1 . VAL A 1 4   ? -6.336  -2.326  0.366   1.00 58.54  ? 4   VAL A CG1 1 
ATOM   29  C CG2 . VAL A 1 4   ? -8.536  -3.179  1.131   1.00 63.04  ? 4   VAL A CG2 1 
ATOM   30  N N   . ILE A 1 5   ? -7.967  -0.286  -2.298  1.00 62.34  ? 5   ILE A N   1 
ATOM   31  C CA  . ILE A 1 5   ? -7.417  0.524   -3.388  1.00 61.53  ? 5   ILE A CA  1 
ATOM   32  C C   . ILE A 1 5   ? -7.739  2.003   -3.167  1.00 63.29  ? 5   ILE A C   1 
ATOM   33  O O   . ILE A 1 5   ? -6.836  2.840   -3.242  1.00 64.44  ? 5   ILE A O   1 
ATOM   34  C CB  . ILE A 1 5   ? -7.871  0.042   -4.793  1.00 60.89  ? 5   ILE A CB  1 
ATOM   35  C CG1 . ILE A 1 5   ? -7.281  -1.336  -5.110  1.00 61.91  ? 5   ILE A CG1 1 
ATOM   36  C CG2 . ILE A 1 5   ? -7.426  1.019   -5.873  1.00 58.67  ? 5   ILE A CG2 1 
ATOM   37  C CD1 . ILE A 1 5   ? -8.033  -2.146  -6.145  1.00 63.93  ? 5   ILE A CD1 1 
ATOM   38  N N   . LYS A 1 6   ? -9.007  2.304   -2.865  1.00 67.52  ? 6   LYS A N   1 
ATOM   39  C CA  . LYS A 1 6   ? -9.455  3.689   -2.632  1.00 72.09  ? 6   LYS A CA  1 
ATOM   40  C C   . LYS A 1 6   ? -8.674  4.355   -1.501  1.00 67.74  ? 6   LYS A C   1 
ATOM   41  O O   . LYS A 1 6   ? -8.211  5.491   -1.649  1.00 62.85  ? 6   LYS A O   1 
ATOM   42  C CB  . LYS A 1 6   ? -10.968 3.763   -2.373  1.00 79.41  ? 6   LYS A CB  1 
ATOM   43  C CG  . LYS A 1 6   ? -11.817 4.005   -3.612  1.00 90.18  ? 6   LYS A CG  1 
ATOM   44  C CD  . LYS A 1 6   ? -13.154 3.277   -3.515  1.00 103.37 ? 6   LYS A CD  1 
ATOM   45  C CE  . LYS A 1 6   ? -13.685 2.910   -4.897  1.00 109.81 ? 6   LYS A CE  1 
ATOM   46  N NZ  . LYS A 1 6   ? -14.240 1.525   -4.949  1.00 110.37 ? 6   LYS A NZ  1 
ATOM   47  N N   . VAL A 1 7   ? -8.506  3.625   -0.394  1.00 64.66  ? 7   VAL A N   1 
ATOM   48  C CA  . VAL A 1 7   ? -7.788  4.127   0.781   1.00 60.55  ? 7   VAL A CA  1 
ATOM   49  C C   . VAL A 1 7   ? -6.319  4.388   0.449   1.00 59.69  ? 7   VAL A C   1 
ATOM   50  O O   . VAL A 1 7   ? -5.813  5.487   0.713   1.00 57.66  ? 7   VAL A O   1 
ATOM   51  C CB  . VAL A 1 7   ? -7.924  3.185   1.999   1.00 58.33  ? 7   VAL A CB  1 
ATOM   52  C CG1 . VAL A 1 7   ? -7.000  3.623   3.124   1.00 55.11  ? 7   VAL A CG1 1 
ATOM   53  C CG2 . VAL A 1 7   ? -9.367  3.145   2.490   1.00 59.05  ? 7   VAL A CG2 1 
ATOM   54  N N   . ILE A 1 8   ? -5.656  3.387   -0.145  1.00 58.07  ? 8   ILE A N   1 
ATOM   55  C CA  . ILE A 1 8   ? -4.245  3.504   -0.531  1.00 56.02  ? 8   ILE A CA  1 
ATOM   56  C C   . ILE A 1 8   ? -4.063  4.665   -1.506  1.00 57.76  ? 8   ILE A C   1 
ATOM   57  O O   . ILE A 1 8   ? -3.212  5.529   -1.272  1.00 59.49  ? 8   ILE A O   1 
ATOM   58  C CB  . ILE A 1 8   ? -3.653  2.175   -1.068  1.00 54.14  ? 8   ILE A CB  1 
ATOM   59  C CG1 . ILE A 1 8   ? -3.464  1.176   0.078   1.00 50.05  ? 8   ILE A CG1 1 
ATOM   60  C CG2 . ILE A 1 8   ? -2.314  2.403   -1.765  1.00 53.50  ? 8   ILE A CG2 1 
ATOM   61  C CD1 . ILE A 1 8   ? -3.236  -0.246  -0.383  1.00 48.86  ? 8   ILE A CD1 1 
ATOM   62  N N   . SER A 1 9   ? -4.891  4.694   -2.559  1.00 59.11  ? 9   SER A N   1 
ATOM   63  C CA  . SER A 1 9   ? -4.927  5.792   -3.543  1.00 59.04  ? 9   SER A CA  1 
ATOM   64  C C   . SER A 1 9   ? -5.053  7.175   -2.902  1.00 59.27  ? 9   SER A C   1 
ATOM   65  O O   . SER A 1 9   ? -4.326  8.102   -3.270  1.00 57.27  ? 9   SER A O   1 
ATOM   66  C CB  . SER A 1 9   ? -6.055  5.576   -4.550  1.00 61.55  ? 9   SER A CB  1 
ATOM   67  O OG  . SER A 1 9   ? -6.087  6.621   -5.505  1.00 70.40  ? 9   SER A OG  1 
ATOM   68  N N   . SER A 1 10  ? -5.967  7.282   -1.933  1.00 63.71  ? 10  SER A N   1 
ATOM   69  C CA  . SER A 1 10  ? -6.186  8.497   -1.154  1.00 63.50  ? 10  SER A CA  1 
ATOM   70  C C   . SER A 1 10  ? -4.915  8.923   -0.403  1.00 63.64  ? 10  SER A C   1 
ATOM   71  O O   . SER A 1 10  ? -4.501  10.092  -0.480  1.00 62.29  ? 10  SER A O   1 
ATOM   72  C CB  . SER A 1 10  ? -7.359  8.288   -0.192  1.00 63.31  ? 10  SER A CB  1 
ATOM   73  O OG  . SER A 1 10  ? -7.458  9.347   0.741   1.00 70.35  ? 10  SER A OG  1 
ATOM   74  N N   . ALA A 1 11  ? -4.306  7.960   0.297   1.00 63.26  ? 11  ALA A N   1 
ATOM   75  C CA  . ALA A 1 11  ? -3.051  8.155   1.034   1.00 61.19  ? 11  ALA A CA  1 
ATOM   76  C C   . ALA A 1 11  ? -1.916  8.614   0.116   1.00 60.74  ? 11  ALA A C   1 
ATOM   77  O O   . ALA A 1 11  ? -1.166  9.532   0.465   1.00 57.62  ? 11  ALA A O   1 
ATOM   78  C CB  . ALA A 1 11  ? -2.665  6.881   1.773   1.00 58.81  ? 11  ALA A CB  1 
ATOM   79  N N   . CYS A 1 12  ? -1.816  7.984   -1.056  1.00 61.16  ? 12  CYS A N   1 
ATOM   80  C CA  . CYS A 1 12  ? -0.819  8.340   -2.058  1.00 68.13  ? 12  CYS A CA  1 
ATOM   81  C C   . CYS A 1 12  ? -1.034  9.748   -2.605  1.00 71.22  ? 12  CYS A C   1 
ATOM   82  O O   . CYS A 1 12  ? -0.085  10.528  -2.693  1.00 70.29  ? 12  CYS A O   1 
ATOM   83  C CB  . CYS A 1 12  ? -0.795  7.319   -3.191  1.00 70.55  ? 12  CYS A CB  1 
ATOM   84  S SG  . CYS A 1 12  ? -0.119  5.713   -2.726  1.00 77.31  ? 12  CYS A SG  1 
ATOM   85  N N   . LYS A 1 13  ? -2.281  10.075  -2.952  1.00 75.92  ? 13  LYS A N   1 
ATOM   86  C CA  . LYS A 1 13  ? -2.619  11.419  -3.429  1.00 75.10  ? 13  LYS A CA  1 
ATOM   87  C C   . LYS A 1 13  ? -2.273  12.506  -2.419  1.00 72.67  ? 13  LYS A C   1 
ATOM   88  O O   . LYS A 1 13  ? -1.766  13.562  -2.806  1.00 75.16  ? 13  LYS A O   1 
ATOM   89  C CB  . LYS A 1 13  ? -4.073  11.511  -3.882  1.00 76.76  ? 13  LYS A CB  1 
ATOM   90  C CG  . LYS A 1 13  ? -4.238  11.206  -5.360  1.00 84.09  ? 13  LYS A CG  1 
ATOM   91  C CD  . LYS A 1 13  ? -5.696  11.024  -5.732  1.00 91.23  ? 13  LYS A CD  1 
ATOM   92  C CE  . LYS A 1 13  ? -5.812  10.256  -7.038  1.00 98.40  ? 13  LYS A CE  1 
ATOM   93  N NZ  . LYS A 1 13  ? -7.226  9.900   -7.337  1.00 105.19 ? 13  LYS A NZ  1 
ATOM   94  N N   . THR A 1 14  ? -2.501  12.227  -1.133  1.00 68.70  ? 14  THR A N   1 
ATOM   95  C CA  . THR A 1 14  ? -2.137  13.157  -0.063  1.00 67.89  ? 14  THR A CA  1 
ATOM   96  C C   . THR A 1 14  ? -0.628  13.296  0.113   1.00 69.29  ? 14  THR A C   1 
ATOM   97  O O   . THR A 1 14  ? -0.151  14.407  0.291   1.00 75.09  ? 14  THR A O   1 
ATOM   98  C CB  . THR A 1 14  ? -2.827  12.812  1.275   1.00 68.08  ? 14  THR A CB  1 
ATOM   99  O OG1 . THR A 1 14  ? -4.247  12.881  1.097   1.00 74.60  ? 14  THR A OG1 1 
ATOM   100 C CG2 . THR A 1 14  ? -2.427  13.783  2.397   1.00 61.09  ? 14  THR A CG2 1 
ATOM   101 N N   . TYR A 1 15  ? 0.118   12.192  0.035   1.00 74.23  ? 15  TYR A N   1 
ATOM   102 C CA  . TYR A 1 15  ? 1.541   12.208  0.431   1.00 73.97  ? 15  TYR A CA  1 
ATOM   103 C C   . TYR A 1 15  ? 2.582   12.194  -0.698  1.00 76.61  ? 15  TYR A C   1 
ATOM   104 O O   . TYR A 1 15  ? 3.678   12.717  -0.523  1.00 77.73  ? 15  TYR A O   1 
ATOM   105 C CB  . TYR A 1 15  ? 1.823   11.136  1.490   1.00 70.71  ? 15  TYR A CB  1 
ATOM   106 C CG  . TYR A 1 15  ? 1.105   11.408  2.801   1.00 71.84  ? 15  TYR A CG  1 
ATOM   107 C CD1 . TYR A 1 15  ? 1.657   12.274  3.757   1.00 72.96  ? 15  TYR A CD1 1 
ATOM   108 C CD2 . TYR A 1 15  ? -0.140  10.819  3.080   1.00 70.97  ? 15  TYR A CD2 1 
ATOM   109 C CE1 . TYR A 1 15  ? 1.000   12.534  4.960   1.00 75.59  ? 15  TYR A CE1 1 
ATOM   110 C CE2 . TYR A 1 15  ? -0.809  11.073  4.277   1.00 76.19  ? 15  TYR A CE2 1 
ATOM   111 C CZ  . TYR A 1 15  ? -0.237  11.931  5.217   1.00 79.11  ? 15  TYR A CZ  1 
ATOM   112 O OH  . TYR A 1 15  ? -0.888  12.189  6.408   1.00 79.33  ? 15  TYR A OH  1 
ATOM   113 N N   . CYS A 1 16  ? 2.235   11.622  -1.846  1.00 83.41  ? 16  CYS A N   1 
ATOM   114 C CA  . CYS A 1 16  ? 3.134   11.593  -3.001  1.00 92.47  ? 16  CYS A CA  1 
ATOM   115 C C   . CYS A 1 16  ? 2.894   12.723  -4.007  1.00 99.60  ? 16  CYS A C   1 
ATOM   116 O O   . CYS A 1 16  ? 3.812   13.097  -4.744  1.00 103.94 ? 16  CYS A O   1 
ATOM   117 C CB  . CYS A 1 16  ? 3.072   10.232  -3.691  1.00 93.10  ? 16  CYS A CB  1 
ATOM   118 S SG  . CYS A 1 16  ? 3.720   8.908   -2.657  1.00 98.76  ? 16  CYS A SG  1 
ATOM   119 N N   . GLY A 1 17  ? 1.669   13.249  -4.037  1.00 103.36 ? 17  GLY A N   1 
ATOM   120 C CA  . GLY A 1 17  ? 1.293   14.345  -4.933  1.00 109.91 ? 17  GLY A CA  1 
ATOM   121 C C   . GLY A 1 17  ? 0.987   13.913  -6.359  1.00 116.54 ? 17  GLY A C   1 
ATOM   122 O O   . GLY A 1 17  ? 0.069   13.118  -6.596  1.00 115.30 ? 17  GLY A O   1 
ATOM   123 N N   . LYS A 1 18  ? 1.765   14.447  -7.302  1.00 122.62 ? 18  LYS A N   1 
ATOM   124 C CA  . LYS A 1 18  ? 1.581   14.209  -8.747  1.00 119.36 ? 18  LYS A CA  1 
ATOM   125 C C   . LYS A 1 18  ? 2.232   12.902  -9.223  1.00 113.82 ? 18  LYS A C   1 
ATOM   126 O O   . LYS A 1 18  ? 1.761   12.285  -10.184 1.00 107.33 ? 18  LYS A O   1 
ATOM   127 C CB  . LYS A 1 18  ? 2.088   15.404  -9.574  1.00 119.63 ? 18  LYS A CB  1 
ATOM   128 C CG  . LYS A 1 18  ? 1.766   16.767  -8.974  1.00 121.12 ? 18  LYS A CG  1 
ATOM   129 C CD  . LYS A 1 18  ? 1.355   17.781  -10.027 1.00 122.50 ? 18  LYS A CD  1 
ATOM   130 C CE  . LYS A 1 18  ? 0.795   19.033  -9.364  1.00 122.69 ? 18  LYS A CE  1 
ATOM   131 N NZ  . LYS A 1 18  ? -0.026  19.849  -10.300 1.00 121.42 ? 18  LYS A NZ  1 
ATOM   132 N N   . THR A 1 19  ? 3.303   12.489  -8.539  1.00 109.74 ? 19  THR A N   1 
ATOM   133 C CA  . THR A 1 19  ? 4.009   11.216  -8.795  1.00 100.00 ? 19  THR A CA  1 
ATOM   134 C C   . THR A 1 19  ? 3.241   9.972   -8.305  1.00 91.57  ? 19  THR A C   1 
ATOM   135 O O   . THR A 1 19  ? 3.715   8.846   -8.459  1.00 89.27  ? 19  THR A O   1 
ATOM   136 C CB  . THR A 1 19  ? 5.432   11.214  -8.178  1.00 99.96  ? 19  THR A CB  1 
ATOM   137 O OG1 . THR A 1 19  ? 5.384   11.756  -6.849  1.00 96.14  ? 19  THR A OG1 1 
ATOM   138 C CG2 . THR A 1 19  ? 6.419   12.017  -9.041  1.00 94.51  ? 19  THR A CG2 1 
ATOM   139 N N   . SER A 1 20  ? 2.062   10.198  -7.723  1.00 87.34  ? 20  SER A N   1 
ATOM   140 C CA  . SER A 1 20  ? 1.163   9.162   -7.194  1.00 81.87  ? 20  SER A CA  1 
ATOM   141 C C   . SER A 1 20  ? 0.816   8.059   -8.221  1.00 73.80  ? 20  SER A C   1 
ATOM   142 O O   . SER A 1 20  ? 0.617   8.367   -9.387  1.00 79.42  ? 20  SER A O   1 
ATOM   143 C CB  . SER A 1 20  ? -0.107  9.848   -6.681  1.00 82.75  ? 20  SER A CB  1 
ATOM   144 O OG  . SER A 1 20  ? -0.995  8.938   -6.070  1.00 90.40  ? 20  SER A OG  1 
ATOM   145 N N   . PRO A 1 21  ? 0.765   6.775   -7.798  1.00 71.13  ? 21  PRO A N   1 
ATOM   146 C CA  . PRO A 1 21  ? 0.416   5.702   -8.750  1.00 71.04  ? 21  PRO A CA  1 
ATOM   147 C C   . PRO A 1 21  ? -1.069  5.665   -9.089  1.00 72.99  ? 21  PRO A C   1 
ATOM   148 O O   . PRO A 1 21  ? -1.877  6.212   -8.347  1.00 74.91  ? 21  PRO A O   1 
ATOM   149 C CB  . PRO A 1 21  ? 0.808   4.423   -8.004  1.00 68.95  ? 21  PRO A CB  1 
ATOM   150 C CG  . PRO A 1 21  ? 0.738   4.787   -6.565  1.00 66.65  ? 21  PRO A CG  1 
ATOM   151 C CD  . PRO A 1 21  ? 1.139   6.231   -6.477  1.00 69.00  ? 21  PRO A CD  1 
ATOM   152 N N   . SER A 1 22  ? -1.415  5.023   -10.202 1.00 77.77  ? 22  SER A N   1 
ATOM   153 C CA  . SER A 1 22  ? -2.811  4.858   -10.612 1.00 79.76  ? 22  SER A CA  1 
ATOM   154 C C   . SER A 1 22  ? -3.473  3.791   -9.749  1.00 81.70  ? 22  SER A C   1 
ATOM   155 O O   . SER A 1 22  ? -2.787  2.952   -9.149  1.00 84.99  ? 22  SER A O   1 
ATOM   156 C CB  . SER A 1 22  ? -2.908  4.473   -12.095 1.00 80.76  ? 22  SER A CB  1 
ATOM   157 O OG  . SER A 1 22  ? -2.875  3.060   -12.279 1.00 81.72  ? 22  SER A OG  1 
ATOM   158 N N   . LYS A 1 23  ? -4.803  3.818   -9.711  1.00 80.76  ? 23  LYS A N   1 
ATOM   159 C CA  . LYS A 1 23  ? -5.581  2.807   -9.000  1.00 79.24  ? 23  LYS A CA  1 
ATOM   160 C C   . LYS A 1 23  ? -5.406  1.411   -9.608  1.00 79.87  ? 23  LYS A C   1 
ATOM   161 O O   . LYS A 1 23  ? -5.401  0.418   -8.880  1.00 79.54  ? 23  LYS A O   1 
ATOM   162 C CB  . LYS A 1 23  ? -7.061  3.186   -8.954  1.00 81.51  ? 23  LYS A CB  1 
ATOM   163 C CG  . LYS A 1 23  ? -7.383  4.422   -8.125  1.00 83.82  ? 23  LYS A CG  1 
ATOM   164 C CD  . LYS A 1 23  ? -8.873  4.479   -7.823  1.00 84.13  ? 23  LYS A CD  1 
ATOM   165 C CE  . LYS A 1 23  ? -9.275  5.824   -7.247  1.00 84.00  ? 23  LYS A CE  1 
ATOM   166 N NZ  . LYS A 1 23  ? -10.682 5.765   -6.767  1.00 86.67  ? 23  LYS A NZ  1 
ATOM   167 N N   . LYS A 1 24  ? -5.250  1.345   -10.933 1.00 81.12  ? 24  LYS A N   1 
ATOM   168 C CA  . LYS A 1 24  ? -5.042  0.073   -11.630 1.00 82.17  ? 24  LYS A CA  1 
ATOM   169 C C   . LYS A 1 24  ? -3.739  -0.590  -11.175 1.00 81.29  ? 24  LYS A C   1 
ATOM   170 O O   . LYS A 1 24  ? -3.692  -1.815  -10.969 1.00 75.71  ? 24  LYS A O   1 
ATOM   171 C CB  . LYS A 1 24  ? -5.044  0.274   -13.152 1.00 87.25  ? 24  LYS A CB  1 
ATOM   172 C CG  . LYS A 1 24  ? -5.133  -1.030  -13.936 1.00 90.45  ? 24  LYS A CG  1 
ATOM   173 C CD  . LYS A 1 24  ? -4.842  -0.843  -15.413 1.00 93.82  ? 24  LYS A CD  1 
ATOM   174 C CE  . LYS A 1 24  ? -4.724  -2.195  -16.099 1.00 96.72  ? 24  LYS A CE  1 
ATOM   175 N NZ  . LYS A 1 24  ? -4.683  -2.061  -17.582 1.00 100.69 ? 24  LYS A NZ  1 
ATOM   176 N N   . GLU A 1 25  ? -2.703  0.239   -11.013 1.00 77.16  ? 25  GLU A N   1 
ATOM   177 C CA  . GLU A 1 25  ? -1.374  -0.193  -10.578 1.00 77.11  ? 25  GLU A CA  1 
ATOM   178 C C   . GLU A 1 25  ? -1.370  -0.716  -9.142  1.00 73.87  ? 25  GLU A C   1 
ATOM   179 O O   . GLU A 1 25  ? -0.767  -1.766  -8.861  1.00 71.53  ? 25  GLU A O   1 
ATOM   180 C CB  . GLU A 1 25  ? -0.373  0.956   -10.709 1.00 80.02  ? 25  GLU A CB  1 
ATOM   181 C CG  . GLU A 1 25  ? 0.042   1.274   -12.138 1.00 81.68  ? 25  GLU A CG  1 
ATOM   182 C CD  . GLU A 1 25  ? 0.774   2.602   -12.268 1.00 84.91  ? 25  GLU A CD  1 
ATOM   183 O OE1 . GLU A 1 25  ? 0.818   3.381   -11.289 1.00 89.85  ? 25  GLU A OE1 1 
ATOM   184 O OE2 . GLU A 1 25  ? 1.305   2.873   -13.366 1.00 84.90  ? 25  GLU A OE2 1 
ATOM   185 N N   . ILE A 1 26  ? -2.036  0.029   -8.251  1.00 67.10  ? 26  ILE A N   1 
ATOM   186 C CA  . ILE A 1 26  ? -2.239  -0.368  -6.855  1.00 62.33  ? 26  ILE A CA  1 
ATOM   187 C C   . ILE A 1 26  ? -2.948  -1.723  -6.808  1.00 64.43  ? 26  ILE A C   1 
ATOM   188 O O   . ILE A 1 26  ? -2.529  -2.630  -6.067  1.00 67.83  ? 26  ILE A O   1 
ATOM   189 C CB  . ILE A 1 26  ? -3.015  0.710   -6.058  1.00 59.76  ? 26  ILE A CB  1 
ATOM   190 C CG1 . ILE A 1 26  ? -2.156  1.969   -5.895  1.00 58.31  ? 26  ILE A CG1 1 
ATOM   191 C CG2 . ILE A 1 26  ? -3.435  0.190   -4.681  1.00 60.54  ? 26  ILE A CG2 1 
ATOM   192 C CD1 . ILE A 1 26  ? -2.917  3.224   -5.519  1.00 56.13  ? 26  ILE A CD1 1 
ATOM   193 N N   . GLY A 1 27  ? -3.992  -1.849  -7.629  1.00 61.49  ? 27  GLY A N   1 
ATOM   194 C CA  . GLY A 1 27  ? -4.746  -3.088  -7.787  1.00 61.54  ? 27  GLY A CA  1 
ATOM   195 C C   . GLY A 1 27  ? -3.885  -4.256  -8.216  1.00 61.88  ? 27  GLY A C   1 
ATOM   196 O O   . GLY A 1 27  ? -3.942  -5.323  -7.602  1.00 61.72  ? 27  GLY A O   1 
ATOM   197 N N   . ALA A 1 28  ? -3.083  -4.043  -9.262  1.00 63.90  ? 28  ALA A N   1 
ATOM   198 C CA  . ALA A 1 28  ? -2.147  -5.059  -9.771  1.00 63.51  ? 28  ALA A CA  1 
ATOM   199 C C   . ALA A 1 28  ? -1.153  -5.497  -8.694  1.00 63.11  ? 28  ALA A C   1 
ATOM   200 O O   . ALA A 1 28  ? -0.898  -6.700  -8.529  1.00 60.39  ? 28  ALA A O   1 
ATOM   201 C CB  . ALA A 1 28  ? -1.417  -4.545  -11.003 1.00 62.14  ? 28  ALA A CB  1 
ATOM   202 N N   . MET A 1 29  ? -0.625  -4.515  -7.953  1.00 62.91  ? 29  MET A N   1 
ATOM   203 C CA  . MET A 1 29  ? 0.294   -4.757  -6.842  1.00 60.85  ? 29  MET A CA  1 
ATOM   204 C C   . MET A 1 29  ? -0.356  -5.599  -5.754  1.00 60.28  ? 29  MET A C   1 
ATOM   205 O O   . MET A 1 29  ? 0.205   -6.631  -5.355  1.00 57.96  ? 29  MET A O   1 
ATOM   206 C CB  . MET A 1 29  ? 0.805   -3.441  -6.263  1.00 61.90  ? 29  MET A CB  1 
ATOM   207 C CG  . MET A 1 29  ? 1.827   -3.612  -5.150  1.00 60.24  ? 29  MET A CG  1 
ATOM   208 S SD  . MET A 1 29  ? 1.851   -2.168  -4.082  1.00 62.94  ? 29  MET A SD  1 
ATOM   209 C CE  . MET A 1 29  ? 0.322   -2.409  -3.177  1.00 64.40  ? 29  MET A CE  1 
ATOM   210 N N   . LEU A 1 30  ? -1.535  -5.162  -5.295  1.00 59.35  ? 30  LEU A N   1 
ATOM   211 C CA  . LEU A 1 30  ? -2.304  -5.894  -4.281  1.00 61.06  ? 30  LEU A CA  1 
ATOM   212 C C   . LEU A 1 30  ? -2.691  -7.285  -4.765  1.00 62.14  ? 30  LEU A C   1 
ATOM   213 O O   . LEU A 1 30  ? -2.544  -8.263  -4.026  1.00 60.42  ? 30  LEU A O   1 
ATOM   214 C CB  . LEU A 1 30  ? -3.550  -5.111  -3.843  1.00 61.97  ? 30  LEU A CB  1 
ATOM   215 C CG  . LEU A 1 30  ? -3.364  -3.866  -2.964  1.00 62.37  ? 30  LEU A CG  1 
ATOM   216 C CD1 . LEU A 1 30  ? -4.586  -2.974  -3.050  1.00 59.27  ? 30  LEU A CD1 1 
ATOM   217 C CD2 . LEU A 1 30  ? -3.069  -4.229  -1.516  1.00 61.92  ? 30  LEU A CD2 1 
ATOM   218 N N   . SER A 1 31  ? -3.154  -7.361  -6.014  1.00 65.88  ? 31  SER A N   1 
ATOM   219 C CA  . SER A 1 31  ? -3.566  -8.620  -6.631  1.00 70.04  ? 31  SER A CA  1 
ATOM   220 C C   . SER A 1 31  ? -2.418  -9.639  -6.651  1.00 67.74  ? 31  SER A C   1 
ATOM   221 O O   . SER A 1 31  ? -2.607  -10.801 -6.256  1.00 65.60  ? 31  SER A O   1 
ATOM   222 C CB  . SER A 1 31  ? -4.128  -8.383  -8.037  1.00 72.16  ? 31  SER A CB  1 
ATOM   223 O OG  . SER A 1 31  ? -4.816  -9.532  -8.504  1.00 82.99  ? 31  SER A OG  1 
ATOM   224 N N   . LEU A 1 32  ? -1.234  -9.186  -7.075  1.00 65.40  ? 32  LEU A N   1 
ATOM   225 C CA  . LEU A 1 32  ? -0.047  -10.034 -7.112  1.00 64.94  ? 32  LEU A CA  1 
ATOM   226 C C   . LEU A 1 32  ? 0.332   -10.542 -5.726  1.00 65.94  ? 32  LEU A C   1 
ATOM   227 O O   . LEU A 1 32  ? 0.522   -11.747 -5.540  1.00 65.73  ? 32  LEU A O   1 
ATOM   228 C CB  . LEU A 1 32  ? 1.146   -9.315  -7.751  1.00 65.06  ? 32  LEU A CB  1 
ATOM   229 C CG  . LEU A 1 32  ? 2.402   -10.199 -7.742  1.00 65.71  ? 32  LEU A CG  1 
ATOM   230 C CD1 . LEU A 1 32  ? 2.444   -11.143 -8.936  1.00 63.30  ? 32  LEU A CD1 1 
ATOM   231 C CD2 . LEU A 1 32  ? 3.658   -9.358  -7.624  1.00 64.51  ? 32  LEU A CD2 1 
ATOM   232 N N   . LEU A 1 33  ? 0.430   -9.616  -4.769  1.00 65.33  ? 33  LEU A N   1 
ATOM   233 C CA  . LEU A 1 33  ? 0.759   -9.934  -3.377  1.00 63.58  ? 33  LEU A CA  1 
ATOM   234 C C   . LEU A 1 33  ? -0.170  -10.972 -2.731  1.00 65.47  ? 33  LEU A C   1 
ATOM   235 O O   . LEU A 1 33  ? 0.306   -11.832 -1.980  1.00 62.12  ? 33  LEU A O   1 
ATOM   236 C CB  . LEU A 1 33  ? 0.839   -8.654  -2.544  1.00 60.15  ? 33  LEU A CB  1 
ATOM   237 C CG  . LEU A 1 33  ? 2.039   -7.741  -2.808  1.00 56.11  ? 33  LEU A CG  1 
ATOM   238 C CD1 . LEU A 1 33  ? 1.791   -6.344  -2.262  1.00 51.56  ? 33  LEU A CD1 1 
ATOM   239 C CD2 . LEU A 1 33  ? 3.326   -8.332  -2.245  1.00 55.96  ? 33  LEU A CD2 1 
ATOM   240 N N   A GLN A 1 34  ? -1.473  -10.867 -3.028  0.50 69.49  ? 34  GLN A N   1 
ATOM   241 N N   B GLN A 1 34  ? -1.469  -10.885 -3.035  0.50 69.99  ? 34  GLN A N   1 
ATOM   242 C CA  A GLN A 1 34  ? -2.486  -11.871 -2.661  0.50 72.70  ? 34  GLN A CA  1 
ATOM   243 C CA  B GLN A 1 34  ? -2.463  -11.886 -2.619  0.50 73.63  ? 34  GLN A CA  1 
ATOM   244 C C   A GLN A 1 34  ? -2.137  -13.226 -3.260  0.50 74.42  ? 34  GLN A C   1 
ATOM   245 C C   B GLN A 1 34  ? -2.192  -13.245 -3.266  0.50 75.13  ? 34  GLN A C   1 
ATOM   246 O O   A GLN A 1 34  ? -2.015  -14.219 -2.536  0.50 74.79  ? 34  GLN A O   1 
ATOM   247 O O   B GLN A 1 34  ? -2.171  -14.267 -2.574  0.50 76.14  ? 34  GLN A O   1 
ATOM   248 C CB  A GLN A 1 34  ? -3.874  -11.463 -3.169  0.50 75.54  ? 34  GLN A CB  1 
ATOM   249 C CB  B GLN A 1 34  ? -3.885  -11.418 -2.947  0.50 76.99  ? 34  GLN A CB  1 
ATOM   250 C CG  A GLN A 1 34  ? -4.653  -10.491 -2.298  0.50 77.45  ? 34  GLN A CG  1 
ATOM   251 C CG  B GLN A 1 34  ? -4.417  -10.314 -2.043  0.50 79.01  ? 34  GLN A CG  1 
ATOM   252 C CD  A GLN A 1 34  ? -6.077  -10.308 -2.790  0.50 76.14  ? 34  GLN A CD  1 
ATOM   253 C CD  B GLN A 1 34  ? -5.060  -10.848 -0.779  0.50 78.61  ? 34  GLN A CD  1 
ATOM   254 O OE1 A GLN A 1 34  ? -6.518  -10.979 -3.723  0.50 75.45  ? 34  GLN A OE1 1 
ATOM   255 O OE1 B GLN A 1 34  ? -4.946  -10.249 0.288   0.50 78.56  ? 34  GLN A OE1 1 
ATOM   256 N NE2 A GLN A 1 34  ? -6.803  -9.401  -2.162  0.50 75.79  ? 34  GLN A NE2 1 
ATOM   257 N NE2 B GLN A 1 34  ? -5.735  -11.985 -0.892  0.50 79.47  ? 34  GLN A NE2 1 
ATOM   258 N N   . LYS A 1 35  ? -1.965  -13.238 -4.585  1.00 75.42  ? 35  LYS A N   1 
ATOM   259 C CA  . LYS A 1 35  ? -1.684  -14.458 -5.358  1.00 79.50  ? 35  LYS A CA  1 
ATOM   260 C C   . LYS A 1 35  ? -0.328  -15.105 -5.052  1.00 78.99  ? 35  LYS A C   1 
ATOM   261 O O   . LYS A 1 35  ? -0.172  -16.305 -5.237  1.00 82.44  ? 35  LYS A O   1 
ATOM   262 C CB  . LYS A 1 35  ? -1.888  -14.217 -6.860  1.00 85.12  ? 35  LYS A CB  1 
ATOM   263 C CG  . LYS A 1 35  ? -3.361  -14.001 -7.198  1.00 99.35  ? 35  LYS A CG  1 
ATOM   264 C CD  . LYS A 1 35  ? -3.628  -13.769 -8.676  1.00 107.53 ? 35  LYS A CD  1 
ATOM   265 C CE  . LYS A 1 35  ? -5.095  -13.410 -8.882  1.00 108.51 ? 35  LYS A CE  1 
ATOM   266 N NZ  . LYS A 1 35  ? -5.484  -13.383 -10.317 1.00 107.64 ? 35  LYS A NZ  1 
ATOM   267 N N   . GLU A 1 36  ? 0.628   -14.314 -4.565  1.00 81.27  ? 36  GLU A N   1 
ATOM   268 C CA  . GLU A 1 36  ? 1.907   -14.825 -4.051  1.00 81.21  ? 36  GLU A CA  1 
ATOM   269 C C   . GLU A 1 36  ? 1.756   -15.525 -2.701  1.00 77.54  ? 36  GLU A C   1 
ATOM   270 O O   . GLU A 1 36  ? 2.660   -16.238 -2.274  1.00 74.87  ? 36  GLU A O   1 
ATOM   271 C CB  . GLU A 1 36  ? 2.930   -13.689 -3.907  1.00 89.13  ? 36  GLU A CB  1 
ATOM   272 C CG  . GLU A 1 36  ? 3.470   -13.120 -5.214  1.00 97.07  ? 36  GLU A CG  1 
ATOM   273 C CD  . GLU A 1 36  ? 4.323   -14.110 -5.980  1.00 99.29  ? 36  GLU A CD  1 
ATOM   274 O OE1 . GLU A 1 36  ? 5.477   -14.351 -5.567  1.00 99.31  ? 36  GLU A OE1 1 
ATOM   275 O OE2 . GLU A 1 36  ? 3.832   -14.642 -6.998  1.00 99.74  ? 36  GLU A OE2 1 
ATOM   276 N N   . GLY A 1 37  ? 0.623   -15.302 -2.033  1.00 76.78  ? 37  GLY A N   1 
ATOM   277 C CA  . GLY A 1 37  ? 0.382   -15.797 -0.679  1.00 71.10  ? 37  GLY A CA  1 
ATOM   278 C C   . GLY A 1 37  ? 1.022   -14.930 0.391   1.00 71.98  ? 37  GLY A C   1 
ATOM   279 O O   . GLY A 1 37  ? 1.153   -15.358 1.538   1.00 70.35  ? 37  GLY A O   1 
ATOM   280 N N   . LEU A 1 38  ? 1.427   -13.713 0.017   1.00 71.66  ? 38  LEU A N   1 
ATOM   281 C CA  . LEU A 1 38  ? 2.040   -12.769 0.951   1.00 71.49  ? 38  LEU A CA  1 
ATOM   282 C C   . LEU A 1 38  ? 1.022   -12.051 1.816   1.00 71.37  ? 38  LEU A C   1 
ATOM   283 O O   . LEU A 1 38  ? 1.155   -12.059 3.035   1.00 78.18  ? 38  LEU A O   1 
ATOM   284 C CB  . LEU A 1 38  ? 2.922   -11.752 0.231   1.00 73.93  ? 38  LEU A CB  1 
ATOM   285 C CG  . LEU A 1 38  ? 4.413   -11.858 0.531   1.00 73.35  ? 38  LEU A CG  1 
ATOM   286 C CD1 . LEU A 1 38  ? 5.137   -12.703 -0.513  1.00 75.64  ? 38  LEU A CD1 1 
ATOM   287 C CD2 . LEU A 1 38  ? 4.980   -10.457 0.577   1.00 70.56  ? 38  LEU A CD2 1 
ATOM   288 N N   . LEU A 1 39  ? 0.031   -11.421 1.185   1.00 66.98  ? 39  LEU A N   1 
ATOM   289 C CA  . LEU A 1 39  ? -1.074  -10.789 1.895   1.00 65.08  ? 39  LEU A CA  1 
ATOM   290 C C   . LEU A 1 39  ? -2.205  -11.782 2.020   1.00 67.27  ? 39  LEU A C   1 
ATOM   291 O O   . LEU A 1 39  ? -2.761  -12.208 0.999   1.00 73.19  ? 39  LEU A O   1 
ATOM   292 C CB  . LEU A 1 39  ? -1.595  -9.585  1.123   1.00 64.08  ? 39  LEU A CB  1 
ATOM   293 C CG  . LEU A 1 39  ? -0.743  -8.353  0.883   1.00 66.57  ? 39  LEU A CG  1 
ATOM   294 C CD1 . LEU A 1 39  ? -1.560  -7.391  0.035   1.00 67.58  ? 39  LEU A CD1 1 
ATOM   295 C CD2 . LEU A 1 39  ? -0.312  -7.701  2.189   1.00 67.47  ? 39  LEU A CD2 1 
ATOM   296 N N   . MET A 1 40  ? -2.549  -12.155 3.252   1.00 63.39  ? 40  MET A N   1 
ATOM   297 C CA  . MET A 1 40  ? -3.704  -13.021 3.478   1.00 60.00  ? 40  MET A CA  1 
ATOM   298 C C   . MET A 1 40  ? -5.011  -12.236 3.352   1.00 64.24  ? 40  MET A C   1 
ATOM   299 O O   . MET A 1 40  ? -5.940  -12.675 2.669   1.00 68.58  ? 40  MET A O   1 
ATOM   300 C CB  . MET A 1 40  ? -3.603  -13.715 4.814   1.00 57.84  ? 40  MET A CB  1 
ATOM   301 C CG  . MET A 1 40  ? -2.687  -14.916 4.788   1.00 61.97  ? 40  MET A CG  1 
ATOM   302 S SD  . MET A 1 40  ? -2.224  -15.277 6.486   1.00 72.73  ? 40  MET A SD  1 
ATOM   303 C CE  . MET A 1 40  ? -1.568  -16.941 6.293   1.00 75.85  ? 40  MET A CE  1 
ATOM   304 N N   . SER A 1 41  ? -5.064  -11.080 4.015   1.00 64.31  ? 41  SER A N   1 
ATOM   305 C CA  . SER A 1 41  ? -6.088  -10.065 3.784   1.00 59.93  ? 41  SER A CA  1 
ATOM   306 C C   . SER A 1 41  ? -5.406  -8.839  3.190   1.00 57.50  ? 41  SER A C   1 
ATOM   307 O O   . SER A 1 41  ? -4.269  -8.547  3.543   1.00 55.23  ? 41  SER A O   1 
ATOM   308 C CB  . SER A 1 41  ? -6.779  -9.689  5.088   1.00 62.07  ? 41  SER A CB  1 
ATOM   309 O OG  . SER A 1 41  ? -7.195  -10.848 5.789   1.00 65.56  ? 41  SER A OG  1 
ATOM   310 N N   . PRO A 1 42  ? -6.084  -8.115  2.280   1.00 58.02  ? 42  PRO A N   1 
ATOM   311 C CA  . PRO A 1 42  ? -5.453  -6.916  1.707   1.00 58.39  ? 42  PRO A CA  1 
ATOM   312 C C   . PRO A 1 42  ? -5.045  -5.884  2.761   1.00 58.00  ? 42  PRO A C   1 
ATOM   313 O O   . PRO A 1 42  ? -4.050  -5.182  2.582   1.00 57.56  ? 42  PRO A O   1 
ATOM   314 C CB  . PRO A 1 42  ? -6.540  -6.345  0.798   1.00 57.57  ? 42  PRO A CB  1 
ATOM   315 C CG  . PRO A 1 42  ? -7.381  -7.514  0.452   1.00 57.96  ? 42  PRO A CG  1 
ATOM   316 C CD  . PRO A 1 42  ? -7.396  -8.386  1.665   1.00 56.92  ? 42  PRO A CD  1 
ATOM   317 N N   . SER A 1 43  ? -5.796  -5.826  3.856   1.00 58.92  ? 43  SER A N   1 
ATOM   318 C CA  . SER A 1 43  ? -5.533  -4.891  4.946   1.00 58.76  ? 43  SER A CA  1 
ATOM   319 C C   . SER A 1 43  ? -4.239  -5.178  5.744   1.00 57.44  ? 43  SER A C   1 
ATOM   320 O O   . SER A 1 43  ? -3.759  -4.295  6.466   1.00 57.13  ? 43  SER A O   1 
ATOM   321 C CB  . SER A 1 43  ? -6.748  -4.831  5.876   1.00 58.38  ? 43  SER A CB  1 
ATOM   322 O OG  . SER A 1 43  ? -7.037  -6.109  6.407   1.00 61.66  ? 43  SER A OG  1 
ATOM   323 N N   . ASP A 1 44  ? -3.678  -6.389  5.611   1.00 52.85  ? 44  ASP A N   1 
ATOM   324 C CA  . ASP A 1 44  ? -2.395  -6.746  6.252   1.00 52.29  ? 44  ASP A CA  1 
ATOM   325 C C   . ASP A 1 44  ? -1.261  -5.799  5.872   1.00 53.60  ? 44  ASP A C   1 
ATOM   326 O O   . ASP A 1 44  ? -0.340  -5.567  6.667   1.00 54.79  ? 44  ASP A O   1 
ATOM   327 C CB  . ASP A 1 44  ? -1.958  -8.167  5.895   1.00 52.67  ? 44  ASP A CB  1 
ATOM   328 C CG  . ASP A 1 44  ? -2.927  -9.236  6.368   1.00 52.67  ? 44  ASP A CG  1 
ATOM   329 O OD1 . ASP A 1 44  ? -3.844  -8.938  7.168   1.00 54.54  ? 44  ASP A OD1 1 
ATOM   330 O OD2 . ASP A 1 44  ? -2.752  -10.391 5.919   1.00 53.57  ? 44  ASP A OD2 1 
ATOM   331 N N   . LEU A 1 45  ? -1.355  -5.261  4.654   1.00 52.77  ? 45  LEU A N   1 
ATOM   332 C CA  . LEU A 1 45  ? -0.425  -4.285  4.093   1.00 50.72  ? 45  LEU A CA  1 
ATOM   333 C C   . LEU A 1 45  ? -0.309  -2.999  4.913   1.00 52.96  ? 45  LEU A C   1 
ATOM   334 O O   . LEU A 1 45  ? 0.738   -2.348  4.895   1.00 58.40  ? 45  LEU A O   1 
ATOM   335 C CB  . LEU A 1 45  ? -0.833  -3.964  2.655   1.00 48.15  ? 45  LEU A CB  1 
ATOM   336 C CG  . LEU A 1 45  ? 0.034   -3.005  1.844   1.00 49.00  ? 45  LEU A CG  1 
ATOM   337 C CD1 . LEU A 1 45  ? 0.248   -3.523  0.432   1.00 48.74  ? 45  LEU A CD1 1 
ATOM   338 C CD2 . LEU A 1 45  ? -0.585  -1.615  1.847   1.00 47.18  ? 45  LEU A CD2 1 
ATOM   339 N N   . TYR A 1 46  ? -1.379  -2.631  5.615   1.00 52.61  ? 46  TYR A N   1 
ATOM   340 C CA  . TYR A 1 46  ? -1.381  -1.425  6.443   1.00 52.32  ? 46  TYR A CA  1 
ATOM   341 C C   . TYR A 1 46  ? -0.412  -1.520  7.608   1.00 52.49  ? 46  TYR A C   1 
ATOM   342 O O   . TYR A 1 46  ? 0.170   -0.512  7.988   1.00 56.83  ? 46  TYR A O   1 
ATOM   343 C CB  . TYR A 1 46  ? -2.771  -1.116  6.998   1.00 51.15  ? 46  TYR A CB  1 
ATOM   344 C CG  . TYR A 1 46  ? -3.888  -0.969  5.995   1.00 50.83  ? 46  TYR A CG  1 
ATOM   345 C CD1 . TYR A 1 46  ? -3.673  -0.399  4.726   1.00 51.79  ? 46  TYR A CD1 1 
ATOM   346 C CD2 . TYR A 1 46  ? -5.182  -1.359  6.334   1.00 50.61  ? 46  TYR A CD2 1 
ATOM   347 C CE1 . TYR A 1 46  ? -4.720  -0.250  3.821   1.00 52.76  ? 46  TYR A CE1 1 
ATOM   348 C CE2 . TYR A 1 46  ? -6.234  -1.213  5.440   1.00 54.15  ? 46  TYR A CE2 1 
ATOM   349 C CZ  . TYR A 1 46  ? -6.002  -0.659  4.189   1.00 53.84  ? 46  TYR A CZ  1 
ATOM   350 O OH  . TYR A 1 46  ? -7.062  -0.526  3.325   1.00 53.67  ? 46  TYR A OH  1 
ATOM   351 N N   . SER A 1 47  ? -0.258  -2.722  8.169   1.00 52.09  ? 47  SER A N   1 
ATOM   352 C CA  . SER A 1 47  ? 0.629   -2.971  9.304   1.00 52.55  ? 47  SER A CA  1 
ATOM   353 C C   . SER A 1 47  ? 2.102   -3.055  8.890   1.00 53.41  ? 47  SER A C   1 
ATOM   354 O O   . SER A 1 47  ? 2.434   -3.772  7.932   1.00 52.71  ? 47  SER A O   1 
ATOM   355 C CB  . SER A 1 47  ? 0.219   -4.248  10.017  1.00 53.38  ? 47  SER A CB  1 
ATOM   356 O OG  . SER A 1 47  ? -1.009  -4.047  10.678  1.00 60.70  ? 47  SER A OG  1 
ATOM   357 N N   . PRO A 1 48  ? 2.991   -2.337  9.617   1.00 50.70  ? 48  PRO A N   1 
ATOM   358 C CA  . PRO A 1 48  ? 4.409   -2.271  9.251   1.00 49.35  ? 48  PRO A CA  1 
ATOM   359 C C   . PRO A 1 48  ? 5.134   -3.614  9.248   1.00 51.30  ? 48  PRO A C   1 
ATOM   360 O O   . PRO A 1 48  ? 6.150   -3.739  8.561   1.00 54.19  ? 48  PRO A O   1 
ATOM   361 C CB  . PRO A 1 48  ? 5.009   -1.335  10.298  1.00 48.77  ? 48  PRO A CB  1 
ATOM   362 C CG  . PRO A 1 48  ? 3.857   -0.563  10.828  1.00 49.74  ? 48  PRO A CG  1 
ATOM   363 C CD  . PRO A 1 48  ? 2.713   -1.528  10.816  1.00 50.20  ? 48  PRO A CD  1 
ATOM   364 N N   . GLY A 1 49  ? 4.606   -4.604  9.977   1.00 48.49  ? 49  GLY A N   1 
ATOM   365 C CA  . GLY A 1 49  ? 5.150   -5.969  9.987   1.00 47.72  ? 49  GLY A CA  1 
ATOM   366 C C   . GLY A 1 49  ? 5.281   -6.631  8.622   1.00 49.61  ? 49  GLY A C   1 
ATOM   367 O O   . GLY A 1 49  ? 6.108   -7.524  8.431   1.00 54.97  ? 49  GLY A O   1 
ATOM   368 N N   . SER A 1 50  ? 4.467   -6.181  7.675   1.00 49.51  ? 50  SER A N   1 
ATOM   369 C CA  . SER A 1 50  ? 4.444   -6.714  6.325   1.00 48.86  ? 50  SER A CA  1 
ATOM   370 C C   . SER A 1 50  ? 5.393   -5.994  5.373   1.00 49.28  ? 50  SER A C   1 
ATOM   371 O O   . SER A 1 50  ? 5.677   -6.509  4.284   1.00 48.57  ? 50  SER A O   1 
ATOM   372 C CB  . SER A 1 50  ? 3.021   -6.645  5.770   1.00 50.28  ? 50  SER A CB  1 
ATOM   373 O OG  . SER A 1 50  ? 2.602   -5.295  5.655   1.00 54.94  ? 50  SER A OG  1 
ATOM   374 N N   . TRP A 1 51  ? 5.889   -4.822  5.779   1.00 49.88  ? 51  TRP A N   1 
ATOM   375 C CA  . TRP A 1 51  ? 6.619   -3.932  4.862   1.00 51.37  ? 51  TRP A CA  1 
ATOM   376 C C   . TRP A 1 51  ? 7.947   -4.474  4.322   1.00 51.55  ? 51  TRP A C   1 
ATOM   377 O O   . TRP A 1 51  ? 8.155   -4.464  3.102   1.00 50.91  ? 51  TRP A O   1 
ATOM   378 C CB  . TRP A 1 51  ? 6.776   -2.524  5.439   1.00 53.14  ? 51  TRP A CB  1 
ATOM   379 C CG  . TRP A 1 51  ? 5.460   -1.806  5.705   1.00 55.49  ? 51  TRP A CG  1 
ATOM   380 C CD1 . TRP A 1 51  ? 4.196   -2.198  5.312   1.00 54.22  ? 51  TRP A CD1 1 
ATOM   381 C CD2 . TRP A 1 51  ? 5.289   -0.557  6.394   1.00 55.49  ? 51  TRP A CD2 1 
ATOM   382 N NE1 . TRP A 1 51  ? 3.263   -1.285  5.733   1.00 53.97  ? 51  TRP A NE1 1 
ATOM   383 C CE2 . TRP A 1 51  ? 3.899   -0.267  6.395   1.00 55.54  ? 51  TRP A CE2 1 
ATOM   384 C CE3 . TRP A 1 51  ? 6.174   0.336   7.029   1.00 52.90  ? 51  TRP A CE3 1 
ATOM   385 C CZ2 . TRP A 1 51  ? 3.371   0.883   7.006   1.00 55.17  ? 51  TRP A CZ2 1 
ATOM   386 C CZ3 . TRP A 1 51  ? 5.651   1.482   7.629   1.00 53.29  ? 51  TRP A CZ3 1 
ATOM   387 C CH2 . TRP A 1 51  ? 4.260   1.743   7.614   1.00 55.29  ? 51  TRP A CH2 1 
ATOM   388 N N   . ASP A 1 52  ? 8.822   -4.958  5.211   1.00 52.98  ? 52  ASP A N   1 
ATOM   389 C CA  . ASP A 1 52  ? 10.059  -5.646  4.784   1.00 52.83  ? 52  ASP A CA  1 
ATOM   390 C C   . ASP A 1 52  ? 9.762   -6.887  3.924   1.00 50.41  ? 52  ASP A C   1 
ATOM   391 O O   . ASP A 1 52  ? 10.259  -6.958  2.788   1.00 50.00  ? 52  ASP A O   1 
ATOM   392 C CB  . ASP A 1 52  ? 11.012  -5.969  5.949   1.00 54.07  ? 52  ASP A CB  1 
ATOM   393 C CG  . ASP A 1 52  ? 11.685  -4.724  6.544   1.00 58.26  ? 52  ASP A CG  1 
ATOM   394 O OD1 . ASP A 1 52  ? 11.756  -3.654  5.891   1.00 58.62  ? 52  ASP A OD1 1 
ATOM   395 O OD2 . ASP A 1 52  ? 12.162  -4.821  7.691   1.00 62.73  ? 52  ASP A OD2 1 
ATOM   396 N N   . PRO A 1 53  ? 8.924   -7.836  4.426   1.00 47.49  ? 53  PRO A N   1 
ATOM   397 C CA  . PRO A 1 53  ? 8.630   -8.986  3.551   1.00 46.09  ? 53  PRO A CA  1 
ATOM   398 C C   . PRO A 1 53  ? 8.079   -8.625  2.161   1.00 46.60  ? 53  PRO A C   1 
ATOM   399 O O   . PRO A 1 53  ? 8.443   -9.292  1.181   1.00 46.23  ? 53  PRO A O   1 
ATOM   400 C CB  . PRO A 1 53  ? 7.619   -9.796  4.356   1.00 43.42  ? 53  PRO A CB  1 
ATOM   401 C CG  . PRO A 1 53  ? 7.885   -9.433  5.773   1.00 43.51  ? 53  PRO A CG  1 
ATOM   402 C CD  . PRO A 1 53  ? 8.291   -7.992  5.757   1.00 43.62  ? 53  PRO A CD  1 
ATOM   403 N N   . ILE A 1 54  ? 7.252   -7.575  2.074   1.00 46.07  ? 54  ILE A N   1 
ATOM   404 C CA  . ILE A 1 54  ? 6.737   -7.093  0.782   1.00 48.53  ? 54  ILE A CA  1 
ATOM   405 C C   . ILE A 1 54  ? 7.889   -6.586  -0.084  1.00 52.22  ? 54  ILE A C   1 
ATOM   406 O O   . ILE A 1 54  ? 8.028   -7.022  -1.235  1.00 55.19  ? 54  ILE A O   1 
ATOM   407 C CB  . ILE A 1 54  ? 5.591   -6.049  0.925   1.00 49.12  ? 54  ILE A CB  1 
ATOM   408 C CG1 . ILE A 1 54  ? 4.291   -6.738  1.351   1.00 48.28  ? 54  ILE A CG1 1 
ATOM   409 C CG2 . ILE A 1 54  ? 5.318   -5.336  -0.393  1.00 47.76  ? 54  ILE A CG2 1 
ATOM   410 C CD1 . ILE A 1 54  ? 3.274   -5.833  2.010   1.00 47.96  ? 54  ILE A CD1 1 
ATOM   411 N N   . THR A 1 55  ? 8.719   -5.697  0.478   1.00 53.43  ? 55  THR A N   1 
ATOM   412 C CA  . THR A 1 55  ? 9.912   -5.180  -0.212  1.00 53.19  ? 55  THR A CA  1 
ATOM   413 C C   . THR A 1 55  ? 10.801  -6.324  -0.719  1.00 53.15  ? 55  THR A C   1 
ATOM   414 O O   . THR A 1 55  ? 11.150  -6.349  -1.900  1.00 54.71  ? 55  THR A O   1 
ATOM   415 C CB  . THR A 1 55  ? 10.729  -4.213  0.675   1.00 52.75  ? 55  THR A CB  1 
ATOM   416 O OG1 . THR A 1 55  ? 9.912   -3.103  1.043   1.00 54.33  ? 55  THR A OG1 1 
ATOM   417 C CG2 . THR A 1 55  ? 11.942  -3.677  -0.066  1.00 50.52  ? 55  THR A CG2 1 
ATOM   418 N N   . ALA A 1 56  ? 11.131  -7.267  0.171   1.00 51.71  ? 56  ALA A N   1 
ATOM   419 C CA  . ALA A 1 56  ? 11.956  -8.434  -0.168  1.00 50.37  ? 56  ALA A CA  1 
ATOM   420 C C   . ALA A 1 56  ? 11.381  -9.172  -1.361  1.00 52.89  ? 56  ALA A C   1 
ATOM   421 O O   . ALA A 1 56  ? 12.082  -9.364  -2.357  1.00 55.79  ? 56  ALA A O   1 
ATOM   422 C CB  . ALA A 1 56  ? 12.100  -9.370  1.022   1.00 47.25  ? 56  ALA A CB  1 
ATOM   423 N N   . ALA A 1 57  ? 10.097  -9.530  -1.266  1.00 54.56  ? 57  ALA A N   1 
ATOM   424 C CA  . ALA A 1 57  ? 9.403   -10.308 -2.291  1.00 52.20  ? 57  ALA A CA  1 
ATOM   425 C C   . ALA A 1 57  ? 9.358   -9.587  -3.633  1.00 53.70  ? 57  ALA A C   1 
ATOM   426 O O   . ALA A 1 57  ? 9.609   -10.199 -4.670  1.00 55.75  ? 57  ALA A O   1 
ATOM   427 C CB  . ALA A 1 57  ? 8.004   -10.661 -1.829  1.00 50.85  ? 57  ALA A CB  1 
ATOM   428 N N   . LEU A 1 58  ? 9.056   -8.292  -3.609  1.00 54.19  ? 58  LEU A N   1 
ATOM   429 C CA  . LEU A 1 58  ? 8.934   -7.519  -4.843  1.00 57.31  ? 58  LEU A CA  1 
ATOM   430 C C   . LEU A 1 58  ? 10.280  -7.206  -5.476  1.00 58.19  ? 58  LEU A C   1 
ATOM   431 O O   . LEU A 1 58  ? 10.362  -7.036  -6.695  1.00 61.37  ? 58  LEU A O   1 
ATOM   432 C CB  . LEU A 1 58  ? 8.114   -6.240  -4.631  1.00 58.20  ? 58  LEU A CB  1 
ATOM   433 C CG  . LEU A 1 58  ? 6.616   -6.446  -4.371  1.00 58.64  ? 58  LEU A CG  1 
ATOM   434 C CD1 . LEU A 1 58  ? 5.972   -5.136  -3.961  1.00 58.48  ? 58  LEU A CD1 1 
ATOM   435 C CD2 . LEU A 1 58  ? 5.897   -7.038  -5.575  1.00 58.10  ? 58  LEU A CD2 1 
ATOM   436 N N   . SER A 1 59  ? 11.322  -7.139  -4.647  1.00 58.84  ? 59  SER A N   1 
ATOM   437 C CA  . SER A 1 59  ? 12.703  -7.027  -5.126  1.00 60.15  ? 59  SER A CA  1 
ATOM   438 C C   . SER A 1 59  ? 13.128  -8.297  -5.866  1.00 59.92  ? 59  SER A C   1 
ATOM   439 O O   . SER A 1 59  ? 13.654  -8.207  -6.979  1.00 56.04  ? 59  SER A O   1 
ATOM   440 C CB  . SER A 1 59  ? 13.659  -6.707  -3.979  1.00 60.30  ? 59  SER A CB  1 
ATOM   441 O OG  . SER A 1 59  ? 13.314  -5.469  -3.382  1.00 60.26  ? 59  SER A OG  1 
ATOM   442 N N   . GLN A 1 60  ? 12.868  -9.460  -5.252  1.00 62.72  ? 60  GLN A N   1 
ATOM   443 C CA  . GLN A 1 60  ? 13.046  -10.780 -5.883  1.00 65.92  ? 60  GLN A CA  1 
ATOM   444 C C   . GLN A 1 60  ? 12.383  -10.852 -7.254  1.00 64.86  ? 60  GLN A C   1 
ATOM   445 O O   . GLN A 1 60  ? 12.996  -11.323 -8.211  1.00 65.21  ? 60  GLN A O   1 
ATOM   446 C CB  . GLN A 1 60  ? 12.492  -11.913 -5.002  1.00 73.00  ? 60  GLN A CB  1 
ATOM   447 C CG  . GLN A 1 60  ? 13.240  -12.169 -3.704  1.00 86.49  ? 60  GLN A CG  1 
ATOM   448 C CD  . GLN A 1 60  ? 14.729  -12.371 -3.917  1.00 100.37 ? 60  GLN A CD  1 
ATOM   449 O OE1 . GLN A 1 60  ? 15.158  -13.386 -4.471  1.00 106.10 ? 60  GLN A OE1 1 
ATOM   450 N NE2 . GLN A 1 60  ? 15.527  -11.396 -3.480  1.00 103.96 ? 60  GLN A NE2 1 
ATOM   451 N N   . ARG A 1 61  ? 11.141  -10.374 -7.336  1.00 63.20  ? 61  ARG A N   1 
ATOM   452 C CA  . ARG A 1 61  ? 10.365  -10.415 -8.565  1.00 64.63  ? 61  ARG A CA  1 
ATOM   453 C C   . ARG A 1 61  ? 11.027  -9.604  -9.682  1.00 65.71  ? 61  ARG A C   1 
ATOM   454 O O   . ARG A 1 61  ? 11.147  -10.082 -10.812 1.00 67.05  ? 61  ARG A O   1 
ATOM   455 C CB  . ARG A 1 61  ? 8.936   -9.937  -8.311  1.00 64.90  ? 61  ARG A CB  1 
ATOM   456 C CG  . ARG A 1 61  ? 7.997   -10.203 -9.470  1.00 64.02  ? 61  ARG A CG  1 
ATOM   457 C CD  . ARG A 1 61  ? 6.768   -9.317  -9.387  1.00 68.55  ? 61  ARG A CD  1 
ATOM   458 N NE  . ARG A 1 61  ? 5.911   -9.370  -10.580 1.00 71.12  ? 61  ARG A NE  1 
ATOM   459 C CZ  . ARG A 1 61  ? 5.298   -10.462 -11.047 1.00 69.65  ? 61  ARG A CZ  1 
ATOM   460 N NH1 . ARG A 1 61  ? 5.445   -11.646 -10.454 1.00 65.39  ? 61  ARG A NH1 1 
ATOM   461 N NH2 . ARG A 1 61  ? 4.541   -10.374 -12.133 1.00 69.25  ? 61  ARG A NH2 1 
ATOM   462 N N   . ALA A 1 62  ? 11.468  -8.394  -9.352  1.00 65.44  ? 62  ALA A N   1 
ATOM   463 C CA  . ALA A 1 62  ? 12.200  -7.549  -10.295 1.00 68.98  ? 62  ALA A CA  1 
ATOM   464 C C   . ALA A 1 62  ? 13.523  -8.185  -10.776 1.00 70.98  ? 62  ALA A C   1 
ATOM   465 O O   . ALA A 1 62  ? 13.893  -8.063  -11.948 1.00 71.80  ? 62  ALA A O   1 
ATOM   466 C CB  . ALA A 1 62  ? 12.449  -6.180  -9.682  1.00 66.54  ? 62  ALA A CB  1 
ATOM   467 N N   . MET A 1 63  ? 14.213  -8.870  -9.869  1.00 68.67  ? 63  MET A N   1 
ATOM   468 C CA  . MET A 1 63  ? 15.504  -9.473  -10.174 1.00 69.30  ? 63  MET A CA  1 
ATOM   469 C C   . MET A 1 63  ? 15.381  -10.802 -10.908 1.00 70.95  ? 63  MET A C   1 
ATOM   470 O O   . MET A 1 63  ? 15.979  -10.975 -11.966 1.00 70.80  ? 63  MET A O   1 
ATOM   471 C CB  . MET A 1 63  ? 16.325  -9.657  -8.909  1.00 67.98  ? 63  MET A CB  1 
ATOM   472 C CG  . MET A 1 63  ? 16.846  -8.364  -8.326  1.00 67.37  ? 63  MET A CG  1 
ATOM   473 S SD  . MET A 1 63  ? 18.151  -8.707  -7.149  1.00 67.51  ? 63  MET A SD  1 
ATOM   474 C CE  . MET A 1 63  ? 17.267  -9.632  -5.893  1.00 73.00  ? 63  MET A CE  1 
ATOM   475 N N   . ILE A 1 64  ? 14.615  -11.731 -10.333 1.00 71.72  ? 64  ILE A N   1 
ATOM   476 C CA  . ILE A 1 64  ? 14.459  -13.079 -10.877 1.00 68.62  ? 64  ILE A CA  1 
ATOM   477 C C   . ILE A 1 64  ? 13.635  -13.091 -12.165 1.00 67.08  ? 64  ILE A C   1 
ATOM   478 O O   . ILE A 1 64  ? 14.052  -13.697 -13.145 1.00 69.76  ? 64  ILE A O   1 
ATOM   479 C CB  . ILE A 1 64  ? 13.917  -14.076 -9.820  1.00 67.55  ? 64  ILE A CB  1 
ATOM   480 C CG1 . ILE A 1 64  ? 14.989  -14.338 -8.754  1.00 66.96  ? 64  ILE A CG1 1 
ATOM   481 C CG2 . ILE A 1 64  ? 13.473  -15.389 -10.466 1.00 66.51  ? 64  ILE A CG2 1 
ATOM   482 C CD1 . ILE A 1 64  ? 14.462  -14.921 -7.457  1.00 71.39  ? 64  ILE A CD1 1 
ATOM   483 N N   . LEU A 1 65  ? 12.496  -12.406 -12.173 1.00 68.92  ? 65  LEU A N   1 
ATOM   484 C CA  . LEU A 1 65  ? 11.579  -12.472 -13.317 1.00 69.16  ? 65  LEU A CA  1 
ATOM   485 C C   . LEU A 1 65  ? 11.621  -11.251 -14.229 1.00 69.18  ? 65  LEU A C   1 
ATOM   486 O O   . LEU A 1 65  ? 10.950  -11.233 -15.264 1.00 71.99  ? 65  LEU A O   1 
ATOM   487 C CB  . LEU A 1 65  ? 10.141  -12.752 -12.855 1.00 70.44  ? 65  LEU A CB  1 
ATOM   488 C CG  . LEU A 1 65  ? 9.906   -14.070 -12.104 1.00 74.86  ? 65  LEU A CG  1 
ATOM   489 C CD1 . LEU A 1 65  ? 8.637   -13.985 -11.265 1.00 73.40  ? 65  LEU A CD1 1 
ATOM   490 C CD2 . LEU A 1 65  ? 9.884   -15.285 -13.033 1.00 73.54  ? 65  LEU A CD2 1 
ATOM   491 N N   . GLY A 1 66  ? 12.394  -10.235 -13.846 1.00 67.47  ? 66  GLY A N   1 
ATOM   492 C CA  . GLY A 1 66  ? 12.509  -9.006  -14.634 1.00 70.61  ? 66  GLY A CA  1 
ATOM   493 C C   . GLY A 1 66  ? 11.248  -8.160  -14.708 1.00 75.46  ? 66  GLY A C   1 
ATOM   494 O O   . GLY A 1 66  ? 11.130  -7.290  -15.574 1.00 79.00  ? 66  GLY A O   1 
ATOM   495 N N   . LYS A 1 67  ? 10.307  -8.413  -13.799 1.00 80.91  ? 67  LYS A N   1 
ATOM   496 C CA  . LYS A 1 67  ? 9.057   -7.659  -13.732 1.00 79.50  ? 67  LYS A CA  1 
ATOM   497 C C   . LYS A 1 67  ? 9.029   -6.762  -12.495 1.00 75.32  ? 67  LYS A C   1 
ATOM   498 O O   . LYS A 1 67  ? 8.943   -7.247  -11.363 1.00 76.18  ? 67  LYS A O   1 
ATOM   499 C CB  . LYS A 1 67  ? 7.857   -8.604  -13.830 1.00 81.13  ? 67  LYS A CB  1 
ATOM   500 C CG  . LYS A 1 67  ? 7.475   -8.841  -15.278 1.00 85.65  ? 67  LYS A CG  1 
ATOM   501 C CD  . LYS A 1 67  ? 6.822   -10.180 -15.546 1.00 86.14  ? 67  LYS A CD  1 
ATOM   502 C CE  . LYS A 1 67  ? 6.354   -10.180 -16.992 1.00 92.06  ? 67  LYS A CE  1 
ATOM   503 N NZ  . LYS A 1 67  ? 5.762   -11.472 -17.420 1.00 101.02 ? 67  LYS A NZ  1 
ATOM   504 N N   . SER A 1 68  ? 9.129   -5.455  -12.739 1.00 69.02  ? 68  SER A N   1 
ATOM   505 C CA  . SER A 1 68  ? 9.401   -4.460  -11.703 1.00 71.11  ? 68  SER A CA  1 
ATOM   506 C C   . SER A 1 68  ? 8.308   -3.387  -11.568 1.00 75.69  ? 68  SER A C   1 
ATOM   507 O O   . SER A 1 68  ? 8.497   -2.384  -10.862 1.00 73.43  ? 68  SER A O   1 
ATOM   508 C CB  . SER A 1 68  ? 10.760  -3.797  -11.971 1.00 72.61  ? 68  SER A CB  1 
ATOM   509 O OG  . SER A 1 68  ? 10.706  -2.948  -13.106 1.00 71.20  ? 68  SER A OG  1 
ATOM   510 N N   . GLY A 1 69  ? 7.180   -3.603  -12.249 1.00 77.87  ? 69  GLY A N   1 
ATOM   511 C CA  . GLY A 1 69  ? 6.045   -2.676  -12.227 1.00 70.88  ? 69  GLY A CA  1 
ATOM   512 C C   . GLY A 1 69  ? 5.486   -2.515  -10.831 1.00 67.49  ? 69  GLY A C   1 
ATOM   513 O O   . GLY A 1 69  ? 5.291   -1.392  -10.355 1.00 64.00  ? 69  GLY A O   1 
ATOM   514 N N   . GLU A 1 70  ? 5.268   -3.652  -10.172 1.00 66.98  ? 70  GLU A N   1 
ATOM   515 C CA  . GLU A 1 70  ? 4.708   -3.706  -8.821  1.00 65.98  ? 70  GLU A CA  1 
ATOM   516 C C   . GLU A 1 70  ? 5.648   -3.116  -7.774  1.00 63.14  ? 70  GLU A C   1 
ATOM   517 O O   . GLU A 1 70  ? 5.191   -2.425  -6.866  1.00 63.52  ? 70  GLU A O   1 
ATOM   518 C CB  . GLU A 1 70  ? 4.323   -5.139  -8.438  1.00 68.10  ? 70  GLU A CB  1 
ATOM   519 C CG  . GLU A 1 70  ? 3.310   -5.818  -9.358  1.00 72.67  ? 70  GLU A CG  1 
ATOM   520 C CD  . GLU A 1 70  ? 3.915   -6.414  -10.630 1.00 78.64  ? 70  GLU A CD  1 
ATOM   521 O OE1 . GLU A 1 70  ? 5.141   -6.687  -10.704 1.00 78.49  ? 70  GLU A OE1 1 
ATOM   522 O OE2 . GLU A 1 70  ? 3.138   -6.617  -11.580 1.00 82.58  ? 70  GLU A OE2 1 
ATOM   523 N N   . LEU A 1 71  ? 6.951   -3.379  -7.908  1.00 62.37  ? 71  LEU A N   1 
ATOM   524 C CA  . LEU A 1 71  ? 7.959   -2.833  -6.990  1.00 59.89  ? 71  LEU A CA  1 
ATOM   525 C C   . LEU A 1 71  ? 7.988   -1.310  -7.013  1.00 59.81  ? 71  LEU A C   1 
ATOM   526 O O   . LEU A 1 71  ? 8.099   -0.677  -5.961  1.00 61.40  ? 71  LEU A O   1 
ATOM   527 C CB  . LEU A 1 71  ? 9.352   -3.398  -7.286  1.00 59.44  ? 71  LEU A CB  1 
ATOM   528 C CG  . LEU A 1 71  ? 10.572  -2.863  -6.513  1.00 57.76  ? 71  LEU A CG  1 
ATOM   529 C CD1 . LEU A 1 71  ? 10.585  -3.287  -5.052  1.00 57.82  ? 71  LEU A CD1 1 
ATOM   530 C CD2 . LEU A 1 71  ? 11.839  -3.333  -7.196  1.00 58.01  ? 71  LEU A CD2 1 
ATOM   531 N N   . LYS A 1 72  ? 7.882   -0.734  -8.209  1.00 59.89  ? 72  LYS A N   1 
ATOM   532 C CA  . LYS A 1 72  ? 7.816   0.719   -8.375  1.00 61.87  ? 72  LYS A CA  1 
ATOM   533 C C   . LYS A 1 72  ? 6.589   1.325   -7.689  1.00 61.28  ? 72  LYS A C   1 
ATOM   534 O O   . LYS A 1 72  ? 6.699   2.369   -7.036  1.00 59.41  ? 72  LYS A O   1 
ATOM   535 C CB  . LYS A 1 72  ? 7.819   1.088   -9.852  1.00 65.46  ? 72  LYS A CB  1 
ATOM   536 C CG  . LYS A 1 72  ? 9.162   0.948   -10.544 1.00 69.66  ? 72  LYS A CG  1 
ATOM   537 C CD  . LYS A 1 72  ? 8.935   0.662   -12.018 1.00 72.63  ? 72  LYS A CD  1 
ATOM   538 C CE  . LYS A 1 72  ? 10.088  1.157   -12.857 1.00 74.28  ? 72  LYS A CE  1 
ATOM   539 N NZ  . LYS A 1 72  ? 9.858   0.824   -14.285 1.00 77.50  ? 72  LYS A NZ  1 
ATOM   540 N N   . THR A 1 73  ? 5.441   0.654   -7.844  1.00 61.71  ? 73  THR A N   1 
ATOM   541 C CA  . THR A 1 73  ? 4.178   1.034   -7.194  1.00 62.44  ? 73  THR A CA  1 
ATOM   542 C C   . THR A 1 73  ? 4.358   1.027   -5.672  1.00 62.11  ? 73  THR A C   1 
ATOM   543 O O   . THR A 1 73  ? 4.017   2.009   -4.991  1.00 62.13  ? 73  THR A O   1 
ATOM   544 C CB  . THR A 1 73  ? 2.997   0.102   -7.594  1.00 63.24  ? 73  THR A CB  1 
ATOM   545 O OG1 . THR A 1 73  ? 2.949   -0.066  -9.017  1.00 62.42  ? 73  THR A OG1 1 
ATOM   546 C CG2 . THR A 1 73  ? 1.661   0.674   -7.126  1.00 62.15  ? 73  THR A CG2 1 
ATOM   547 N N   . TRP A 1 74  ? 4.923   -0.071  -5.168  1.00 58.70  ? 74  TRP A N   1 
ATOM   548 C CA  . TRP A 1 74  ? 5.159   -0.271  -3.741  1.00 58.60  ? 74  TRP A CA  1 
ATOM   549 C C   . TRP A 1 74  ? 6.098   0.772   -3.139  1.00 59.87  ? 74  TRP A C   1 
ATOM   550 O O   . TRP A 1 74  ? 5.916   1.175   -1.987  1.00 62.85  ? 74  TRP A O   1 
ATOM   551 C CB  . TRP A 1 74  ? 5.689   -1.682  -3.481  1.00 57.34  ? 74  TRP A CB  1 
ATOM   552 C CG  . TRP A 1 74  ? 6.135   -1.941  -2.067  1.00 56.33  ? 74  TRP A CG  1 
ATOM   553 C CD1 . TRP A 1 74  ? 7.374   -2.329  -1.669  1.00 56.20  ? 74  TRP A CD1 1 
ATOM   554 C CD2 . TRP A 1 74  ? 5.351   -1.811  -0.872  1.00 57.03  ? 74  TRP A CD2 1 
ATOM   555 N NE1 . TRP A 1 74  ? 7.417   -2.467  -0.307  1.00 55.49  ? 74  TRP A NE1 1 
ATOM   556 C CE2 . TRP A 1 74  ? 6.192   -2.150  0.213   1.00 55.70  ? 74  TRP A CE2 1 
ATOM   557 C CE3 . TRP A 1 74  ? 4.018   -1.444  -0.610  1.00 58.51  ? 74  TRP A CE3 1 
ATOM   558 C CZ2 . TRP A 1 74  ? 5.748   -2.143  1.546   1.00 56.49  ? 74  TRP A CZ2 1 
ATOM   559 C CZ3 . TRP A 1 74  ? 3.573   -1.429  0.719   1.00 60.38  ? 74  TRP A CZ3 1 
ATOM   560 C CH2 . TRP A 1 74  ? 4.443   -1.779  1.781   1.00 59.61  ? 74  TRP A CH2 1 
ATOM   561 N N   . GLY A 1 75  ? 7.090   1.199   -3.923  1.00 58.17  ? 75  GLY A N   1 
ATOM   562 C CA  . GLY A 1 75  ? 7.971   2.295   -3.543  1.00 56.00  ? 75  GLY A CA  1 
ATOM   563 C C   . GLY A 1 75  ? 7.156   3.512   -3.160  1.00 54.59  ? 75  GLY A C   1 
ATOM   564 O O   . GLY A 1 75  ? 7.327   4.072   -2.066  1.00 53.46  ? 75  GLY A O   1 
ATOM   565 N N   . LEU A 1 76  ? 6.244   3.885   -4.057  1.00 54.31  ? 76  LEU A N   1 
ATOM   566 C CA  . LEU A 1 76  ? 5.325   5.007   -3.849  1.00 56.01  ? 76  LEU A CA  1 
ATOM   567 C C   . LEU A 1 76  ? 4.357   4.778   -2.668  1.00 54.92  ? 76  LEU A C   1 
ATOM   568 O O   . LEU A 1 76  ? 4.287   5.617   -1.755  1.00 53.16  ? 76  LEU A O   1 
ATOM   569 C CB  . LEU A 1 76  ? 4.578   5.339   -5.155  1.00 56.26  ? 76  LEU A CB  1 
ATOM   570 C CG  . LEU A 1 76  ? 5.418   5.794   -6.368  1.00 53.47  ? 76  LEU A CG  1 
ATOM   571 C CD1 . LEU A 1 76  ? 4.695   5.512   -7.683  1.00 50.68  ? 76  LEU A CD1 1 
ATOM   572 C CD2 . LEU A 1 76  ? 5.845   7.257   -6.271  1.00 50.01  ? 76  LEU A CD2 1 
ATOM   573 N N   . VAL A 1 77  ? 3.657   3.637   -2.675  1.00 51.51  ? 77  VAL A N   1 
ATOM   574 C CA  . VAL A 1 77  ? 2.750   3.249   -1.585  1.00 49.99  ? 77  VAL A CA  1 
ATOM   575 C C   . VAL A 1 77  ? 3.437   3.310   -0.211  1.00 50.95  ? 77  VAL A C   1 
ATOM   576 O O   . VAL A 1 77  ? 2.916   3.944   0.713   1.00 50.86  ? 77  VAL A O   1 
ATOM   577 C CB  . VAL A 1 77  ? 2.120   1.855   -1.822  1.00 50.39  ? 77  VAL A CB  1 
ATOM   578 C CG1 . VAL A 1 77  ? 1.290   1.402   -0.623  1.00 48.98  ? 77  VAL A CG1 1 
ATOM   579 C CG2 . VAL A 1 77  ? 1.259   1.860   -3.073  1.00 49.61  ? 77  VAL A CG2 1 
ATOM   580 N N   . LEU A 1 78  ? 4.606   2.677   -0.093  1.00 50.69  ? 78  LEU A N   1 
ATOM   581 C CA  . LEU A 1 78  ? 5.325   2.613   1.188   1.00 51.41  ? 78  LEU A CA  1 
ATOM   582 C C   . LEU A 1 78  ? 5.834   3.975   1.680   1.00 54.80  ? 78  LEU A C   1 
ATOM   583 O O   . LEU A 1 78  ? 5.830   4.241   2.893   1.00 56.96  ? 78  LEU A O   1 
ATOM   584 C CB  . LEU A 1 78  ? 6.464   1.605   1.120   1.00 47.86  ? 78  LEU A CB  1 
ATOM   585 C CG  . LEU A 1 78  ? 7.400   1.470   2.315   1.00 45.81  ? 78  LEU A CG  1 
ATOM   586 C CD1 . LEU A 1 78  ? 6.661   0.939   3.529   1.00 45.93  ? 78  LEU A CD1 1 
ATOM   587 C CD2 . LEU A 1 78  ? 8.557   0.566   1.931   1.00 47.32  ? 78  LEU A CD2 1 
ATOM   588 N N   . GLY A 1 79  ? 6.264   4.823   0.743   1.00 53.46  ? 79  GLY A N   1 
ATOM   589 C CA  . GLY A 1 79  ? 6.627   6.206   1.048   1.00 53.89  ? 79  GLY A CA  1 
ATOM   590 C C   . GLY A 1 79  ? 5.458   6.967   1.649   1.00 56.39  ? 79  GLY A C   1 
ATOM   591 O O   . GLY A 1 79  ? 5.625   7.696   2.639   1.00 55.17  ? 79  GLY A O   1 
ATOM   592 N N   . ALA A 1 80  ? 4.277   6.770   1.055   1.00 56.18  ? 80  ALA A N   1 
ATOM   593 C CA  . ALA A 1 80  ? 3.025   7.369   1.526   1.00 56.17  ? 80  ALA A CA  1 
ATOM   594 C C   . ALA A 1 80  ? 2.618   6.871   2.910   1.00 56.40  ? 80  ALA A C   1 
ATOM   595 O O   . ALA A 1 80  ? 2.221   7.677   3.758   1.00 56.86  ? 80  ALA A O   1 
ATOM   596 C CB  . ALA A 1 80  ? 1.904   7.127   0.523   1.00 55.85  ? 80  ALA A CB  1 
ATOM   597 N N   . LEU A 1 81  ? 2.726   5.557   3.132   1.00 54.30  ? 81  LEU A N   1 
ATOM   598 C CA  . LEU A 1 81  ? 2.399   4.952   4.424   1.00 53.22  ? 81  LEU A CA  1 
ATOM   599 C C   . LEU A 1 81  ? 3.314   5.472   5.529   1.00 54.27  ? 81  LEU A C   1 
ATOM   600 O O   . LEU A 1 81  ? 2.840   5.810   6.616   1.00 52.63  ? 81  LEU A O   1 
ATOM   601 C CB  . LEU A 1 81  ? 2.471   3.420   4.367   1.00 53.34  ? 81  LEU A CB  1 
ATOM   602 C CG  . LEU A 1 81  ? 1.593   2.613   3.409   1.00 53.21  ? 81  LEU A CG  1 
ATOM   603 C CD1 . LEU A 1 81  ? 2.070   1.172   3.361   1.00 51.27  ? 81  LEU A CD1 1 
ATOM   604 C CD2 . LEU A 1 81  ? 0.121   2.676   3.785   1.00 53.80  ? 81  LEU A CD2 1 
ATOM   605 N N   . LYS A 1 82  ? 4.616   5.543   5.235   1.00 55.77  ? 82  LYS A N   1 
ATOM   606 C CA  . LYS A 1 82  ? 5.625   6.032   6.183   1.00 55.21  ? 82  LYS A CA  1 
ATOM   607 C C   . LYS A 1 82  ? 5.372   7.492   6.560   1.00 55.21  ? 82  LYS A C   1 
ATOM   608 O O   . LYS A 1 82  ? 5.371   7.845   7.755   1.00 55.32  ? 82  LYS A O   1 
ATOM   609 C CB  . LYS A 1 82  ? 7.034   5.838   5.618   1.00 55.06  ? 82  LYS A CB  1 
ATOM   610 C CG  . LYS A 1 82  ? 7.608   4.461   5.905   1.00 58.70  ? 82  LYS A CG  1 
ATOM   611 C CD  . LYS A 1 82  ? 8.934   4.197   5.211   1.00 59.58  ? 82  LYS A CD  1 
ATOM   612 C CE  . LYS A 1 82  ? 9.598   2.986   5.846   1.00 65.24  ? 82  LYS A CE  1 
ATOM   613 N NZ  . LYS A 1 82  ? 10.650  2.386   4.979   1.00 71.16  ? 82  LYS A NZ  1 
ATOM   614 N N   . ALA A 1 83  ? 5.128   8.315   5.536   1.00 53.25  ? 83  ALA A N   1 
ATOM   615 C CA  . ALA A 1 83  ? 4.753   9.719   5.707   1.00 54.19  ? 83  ALA A CA  1 
ATOM   616 C C   . ALA A 1 83  ? 3.521   9.869   6.600   1.00 56.84  ? 83  ALA A C   1 
ATOM   617 O O   . ALA A 1 83  ? 3.548   10.643  7.561   1.00 57.34  ? 83  ALA A O   1 
ATOM   618 C CB  . ALA A 1 83  ? 4.520   10.379  4.360   1.00 51.54  ? 83  ALA A CB  1 
ATOM   619 N N   . ALA A 1 84  ? 2.470   9.098   6.291   1.00 56.94  ? 84  ALA A N   1 
ATOM   620 C CA  . ALA A 1 84  ? 1.221   9.098   7.054   1.00 54.89  ? 84  ALA A CA  1 
ATOM   621 C C   . ALA A 1 84  ? 1.450   8.683   8.504   1.00 56.65  ? 84  ALA A C   1 
ATOM   622 O O   . ALA A 1 84  ? 0.989   9.361   9.435   1.00 56.07  ? 84  ALA A O   1 
ATOM   623 C CB  . ALA A 1 84  ? 0.192   8.200   6.390   1.00 51.41  ? 84  ALA A CB  1 
ATOM   624 N N   . ARG A 1 85  ? 2.192   7.590   8.681   1.00 59.06  ? 85  ARG A N   1 
ATOM   625 C CA  . ARG A 1 85  ? 2.512   7.051   10.001  1.00 63.46  ? 85  ARG A CA  1 
ATOM   626 C C   . ARG A 1 85  ? 3.250   8.068   10.869  1.00 67.42  ? 85  ARG A C   1 
ATOM   627 O O   . ARG A 1 85  ? 3.009   8.140   12.076  1.00 65.63  ? 85  ARG A O   1 
ATOM   628 C CB  . ARG A 1 85  ? 3.337   5.773   9.866   1.00 62.96  ? 85  ARG A CB  1 
ATOM   629 C CG  . ARG A 1 85  ? 3.574   5.043   11.168  1.00 62.92  ? 85  ARG A CG  1 
ATOM   630 C CD  . ARG A 1 85  ? 4.632   3.971   11.007  1.00 68.97  ? 85  ARG A CD  1 
ATOM   631 N NE  . ARG A 1 85  ? 4.368   2.936   11.993  1.00 79.81  ? 85  ARG A NE  1 
ATOM   632 C CZ  . ARG A 1 85  ? 5.066   2.737   13.105  1.00 82.51  ? 85  ARG A CZ  1 
ATOM   633 N NH1 . ARG A 1 85  ? 6.131   3.478   13.388  1.00 85.30  ? 85  ARG A NH1 1 
ATOM   634 N NH2 . ARG A 1 85  ? 4.694   1.767   13.930  1.00 85.57  ? 85  ARG A NH2 1 
ATOM   635 N N   . GLU A 1 86  ? 4.135   8.850   10.249  1.00 72.91  ? 86  GLU A N   1 
ATOM   636 C CA  . GLU A 1 86  ? 4.924   9.830   10.981  1.00 79.39  ? 86  GLU A CA  1 
ATOM   637 C C   . GLU A 1 86  ? 4.094   11.056  11.365  1.00 80.49  ? 86  GLU A C   1 
ATOM   638 O O   . GLU A 1 86  ? 4.023   11.420  12.542  1.00 81.20  ? 86  GLU A O   1 
ATOM   639 C CB  . GLU A 1 86  ? 6.158   10.233  10.178  1.00 86.66  ? 86  GLU A CB  1 
ATOM   640 C CG  . GLU A 1 86  ? 7.285   10.769  11.049  1.00 101.40 ? 86  GLU A CG  1 
ATOM   641 C CD  . GLU A 1 86  ? 8.458   11.331  10.262  1.00 112.03 ? 86  GLU A CD  1 
ATOM   642 O OE1 . GLU A 1 86  ? 8.316   11.626  9.051   1.00 114.46 ? 86  GLU A OE1 1 
ATOM   643 O OE2 . GLU A 1 86  ? 9.539   11.486  10.871  1.00 122.79 ? 86  GLU A OE2 1 
ATOM   644 N N   . GLU A 1 87  ? 3.442   11.645  10.365  1.00 83.88  ? 87  GLU A N   1 
ATOM   645 C CA  . GLU A 1 87  ? 2.776   12.943  10.460  1.00 84.58  ? 87  GLU A CA  1 
ATOM   646 C C   . GLU A 1 87  ? 1.580   12.999  11.413  1.00 84.34  ? 87  GLU A C   1 
ATOM   647 O O   . GLU A 1 87  ? 1.292   14.057  11.974  1.00 81.45  ? 87  GLU A O   1 
ATOM   648 C CB  . GLU A 1 87  ? 2.339   13.382  9.063   1.00 93.55  ? 87  GLU A CB  1 
ATOM   649 C CG  . GLU A 1 87  ? 2.212   14.883  8.865   1.00 107.33 ? 87  GLU A CG  1 
ATOM   650 C CD  . GLU A 1 87  ? 1.948   15.250  7.417   1.00 117.59 ? 87  GLU A CD  1 
ATOM   651 O OE1 . GLU A 1 87  ? 2.899   15.209  6.602   1.00 118.96 ? 87  GLU A OE1 1 
ATOM   652 O OE2 . GLU A 1 87  ? 0.785   15.583  7.095   1.00 120.76 ? 87  GLU A OE2 1 
ATOM   653 N N   . GLN A 1 88  ? 0.899   11.869  11.604  1.00 84.31  ? 88  GLN A N   1 
ATOM   654 C CA  . GLN A 1 88  ? -0.381  11.869  12.322  1.00 83.43  ? 88  GLN A CA  1 
ATOM   655 C C   . GLN A 1 88  ? -0.377  11.130  13.651  1.00 80.34  ? 88  GLN A C   1 
ATOM   656 O O   . GLN A 1 88  ? 0.447   10.240  13.877  1.00 81.58  ? 88  GLN A O   1 
ATOM   657 C CB  . GLN A 1 88  ? -1.512  11.327  11.432  1.00 85.08  ? 88  GLN A CB  1 
ATOM   658 C CG  . GLN A 1 88  ? -1.803  12.129  10.160  1.00 86.29  ? 88  GLN A CG  1 
ATOM   659 C CD  . GLN A 1 88  ? -2.335  13.538  10.405  1.00 89.12  ? 88  GLN A CD  1 
ATOM   660 O OE1 . GLN A 1 88  ? -1.949  14.470  9.708   1.00 90.65  ? 88  GLN A OE1 1 
ATOM   661 N NE2 . GLN A 1 88  ? -3.223  13.699  11.389  1.00 91.21  ? 88  GLN A NE2 1 
ATOM   662 N N   . VAL A 1 89  ? -1.288  11.540  14.534  1.00 77.11  ? 89  VAL A N   1 
ATOM   663 C CA  . VAL A 1 89  ? -1.664  10.740  15.690  1.00 74.56  ? 89  VAL A CA  1 
ATOM   664 C C   . VAL A 1 89  ? -2.640  9.712   15.140  1.00 72.24  ? 89  VAL A C   1 
ATOM   665 O O   . VAL A 1 89  ? -3.752  10.030  14.705  1.00 69.24  ? 89  VAL A O   1 
ATOM   666 C CB  . VAL A 1 89  ? -2.287  11.564  16.841  1.00 77.70  ? 89  VAL A CB  1 
ATOM   667 C CG1 . VAL A 1 89  ? -2.782  10.646  17.965  1.00 74.01  ? 89  VAL A CG1 1 
ATOM   668 C CG2 . VAL A 1 89  ? -1.287  12.580  17.377  1.00 78.40  ? 89  VAL A CG2 1 
ATOM   669 N N   . THR A 1 90  ? -2.185  8.472   15.175  1.00 72.15  ? 90  THR A N   1 
ATOM   670 C CA  . THR A 1 90  ? -2.802  7.372   14.467  1.00 65.31  ? 90  THR A CA  1 
ATOM   671 C C   . THR A 1 90  ? -4.257  7.077   14.890  1.00 64.57  ? 90  THR A C   1 
ATOM   672 O O   . THR A 1 90  ? -5.140  6.920   14.045  1.00 62.70  ? 90  THR A O   1 
ATOM   673 C CB  . THR A 1 90  ? -1.865  6.144   14.544  1.00 61.48  ? 90  THR A CB  1 
ATOM   674 O OG1 . THR A 1 90  ? -1.551  5.743   13.214  1.00 63.75  ? 90  THR A OG1 1 
ATOM   675 C CG2 . THR A 1 90  ? -2.438  4.955   15.372  1.00 58.76  ? 90  THR A CG2 1 
ATOM   676 N N   . SER A 1 91  ? -4.496  7.034   16.194  1.00 63.53  ? 91  SER A N   1 
ATOM   677 C CA  . SER A 1 91  ? -5.771  6.585   16.711  1.00 63.00  ? 91  SER A CA  1 
ATOM   678 C C   . SER A 1 91  ? -6.821  7.697   16.704  1.00 64.12  ? 91  SER A C   1 
ATOM   679 O O   . SER A 1 91  ? -8.019  7.409   16.605  1.00 66.15  ? 91  SER A O   1 
ATOM   680 C CB  . SER A 1 91  ? -5.595  5.961   18.095  1.00 63.56  ? 91  SER A CB  1 
ATOM   681 O OG  . SER A 1 91  ? -4.697  6.726   18.873  1.00 72.84  ? 91  SER A OG  1 
ATOM   682 N N   . GLU A 1 92  ? -6.376  8.954   16.792  1.00 62.74  ? 92  GLU A N   1 
ATOM   683 C CA  . GLU A 1 92  ? -7.272  10.102  16.656  1.00 61.90  ? 92  GLU A CA  1 
ATOM   684 C C   . GLU A 1 92  ? -7.767  10.228  15.235  1.00 57.37  ? 92  GLU A C   1 
ATOM   685 O O   . GLU A 1 92  ? -8.930  10.570  14.991  1.00 57.48  ? 92  GLU A O   1 
ATOM   686 C CB  . GLU A 1 92  ? -6.616  11.404  17.121  1.00 66.03  ? 92  GLU A CB  1 
ATOM   687 C CG  . GLU A 1 92  ? -7.051  11.810  18.526  1.00 72.10  ? 92  GLU A CG  1 
ATOM   688 C CD  . GLU A 1 92  ? -8.487  12.325  18.582  1.00 79.45  ? 92  GLU A CD  1 
ATOM   689 O OE1 . GLU A 1 92  ? -8.972  12.881  17.565  1.00 77.49  ? 92  GLU A OE1 1 
ATOM   690 O OE2 . GLU A 1 92  ? -9.136  12.183  19.648  1.00 84.54  ? 92  GLU A OE2 1 
ATOM   691 N N   . GLN A 1 93  ? -6.883  9.913   14.299  1.00 53.13  ? 93  GLN A N   1 
ATOM   692 C CA  . GLN A 1 93  ? -7.243  9.847   12.902  1.00 52.46  ? 93  GLN A CA  1 
ATOM   693 C C   . GLN A 1 93  ? -8.323  8.776   12.642  1.00 51.16  ? 93  GLN A C   1 
ATOM   694 O O   . GLN A 1 93  ? -9.276  9.029   11.915  1.00 51.78  ? 93  GLN A O   1 
ATOM   695 C CB  . GLN A 1 93  ? -5.990  9.624   12.063  1.00 54.29  ? 93  GLN A CB  1 
ATOM   696 C CG  . GLN A 1 93  ? -6.189  9.876   10.582  1.00 59.51  ? 93  GLN A CG  1 
ATOM   697 C CD  . GLN A 1 93  ? -6.213  11.334  10.179  1.00 59.90  ? 93  GLN A CD  1 
ATOM   698 O OE1 . GLN A 1 93  ? -5.453  12.156  10.700  1.00 60.61  ? 93  GLN A OE1 1 
ATOM   699 N NE2 . GLN A 1 93  ? -7.081  11.658  9.220   1.00 60.57  ? 93  GLN A NE2 1 
ATOM   700 N N   . ALA A 1 94  ? -8.182  7.606   13.264  1.00 51.26  ? 94  ALA A N   1 
ATOM   701 C CA  . ALA A 1 94  ? -9.194  6.545   13.204  1.00 49.96  ? 94  ALA A CA  1 
ATOM   702 C C   . ALA A 1 94  ? -10.508 6.943   13.886  1.00 52.18  ? 94  ALA A C   1 
ATOM   703 O O   . ALA A 1 94  ? -11.595 6.628   13.375  1.00 55.22  ? 94  ALA A O   1 
ATOM   704 C CB  . ALA A 1 94  ? -8.652  5.257   13.804  1.00 47.98  ? 94  ALA A CB  1 
ATOM   705 N N   . LYS A 1 95  ? -10.405 7.636   15.027  1.00 52.11  ? 95  LYS A N   1 
ATOM   706 C CA  . LYS A 1 95  ? -11.569 8.132   15.773  1.00 50.83  ? 95  LYS A CA  1 
ATOM   707 C C   . LYS A 1 95  ? -12.401 9.065   14.896  1.00 51.69  ? 95  LYS A C   1 
ATOM   708 O O   . LYS A 1 95  ? -13.639 9.005   14.894  1.00 50.15  ? 95  LYS A O   1 
ATOM   709 C CB  . LYS A 1 95  ? -11.144 8.856   17.052  1.00 50.01  ? 95  LYS A CB  1 
ATOM   710 C CG  . LYS A 1 95  ? -12.238 8.873   18.107  1.00 52.75  ? 95  LYS A CG  1 
ATOM   711 C CD  . LYS A 1 95  ? -12.065 9.971   19.140  1.00 56.84  ? 95  LYS A CD  1 
ATOM   712 C CE  . LYS A 1 95  ? -11.208 9.553   20.324  1.00 61.68  ? 95  LYS A CE  1 
ATOM   713 N NZ  . LYS A 1 95  ? -11.067 10.672  21.297  1.00 66.57  ? 95  LYS A NZ  1 
ATOM   714 N N   . PHE A 1 96  ? -11.692 9.913   14.153  1.00 50.87  ? 96  PHE A N   1 
ATOM   715 C CA  . PHE A 1 96  ? -12.275 10.805  13.171  1.00 50.89  ? 96  PHE A CA  1 
ATOM   716 C C   . PHE A 1 96  ? -13.078 10.035  12.122  1.00 52.16  ? 96  PHE A C   1 
ATOM   717 O O   . PHE A 1 96  ? -14.242 10.366  11.864  1.00 54.04  ? 96  PHE A O   1 
ATOM   718 C CB  . PHE A 1 96  ? -11.159 11.637  12.535  1.00 50.34  ? 96  PHE A CB  1 
ATOM   719 C CG  . PHE A 1 96  ? -11.575 12.419  11.322  1.00 50.95  ? 96  PHE A CG  1 
ATOM   720 C CD1 . PHE A 1 96  ? -12.093 13.700  11.449  1.00 50.92  ? 96  PHE A CD1 1 
ATOM   721 C CD2 . PHE A 1 96  ? -11.401 11.891  10.039  1.00 51.48  ? 96  PHE A CD2 1 
ATOM   722 C CE1 . PHE A 1 96  ? -12.455 14.430  10.325  1.00 51.74  ? 96  PHE A CE1 1 
ATOM   723 C CE2 . PHE A 1 96  ? -11.768 12.615  8.912   1.00 51.14  ? 96  PHE A CE2 1 
ATOM   724 C CZ  . PHE A 1 96  ? -12.298 13.889  9.057   1.00 50.70  ? 96  PHE A CZ  1 
ATOM   725 N N   . TRP A 1 97  ? -12.463 9.013   11.527  1.00 51.33  ? 97  TRP A N   1 
ATOM   726 C CA  . TRP A 1 97  ? -13.118 8.273   10.454  1.00 48.88  ? 97  TRP A CA  1 
ATOM   727 C C   . TRP A 1 97  ? -14.342 7.520   10.942  1.00 49.28  ? 97  TRP A C   1 
ATOM   728 O O   . TRP A 1 97  ? -15.375 7.564   10.294  1.00 51.59  ? 97  TRP A O   1 
ATOM   729 C CB  . TRP A 1 97  ? -12.139 7.401   9.665   1.00 47.75  ? 97  TRP A CB  1 
ATOM   730 C CG  . TRP A 1 97  ? -11.307 8.250   8.759   1.00 49.07  ? 97  TRP A CG  1 
ATOM   731 C CD1 . TRP A 1 97  ? -10.000 8.621   8.944   1.00 49.11  ? 97  TRP A CD1 1 
ATOM   732 C CD2 . TRP A 1 97  ? -11.740 8.907   7.555   1.00 49.98  ? 97  TRP A CD2 1 
ATOM   733 N NE1 . TRP A 1 97  ? -9.586  9.448   7.926   1.00 47.78  ? 97  TRP A NE1 1 
ATOM   734 C CE2 . TRP A 1 97  ? -10.628 9.642   7.057   1.00 48.65  ? 97  TRP A CE2 1 
ATOM   735 C CE3 . TRP A 1 97  ? -12.956 8.935   6.838   1.00 49.56  ? 97  TRP A CE3 1 
ATOM   736 C CZ2 . TRP A 1 97  ? -10.691 10.393  5.864   1.00 47.93  ? 97  TRP A CZ2 1 
ATOM   737 C CZ3 . TRP A 1 97  ? -13.022 9.693   5.654   1.00 46.86  ? 97  TRP A CZ3 1 
ATOM   738 C CH2 . TRP A 1 97  ? -11.892 10.410  5.184   1.00 47.63  ? 97  TRP A CH2 1 
ATOM   739 N N   . LEU A 1 98  ? -14.251 6.887   12.105  1.00 49.90  ? 98  LEU A N   1 
ATOM   740 C CA  . LEU A 1 98  ? -15.421 6.220   12.675  1.00 50.88  ? 98  LEU A CA  1 
ATOM   741 C C   . LEU A 1 98  ? -16.559 7.178   13.066  1.00 51.48  ? 98  LEU A C   1 
ATOM   742 O O   . LEU A 1 98  ? -17.734 6.818   12.947  1.00 49.84  ? 98  LEU A O   1 
ATOM   743 C CB  . LEU A 1 98  ? -15.023 5.310   13.832  1.00 49.94  ? 98  LEU A CB  1 
ATOM   744 C CG  . LEU A 1 98  ? -14.221 4.076   13.402  1.00 52.90  ? 98  LEU A CG  1 
ATOM   745 C CD1 . LEU A 1 98  ? -13.829 3.281   14.639  1.00 56.05  ? 98  LEU A CD1 1 
ATOM   746 C CD2 . LEU A 1 98  ? -14.957 3.185   12.405  1.00 48.62  ? 98  LEU A CD2 1 
ATOM   747 N N   . GLY A 1 99  ? -16.189 8.388   13.500  1.00 53.51  ? 99  GLY A N   1 
ATOM   748 C CA  . GLY A 1 99  ? -17.127 9.475   13.798  1.00 53.14  ? 99  GLY A CA  1 
ATOM   749 C C   . GLY A 1 99  ? -17.962 9.895   12.600  1.00 54.37  ? 99  GLY A C   1 
ATOM   750 O O   . GLY A 1 99  ? -19.193 9.954   12.694  1.00 56.07  ? 99  GLY A O   1 
ATOM   751 N N   . LEU A 1 100 ? -17.292 10.168  11.476  1.00 53.46  ? 100 LEU A N   1 
ATOM   752 C CA  . LEU A 1 100 ? -17.949 10.528  10.212  1.00 54.43  ? 100 LEU A CA  1 
ATOM   753 C C   . LEU A 1 100 ? -18.925 9.479   9.691   1.00 59.77  ? 100 LEU A C   1 
ATOM   754 O O   . LEU A 1 100 ? -19.919 9.821   9.030   1.00 61.76  ? 100 LEU A O   1 
ATOM   755 C CB  . LEU A 1 100 ? -16.912 10.778  9.125   1.00 52.95  ? 100 LEU A CB  1 
ATOM   756 C CG  . LEU A 1 100 ? -16.091 12.058  9.083   1.00 52.36  ? 100 LEU A CG  1 
ATOM   757 C CD1 . LEU A 1 100 ? -15.265 12.008  7.816   1.00 51.41  ? 100 LEU A CD1 1 
ATOM   758 C CD2 . LEU A 1 100 ? -16.965 13.302  9.089   1.00 53.57  ? 100 LEU A CD2 1 
ATOM   759 N N   . GLY A 1 101 ? -18.623 8.213   9.982   1.00 62.02  ? 101 GLY A N   1 
ATOM   760 C CA  . GLY A 1 101 ? -19.439 7.079   9.573   1.00 65.01  ? 101 GLY A CA  1 
ATOM   761 C C   . GLY A 1 101 ? -20.804 7.011   10.223  1.00 72.53  ? 101 GLY A C   1 
ATOM   762 O O   . GLY A 1 101 ? -21.730 6.474   9.623   1.00 79.32  ? 101 GLY A O   1 
ATOM   763 N N   . GLY A 1 102 ? -20.926 7.558   11.438  1.00 76.62  ? 102 GLY A N   1 
ATOM   764 C CA  . GLY A 1 102 ? -22.168 7.526   12.233  1.00 79.81  ? 102 GLY A CA  1 
ATOM   765 C C   . GLY A 1 102 ? -23.388 8.153   11.574  1.00 85.15  ? 102 GLY A C   1 
ATOM   766 O O   . GLY A 1 102 ? -24.525 7.755   11.845  1.00 84.76  ? 102 GLY A O   1 
HETATM 767 O O   . HOH B 2 .   ? 8.629   -4.773  7.900   1.00 47.83  ? 201 HOH A O   1 
HETATM 768 O O   . HOH B 2 .   ? -5.065  -11.525 7.382   1.00 55.35  ? 202 HOH A O   1 
HETATM 769 O O   . HOH B 2 .   ? 12.531  1.786   -14.657 1.00 49.84  ? 203 HOH A O   1 
HETATM 770 O O   . HOH B 2 .   ? -10.071 -10.594 5.703   1.00 65.65  ? 204 HOH A O   1 
HETATM 771 O O   . HOH B 2 .   ? 8.059   -6.148  -8.840  1.00 72.03  ? 205 HOH A O   1 
HETATM 772 O O   . HOH B 2 .   ? -11.733 -3.496  0.390   1.00 68.55  ? 206 HOH A O   1 
HETATM 773 O O   . HOH B 2 .   ? 3.890   3.130   -9.965  1.00 62.21  ? 207 HOH A O   1 
# 
